data_6VSX
# 
_entry.id   6VSX 
# 
_audit_conform.dict_name       mmcif_pdbx.dic 
_audit_conform.dict_version    5.387 
_audit_conform.dict_location   http://mmcif.pdb.org/dictionaries/ascii/mmcif_pdbx.dic 
# 
loop_
_database_2.database_id 
_database_2.database_code 
_database_2.pdbx_database_accession 
_database_2.pdbx_DOI 
PDB   6VSX         pdb_00006vsx 10.2210/pdb6vsx/pdb 
WWPDB D_1000247030 ?            ?                   
# 
loop_
_pdbx_audit_revision_history.ordinal 
_pdbx_audit_revision_history.data_content_type 
_pdbx_audit_revision_history.major_revision 
_pdbx_audit_revision_history.minor_revision 
_pdbx_audit_revision_history.revision_date 
1 'Structure model' 1 0 2020-06-10 
2 'Structure model' 1 1 2021-01-13 
3 'Structure model' 1 2 2024-03-06 
# 
_pdbx_audit_revision_details.ordinal             1 
_pdbx_audit_revision_details.revision_ordinal    1 
_pdbx_audit_revision_details.data_content_type   'Structure model' 
_pdbx_audit_revision_details.provider            repository 
_pdbx_audit_revision_details.type                'Initial release' 
_pdbx_audit_revision_details.description         ? 
_pdbx_audit_revision_details.details             ? 
# 
loop_
_pdbx_audit_revision_group.ordinal 
_pdbx_audit_revision_group.revision_ordinal 
_pdbx_audit_revision_group.data_content_type 
_pdbx_audit_revision_group.group 
1 2 'Structure model' 'Database references' 
2 3 'Structure model' 'Data collection'     
3 3 'Structure model' 'Database references' 
# 
loop_
_pdbx_audit_revision_category.ordinal 
_pdbx_audit_revision_category.revision_ordinal 
_pdbx_audit_revision_category.data_content_type 
_pdbx_audit_revision_category.category 
1 2 'Structure model' citation        
2 2 'Structure model' citation_author 
3 3 'Structure model' chem_comp_atom  
4 3 'Structure model' chem_comp_bond  
5 3 'Structure model' database_2      
# 
loop_
_pdbx_audit_revision_item.ordinal 
_pdbx_audit_revision_item.revision_ordinal 
_pdbx_audit_revision_item.data_content_type 
_pdbx_audit_revision_item.item 
1  2 'Structure model' '_citation.country'                   
2  2 'Structure model' '_citation.journal_abbrev'            
3  2 'Structure model' '_citation.journal_id_CSD'            
4  2 'Structure model' '_citation.journal_id_ISSN'           
5  2 'Structure model' '_citation.journal_volume'            
6  2 'Structure model' '_citation.page_first'                
7  2 'Structure model' '_citation.page_last'                 
8  2 'Structure model' '_citation.pdbx_database_id_DOI'      
9  2 'Structure model' '_citation.pdbx_database_id_PubMed'   
10 2 'Structure model' '_citation.title'                     
11 2 'Structure model' '_citation.year'                      
12 3 'Structure model' '_database_2.pdbx_DOI'                
13 3 'Structure model' '_database_2.pdbx_database_accession' 
# 
_pdbx_database_status.status_code                     REL 
_pdbx_database_status.status_code_sf                  REL 
_pdbx_database_status.status_code_mr                  ? 
_pdbx_database_status.entry_id                        6VSX 
_pdbx_database_status.recvd_initial_deposition_date   2020-02-12 
_pdbx_database_status.SG_entry                        N 
_pdbx_database_status.deposit_site                    RCSB 
_pdbx_database_status.process_site                    RCSB 
_pdbx_database_status.status_code_cs                  ? 
_pdbx_database_status.status_code_nmr_data            ? 
_pdbx_database_status.methods_development_category    ? 
_pdbx_database_status.pdb_format_compatible           Y 
# 
loop_
_audit_author.name 
_audit_author.pdbx_ordinal 
_audit_author.identifier_ORCID 
'Murakami, K.S.' 1 ? 
'Chon, U.'       2 ? 
# 
_citation.abstract                  ? 
_citation.abstract_id_CAS           ? 
_citation.book_id_ISBN              ? 
_citation.book_publisher            ? 
_citation.book_publisher_city       ? 
_citation.book_title                ? 
_citation.coordinate_linkage        ? 
_citation.country                   UK 
_citation.database_id_Medline       ? 
_citation.details                   ? 
_citation.id                        primary 
_citation.journal_abbrev            'Nat Commun' 
_citation.journal_id_ASTM           ? 
_citation.journal_id_CSD            ? 
_citation.journal_id_ISSN           2041-1723 
_citation.journal_full              ? 
_citation.journal_issue             ? 
_citation.journal_volume            11 
_citation.language                  ? 
_citation.page_first                6419 
_citation.page_last                 6419 
_citation.title                     'Mycobacterial HelD is a nucleic acids-clearing factor for RNA polymerase.' 
_citation.year                      2020 
_citation.database_id_CSD           ? 
_citation.pdbx_database_id_DOI      10.1038/s41467-020-20158-4 
_citation.pdbx_database_id_PubMed   33339823 
_citation.unpublished_flag          ? 
# 
loop_
_citation_author.citation_id 
_citation_author.name 
_citation_author.ordinal 
_citation_author.identifier_ORCID 
primary 'Kouba, T.'      1  0000-0001-8173-6930 
primary 
;Koval', T.
;
2  ?                   
primary 'Sudzinova, P.'  3  0000-0003-1005-1998 
primary 'Pospisil, J.'   4  0000-0002-4720-5439 
primary 'Brezovska, B.'  5  ?                   
primary 'Hnilicova, J.'  6  ?                   
primary 'Sanderova, H.'  7  0000-0002-5436-7583 
primary 'Janouskova, M.' 8  ?                   
primary 'Sikova, M.'     9  0000-0001-9244-2604 
primary 'Halada, P.'     10 0000-0002-7229-3450 
primary 'Sykora, M.'     11 0000-0001-8049-0748 
primary 'Barvik, I.'     12 ?                   
primary 'Novacek, J.'    13 ?                   
primary 'Trundova, M.'   14 ?                   
primary 'Duskova, J.'    15 ?                   
primary 'Skalova, T.'    16 0000-0003-3186-2431 
primary 'Chon, U.'       17 ?                   
primary 'Murakami, K.S.' 18 0000-0003-2244-0501 
primary 'Dohnalek, J.'   19 0000-0002-8083-7980 
primary 'Krasny, L.'     20 0000-0002-4120-4347 
# 
loop_
_entity.id 
_entity.type 
_entity.src_method 
_entity.pdbx_description 
_entity.formula_weight 
_entity.pdbx_number_of_molecules 
_entity.pdbx_ec 
_entity.pdbx_mutation 
_entity.pdbx_fragment 
_entity.details 
1 polymer     man 'DNA helicase'  21281.357 1   3.6.4.12 ? ? ? 
2 non-polymer syn 'PHOSPHATE ION' 94.971    1   ?        ? ? ? 
3 water       nat water           18.015    109 ?        ? ? ? 
# 
_entity_poly.entity_id                      1 
_entity_poly.type                           'polypeptide(L)' 
_entity_poly.nstd_linkage                   no 
_entity_poly.nstd_monomer                   no 
_entity_poly.pdbx_seq_one_letter_code       
;MGSSHHHHHHSSGLVPRGSHMRSTRQIVEFTKAMLQDGADIEPFNRSGEMPLVVKTEGHESLCQKLAQEIGRLKKKGHET
IAVICKTAHQCIQAHAHMSEYTDVRLIHKENQPFQKGVCVIPVYLAKGIEFDAVLVYDASEEHYHTEHDRRLLYTACTRA
MHMLAVFYTGEASPFVTAVPPHLYQIAE
;
_entity_poly.pdbx_seq_one_letter_code_can   
;MGSSHHHHHHSSGLVPRGSHMRSTRQIVEFTKAMLQDGADIEPFNRSGEMPLVVKTEGHESLCQKLAQEIGRLKKKGHET
IAVICKTAHQCIQAHAHMSEYTDVRLIHKENQPFQKGVCVIPVYLAKGIEFDAVLVYDASEEHYHTEHDRRLLYTACTRA
MHMLAVFYTGEASPFVTAVPPHLYQIAE
;
_entity_poly.pdbx_strand_id                 A 
_entity_poly.pdbx_target_identifier         ? 
# 
loop_
_pdbx_entity_nonpoly.entity_id 
_pdbx_entity_nonpoly.name 
_pdbx_entity_nonpoly.comp_id 
2 'PHOSPHATE ION' PO4 
3 water           HOH 
# 
loop_
_entity_poly_seq.entity_id 
_entity_poly_seq.num 
_entity_poly_seq.mon_id 
_entity_poly_seq.hetero 
1 1   MET n 
1 2   GLY n 
1 3   SER n 
1 4   SER n 
1 5   HIS n 
1 6   HIS n 
1 7   HIS n 
1 8   HIS n 
1 9   HIS n 
1 10  HIS n 
1 11  SER n 
1 12  SER n 
1 13  GLY n 
1 14  LEU n 
1 15  VAL n 
1 16  PRO n 
1 17  ARG n 
1 18  GLY n 
1 19  SER n 
1 20  HIS n 
1 21  MET n 
1 22  ARG n 
1 23  SER n 
1 24  THR n 
1 25  ARG n 
1 26  GLN n 
1 27  ILE n 
1 28  VAL n 
1 29  GLU n 
1 30  PHE n 
1 31  THR n 
1 32  LYS n 
1 33  ALA n 
1 34  MET n 
1 35  LEU n 
1 36  GLN n 
1 37  ASP n 
1 38  GLY n 
1 39  ALA n 
1 40  ASP n 
1 41  ILE n 
1 42  GLU n 
1 43  PRO n 
1 44  PHE n 
1 45  ASN n 
1 46  ARG n 
1 47  SER n 
1 48  GLY n 
1 49  GLU n 
1 50  MET n 
1 51  PRO n 
1 52  LEU n 
1 53  VAL n 
1 54  VAL n 
1 55  LYS n 
1 56  THR n 
1 57  GLU n 
1 58  GLY n 
1 59  HIS n 
1 60  GLU n 
1 61  SER n 
1 62  LEU n 
1 63  CYS n 
1 64  GLN n 
1 65  LYS n 
1 66  LEU n 
1 67  ALA n 
1 68  GLN n 
1 69  GLU n 
1 70  ILE n 
1 71  GLY n 
1 72  ARG n 
1 73  LEU n 
1 74  LYS n 
1 75  LYS n 
1 76  LYS n 
1 77  GLY n 
1 78  HIS n 
1 79  GLU n 
1 80  THR n 
1 81  ILE n 
1 82  ALA n 
1 83  VAL n 
1 84  ILE n 
1 85  CYS n 
1 86  LYS n 
1 87  THR n 
1 88  ALA n 
1 89  HIS n 
1 90  GLN n 
1 91  CYS n 
1 92  ILE n 
1 93  GLN n 
1 94  ALA n 
1 95  HIS n 
1 96  ALA n 
1 97  HIS n 
1 98  MET n 
1 99  SER n 
1 100 GLU n 
1 101 TYR n 
1 102 THR n 
1 103 ASP n 
1 104 VAL n 
1 105 ARG n 
1 106 LEU n 
1 107 ILE n 
1 108 HIS n 
1 109 LYS n 
1 110 GLU n 
1 111 ASN n 
1 112 GLN n 
1 113 PRO n 
1 114 PHE n 
1 115 GLN n 
1 116 LYS n 
1 117 GLY n 
1 118 VAL n 
1 119 CYS n 
1 120 VAL n 
1 121 ILE n 
1 122 PRO n 
1 123 VAL n 
1 124 TYR n 
1 125 LEU n 
1 126 ALA n 
1 127 LYS n 
1 128 GLY n 
1 129 ILE n 
1 130 GLU n 
1 131 PHE n 
1 132 ASP n 
1 133 ALA n 
1 134 VAL n 
1 135 LEU n 
1 136 VAL n 
1 137 TYR n 
1 138 ASP n 
1 139 ALA n 
1 140 SER n 
1 141 GLU n 
1 142 GLU n 
1 143 HIS n 
1 144 TYR n 
1 145 HIS n 
1 146 THR n 
1 147 GLU n 
1 148 HIS n 
1 149 ASP n 
1 150 ARG n 
1 151 ARG n 
1 152 LEU n 
1 153 LEU n 
1 154 TYR n 
1 155 THR n 
1 156 ALA n 
1 157 CYS n 
1 158 THR n 
1 159 ARG n 
1 160 ALA n 
1 161 MET n 
1 162 HIS n 
1 163 MET n 
1 164 LEU n 
1 165 ALA n 
1 166 VAL n 
1 167 PHE n 
1 168 TYR n 
1 169 THR n 
1 170 GLY n 
1 171 GLU n 
1 172 ALA n 
1 173 SER n 
1 174 PRO n 
1 175 PHE n 
1 176 VAL n 
1 177 THR n 
1 178 ALA n 
1 179 VAL n 
1 180 PRO n 
1 181 PRO n 
1 182 HIS n 
1 183 LEU n 
1 184 TYR n 
1 185 GLN n 
1 186 ILE n 
1 187 ALA n 
1 188 GLU n 
# 
_entity_src_gen.entity_id                          1 
_entity_src_gen.pdbx_src_id                        1 
_entity_src_gen.pdbx_alt_source_flag               sample 
_entity_src_gen.pdbx_seq_type                      'Biological sequence' 
_entity_src_gen.pdbx_beg_seq_num                   1 
_entity_src_gen.pdbx_end_seq_num                   188 
_entity_src_gen.gene_src_common_name               ? 
_entity_src_gen.gene_src_genus                     ? 
_entity_src_gen.pdbx_gene_src_gene                 B4417_3167 
_entity_src_gen.gene_src_species                   ? 
_entity_src_gen.gene_src_strain                    ? 
_entity_src_gen.gene_src_tissue                    ? 
_entity_src_gen.gene_src_tissue_fraction           ? 
_entity_src_gen.gene_src_details                   ? 
_entity_src_gen.pdbx_gene_src_fragment             ? 
_entity_src_gen.pdbx_gene_src_scientific_name      'Bacillus subtilis' 
_entity_src_gen.pdbx_gene_src_ncbi_taxonomy_id     1423 
_entity_src_gen.pdbx_gene_src_variant              ? 
_entity_src_gen.pdbx_gene_src_cell_line            ? 
_entity_src_gen.pdbx_gene_src_atcc                 ? 
_entity_src_gen.pdbx_gene_src_organ                ? 
_entity_src_gen.pdbx_gene_src_organelle            ? 
_entity_src_gen.pdbx_gene_src_cell                 ? 
_entity_src_gen.pdbx_gene_src_cellular_location    ? 
_entity_src_gen.host_org_common_name               ? 
_entity_src_gen.pdbx_host_org_scientific_name      'Escherichia coli' 
_entity_src_gen.pdbx_host_org_ncbi_taxonomy_id     562 
_entity_src_gen.host_org_genus                     ? 
_entity_src_gen.pdbx_host_org_gene                 ? 
_entity_src_gen.pdbx_host_org_organ                ? 
_entity_src_gen.host_org_species                   ? 
_entity_src_gen.pdbx_host_org_tissue               ? 
_entity_src_gen.pdbx_host_org_tissue_fraction      ? 
_entity_src_gen.pdbx_host_org_strain               ? 
_entity_src_gen.pdbx_host_org_variant              ? 
_entity_src_gen.pdbx_host_org_cell_line            ? 
_entity_src_gen.pdbx_host_org_atcc                 ? 
_entity_src_gen.pdbx_host_org_culture_collection   ? 
_entity_src_gen.pdbx_host_org_cell                 ? 
_entity_src_gen.pdbx_host_org_organelle            ? 
_entity_src_gen.pdbx_host_org_cellular_location    ? 
_entity_src_gen.pdbx_host_org_vector_type          ? 
_entity_src_gen.pdbx_host_org_vector               ? 
_entity_src_gen.host_org_details                   ? 
_entity_src_gen.expression_system_id               ? 
_entity_src_gen.plasmid_name                       ? 
_entity_src_gen.plasmid_details                    ? 
_entity_src_gen.pdbx_description                   ? 
# 
loop_
_chem_comp.id 
_chem_comp.type 
_chem_comp.mon_nstd_flag 
_chem_comp.name 
_chem_comp.pdbx_synonyms 
_chem_comp.formula 
_chem_comp.formula_weight 
ALA 'L-peptide linking' y ALANINE         ? 'C3 H7 N O2'     89.093  
ARG 'L-peptide linking' y ARGININE        ? 'C6 H15 N4 O2 1' 175.209 
ASN 'L-peptide linking' y ASPARAGINE      ? 'C4 H8 N2 O3'    132.118 
ASP 'L-peptide linking' y 'ASPARTIC ACID' ? 'C4 H7 N O4'     133.103 
CYS 'L-peptide linking' y CYSTEINE        ? 'C3 H7 N O2 S'   121.158 
GLN 'L-peptide linking' y GLUTAMINE       ? 'C5 H10 N2 O3'   146.144 
GLU 'L-peptide linking' y 'GLUTAMIC ACID' ? 'C5 H9 N O4'     147.129 
GLY 'peptide linking'   y GLYCINE         ? 'C2 H5 N O2'     75.067  
HIS 'L-peptide linking' y HISTIDINE       ? 'C6 H10 N3 O2 1' 156.162 
HOH non-polymer         . WATER           ? 'H2 O'           18.015  
ILE 'L-peptide linking' y ISOLEUCINE      ? 'C6 H13 N O2'    131.173 
LEU 'L-peptide linking' y LEUCINE         ? 'C6 H13 N O2'    131.173 
LYS 'L-peptide linking' y LYSINE          ? 'C6 H15 N2 O2 1' 147.195 
MET 'L-peptide linking' y METHIONINE      ? 'C5 H11 N O2 S'  149.211 
PHE 'L-peptide linking' y PHENYLALANINE   ? 'C9 H11 N O2'    165.189 
PO4 non-polymer         . 'PHOSPHATE ION' ? 'O4 P -3'        94.971  
PRO 'L-peptide linking' y PROLINE         ? 'C5 H9 N O2'     115.130 
SER 'L-peptide linking' y SERINE          ? 'C3 H7 N O3'     105.093 
THR 'L-peptide linking' y THREONINE       ? 'C4 H9 N O3'     119.119 
TYR 'L-peptide linking' y TYROSINE        ? 'C9 H11 N O3'    181.189 
VAL 'L-peptide linking' y VALINE          ? 'C5 H11 N O2'    117.146 
# 
loop_
_pdbx_poly_seq_scheme.asym_id 
_pdbx_poly_seq_scheme.entity_id 
_pdbx_poly_seq_scheme.seq_id 
_pdbx_poly_seq_scheme.mon_id 
_pdbx_poly_seq_scheme.ndb_seq_num 
_pdbx_poly_seq_scheme.pdb_seq_num 
_pdbx_poly_seq_scheme.auth_seq_num 
_pdbx_poly_seq_scheme.pdb_mon_id 
_pdbx_poly_seq_scheme.auth_mon_id 
_pdbx_poly_seq_scheme.pdb_strand_id 
_pdbx_poly_seq_scheme.pdb_ins_code 
_pdbx_poly_seq_scheme.hetero 
A 1 1   MET 1   587 ?   ?   ?   A . n 
A 1 2   GLY 2   588 ?   ?   ?   A . n 
A 1 3   SER 3   589 ?   ?   ?   A . n 
A 1 4   SER 4   590 ?   ?   ?   A . n 
A 1 5   HIS 5   591 ?   ?   ?   A . n 
A 1 6   HIS 6   592 ?   ?   ?   A . n 
A 1 7   HIS 7   593 ?   ?   ?   A . n 
A 1 8   HIS 8   594 ?   ?   ?   A . n 
A 1 9   HIS 9   595 ?   ?   ?   A . n 
A 1 10  HIS 10  596 ?   ?   ?   A . n 
A 1 11  SER 11  597 ?   ?   ?   A . n 
A 1 12  SER 12  598 ?   ?   ?   A . n 
A 1 13  GLY 13  599 ?   ?   ?   A . n 
A 1 14  LEU 14  600 ?   ?   ?   A . n 
A 1 15  VAL 15  601 ?   ?   ?   A . n 
A 1 16  PRO 16  602 ?   ?   ?   A . n 
A 1 17  ARG 17  603 ?   ?   ?   A . n 
A 1 18  GLY 18  604 ?   ?   ?   A . n 
A 1 19  SER 19  605 ?   ?   ?   A . n 
A 1 20  HIS 20  606 ?   ?   ?   A . n 
A 1 21  MET 21  607 ?   ?   ?   A . n 
A 1 22  ARG 22  608 608 ARG ARG A . n 
A 1 23  SER 23  609 609 SER SER A . n 
A 1 24  THR 24  610 610 THR THR A . n 
A 1 25  ARG 25  611 611 ARG ARG A . n 
A 1 26  GLN 26  612 612 GLN GLN A . n 
A 1 27  ILE 27  613 613 ILE ILE A . n 
A 1 28  VAL 28  614 614 VAL VAL A . n 
A 1 29  GLU 29  615 615 GLU GLU A . n 
A 1 30  PHE 30  616 616 PHE PHE A . n 
A 1 31  THR 31  617 617 THR THR A . n 
A 1 32  LYS 32  618 618 LYS LYS A . n 
A 1 33  ALA 33  619 619 ALA ALA A . n 
A 1 34  MET 34  620 620 MET MET A . n 
A 1 35  LEU 35  621 621 LEU LEU A . n 
A 1 36  GLN 36  622 622 GLN GLN A . n 
A 1 37  ASP 37  623 623 ASP ASP A . n 
A 1 38  GLY 38  624 ?   ?   ?   A . n 
A 1 39  ALA 39  625 ?   ?   ?   A . n 
A 1 40  ASP 40  626 ?   ?   ?   A . n 
A 1 41  ILE 41  627 ?   ?   ?   A . n 
A 1 42  GLU 42  628 ?   ?   ?   A . n 
A 1 43  PRO 43  629 ?   ?   ?   A . n 
A 1 44  PHE 44  630 ?   ?   ?   A . n 
A 1 45  ASN 45  631 631 ASN ASN A . n 
A 1 46  ARG 46  632 632 ARG ARG A . n 
A 1 47  SER 47  633 633 SER SER A . n 
A 1 48  GLY 48  634 634 GLY GLY A . n 
A 1 49  GLU 49  635 635 GLU GLU A . n 
A 1 50  MET 50  636 636 MET MET A . n 
A 1 51  PRO 51  637 637 PRO PRO A . n 
A 1 52  LEU 52  638 638 LEU LEU A . n 
A 1 53  VAL 53  639 639 VAL VAL A . n 
A 1 54  VAL 54  640 640 VAL VAL A . n 
A 1 55  LYS 55  641 641 LYS LYS A . n 
A 1 56  THR 56  642 642 THR THR A . n 
A 1 57  GLU 57  643 643 GLU GLU A . n 
A 1 58  GLY 58  644 644 GLY GLY A . n 
A 1 59  HIS 59  645 645 HIS HIS A . n 
A 1 60  GLU 60  646 646 GLU GLU A . n 
A 1 61  SER 61  647 647 SER SER A . n 
A 1 62  LEU 62  648 648 LEU LEU A . n 
A 1 63  CYS 63  649 649 CYS CYS A . n 
A 1 64  GLN 64  650 650 GLN GLN A . n 
A 1 65  LYS 65  651 651 LYS LYS A . n 
A 1 66  LEU 66  652 652 LEU LEU A . n 
A 1 67  ALA 67  653 653 ALA ALA A . n 
A 1 68  GLN 68  654 654 GLN GLN A . n 
A 1 69  GLU 69  655 655 GLU GLU A . n 
A 1 70  ILE 70  656 656 ILE ILE A . n 
A 1 71  GLY 71  657 657 GLY GLY A . n 
A 1 72  ARG 72  658 658 ARG ARG A . n 
A 1 73  LEU 73  659 659 LEU LEU A . n 
A 1 74  LYS 74  660 660 LYS LYS A . n 
A 1 75  LYS 75  661 661 LYS LYS A . n 
A 1 76  LYS 76  662 662 LYS LYS A . n 
A 1 77  GLY 77  663 663 GLY GLY A . n 
A 1 78  HIS 78  664 664 HIS HIS A . n 
A 1 79  GLU 79  665 665 GLU GLU A . n 
A 1 80  THR 80  666 666 THR THR A . n 
A 1 81  ILE 81  667 667 ILE ILE A . n 
A 1 82  ALA 82  668 668 ALA ALA A . n 
A 1 83  VAL 83  669 669 VAL VAL A . n 
A 1 84  ILE 84  670 670 ILE ILE A . n 
A 1 85  CYS 85  671 671 CYS CYS A . n 
A 1 86  LYS 86  672 672 LYS LYS A . n 
A 1 87  THR 87  673 673 THR THR A . n 
A 1 88  ALA 88  674 674 ALA ALA A . n 
A 1 89  HIS 89  675 675 HIS HIS A . n 
A 1 90  GLN 90  676 676 GLN GLN A . n 
A 1 91  CYS 91  677 677 CYS CYS A . n 
A 1 92  ILE 92  678 678 ILE ILE A . n 
A 1 93  GLN 93  679 679 GLN GLN A . n 
A 1 94  ALA 94  680 680 ALA ALA A . n 
A 1 95  HIS 95  681 681 HIS HIS A . n 
A 1 96  ALA 96  682 682 ALA ALA A . n 
A 1 97  HIS 97  683 683 HIS HIS A . n 
A 1 98  MET 98  684 684 MET MET A . n 
A 1 99  SER 99  685 685 SER SER A . n 
A 1 100 GLU 100 686 686 GLU GLU A . n 
A 1 101 TYR 101 687 687 TYR TYR A . n 
A 1 102 THR 102 688 688 THR THR A . n 
A 1 103 ASP 103 689 689 ASP ASP A . n 
A 1 104 VAL 104 690 690 VAL VAL A . n 
A 1 105 ARG 105 691 691 ARG ARG A . n 
A 1 106 LEU 106 692 692 LEU LEU A . n 
A 1 107 ILE 107 693 693 ILE ILE A . n 
A 1 108 HIS 108 694 694 HIS HIS A . n 
A 1 109 LYS 109 695 695 LYS LYS A . n 
A 1 110 GLU 110 696 696 GLU GLU A . n 
A 1 111 ASN 111 697 697 ASN ASN A . n 
A 1 112 GLN 112 698 698 GLN GLN A . n 
A 1 113 PRO 113 699 699 PRO PRO A . n 
A 1 114 PHE 114 700 700 PHE PHE A . n 
A 1 115 GLN 115 701 701 GLN GLN A . n 
A 1 116 LYS 116 702 702 LYS LYS A . n 
A 1 117 GLY 117 703 703 GLY GLY A . n 
A 1 118 VAL 118 704 704 VAL VAL A . n 
A 1 119 CYS 119 705 705 CYS CYS A . n 
A 1 120 VAL 120 706 706 VAL VAL A . n 
A 1 121 ILE 121 707 707 ILE ILE A . n 
A 1 122 PRO 122 708 708 PRO PRO A . n 
A 1 123 VAL 123 709 709 VAL VAL A . n 
A 1 124 TYR 124 710 710 TYR TYR A . n 
A 1 125 LEU 125 711 711 LEU LEU A . n 
A 1 126 ALA 126 712 712 ALA ALA A . n 
A 1 127 LYS 127 713 713 LYS LYS A . n 
A 1 128 GLY 128 714 714 GLY GLY A . n 
A 1 129 ILE 129 715 715 ILE ILE A . n 
A 1 130 GLU 130 716 716 GLU GLU A . n 
A 1 131 PHE 131 717 717 PHE PHE A . n 
A 1 132 ASP 132 718 718 ASP ASP A . n 
A 1 133 ALA 133 719 719 ALA ALA A . n 
A 1 134 VAL 134 720 720 VAL VAL A . n 
A 1 135 LEU 135 721 721 LEU LEU A . n 
A 1 136 VAL 136 722 722 VAL VAL A . n 
A 1 137 TYR 137 723 723 TYR TYR A . n 
A 1 138 ASP 138 724 724 ASP ASP A . n 
A 1 139 ALA 139 725 725 ALA ALA A . n 
A 1 140 SER 140 726 726 SER SER A . n 
A 1 141 GLU 141 727 727 GLU GLU A . n 
A 1 142 GLU 142 728 728 GLU GLU A . n 
A 1 143 HIS 143 729 729 HIS HIS A . n 
A 1 144 TYR 144 730 730 TYR TYR A . n 
A 1 145 HIS 145 731 731 HIS HIS A . n 
A 1 146 THR 146 732 732 THR THR A . n 
A 1 147 GLU 147 733 733 GLU GLU A . n 
A 1 148 HIS 148 734 734 HIS HIS A . n 
A 1 149 ASP 149 735 735 ASP ASP A . n 
A 1 150 ARG 150 736 736 ARG ARG A . n 
A 1 151 ARG 151 737 737 ARG ARG A . n 
A 1 152 LEU 152 738 738 LEU LEU A . n 
A 1 153 LEU 153 739 739 LEU LEU A . n 
A 1 154 TYR 154 740 740 TYR TYR A . n 
A 1 155 THR 155 741 741 THR THR A . n 
A 1 156 ALA 156 742 742 ALA ALA A . n 
A 1 157 CYS 157 743 743 CYS CYS A . n 
A 1 158 THR 158 744 744 THR THR A . n 
A 1 159 ARG 159 745 745 ARG ARG A . n 
A 1 160 ALA 160 746 746 ALA ALA A . n 
A 1 161 MET 161 747 747 MET MET A . n 
A 1 162 HIS 162 748 748 HIS HIS A . n 
A 1 163 MET 163 749 749 MET MET A . n 
A 1 164 LEU 164 750 750 LEU LEU A . n 
A 1 165 ALA 165 751 751 ALA ALA A . n 
A 1 166 VAL 166 752 752 VAL VAL A . n 
A 1 167 PHE 167 753 753 PHE PHE A . n 
A 1 168 TYR 168 754 754 TYR TYR A . n 
A 1 169 THR 169 755 755 THR THR A . n 
A 1 170 GLY 170 756 756 GLY GLY A . n 
A 1 171 GLU 171 757 757 GLU GLU A . n 
A 1 172 ALA 172 758 758 ALA ALA A . n 
A 1 173 SER 173 759 759 SER SER A . n 
A 1 174 PRO 174 760 760 PRO PRO A . n 
A 1 175 PHE 175 761 761 PHE PHE A . n 
A 1 176 VAL 176 762 762 VAL VAL A . n 
A 1 177 THR 177 763 763 THR THR A . n 
A 1 178 ALA 178 764 764 ALA ALA A . n 
A 1 179 VAL 179 765 765 VAL VAL A . n 
A 1 180 PRO 180 766 766 PRO PRO A . n 
A 1 181 PRO 181 767 767 PRO PRO A . n 
A 1 182 HIS 182 768 768 HIS HIS A . n 
A 1 183 LEU 183 769 769 LEU LEU A . n 
A 1 184 TYR 184 770 770 TYR TYR A . n 
A 1 185 GLN 185 771 771 GLN GLN A . n 
A 1 186 ILE 186 772 772 ILE ILE A . n 
A 1 187 ALA 187 773 773 ALA ALA A . n 
A 1 188 GLU 188 774 ?   ?   ?   A . n 
# 
loop_
_pdbx_nonpoly_scheme.asym_id 
_pdbx_nonpoly_scheme.entity_id 
_pdbx_nonpoly_scheme.mon_id 
_pdbx_nonpoly_scheme.ndb_seq_num 
_pdbx_nonpoly_scheme.pdb_seq_num 
_pdbx_nonpoly_scheme.auth_seq_num 
_pdbx_nonpoly_scheme.pdb_mon_id 
_pdbx_nonpoly_scheme.auth_mon_id 
_pdbx_nonpoly_scheme.pdb_strand_id 
_pdbx_nonpoly_scheme.pdb_ins_code 
B 2 PO4 1   801  1   PO4 PO4 A . 
C 3 HOH 1   901  91  HOH HOH A . 
C 3 HOH 2   902  73  HOH HOH A . 
C 3 HOH 3   903  75  HOH HOH A . 
C 3 HOH 4   904  67  HOH HOH A . 
C 3 HOH 5   905  101 HOH HOH A . 
C 3 HOH 6   906  9   HOH HOH A . 
C 3 HOH 7   907  1   HOH HOH A . 
C 3 HOH 8   908  47  HOH HOH A . 
C 3 HOH 9   909  77  HOH HOH A . 
C 3 HOH 10  910  30  HOH HOH A . 
C 3 HOH 11  911  24  HOH HOH A . 
C 3 HOH 12  912  63  HOH HOH A . 
C 3 HOH 13  913  78  HOH HOH A . 
C 3 HOH 14  914  17  HOH HOH A . 
C 3 HOH 15  915  3   HOH HOH A . 
C 3 HOH 16  916  13  HOH HOH A . 
C 3 HOH 17  917  48  HOH HOH A . 
C 3 HOH 18  918  53  HOH HOH A . 
C 3 HOH 19  919  4   HOH HOH A . 
C 3 HOH 20  920  55  HOH HOH A . 
C 3 HOH 21  921  60  HOH HOH A . 
C 3 HOH 22  922  16  HOH HOH A . 
C 3 HOH 23  923  59  HOH HOH A . 
C 3 HOH 24  924  15  HOH HOH A . 
C 3 HOH 25  925  11  HOH HOH A . 
C 3 HOH 26  926  65  HOH HOH A . 
C 3 HOH 27  927  14  HOH HOH A . 
C 3 HOH 28  928  28  HOH HOH A . 
C 3 HOH 29  929  7   HOH HOH A . 
C 3 HOH 30  930  109 HOH HOH A . 
C 3 HOH 31  931  82  HOH HOH A . 
C 3 HOH 32  932  95  HOH HOH A . 
C 3 HOH 33  933  6   HOH HOH A . 
C 3 HOH 34  934  18  HOH HOH A . 
C 3 HOH 35  935  83  HOH HOH A . 
C 3 HOH 36  936  8   HOH HOH A . 
C 3 HOH 37  937  102 HOH HOH A . 
C 3 HOH 38  938  49  HOH HOH A . 
C 3 HOH 39  939  104 HOH HOH A . 
C 3 HOH 40  940  39  HOH HOH A . 
C 3 HOH 41  941  56  HOH HOH A . 
C 3 HOH 42  942  2   HOH HOH A . 
C 3 HOH 43  943  86  HOH HOH A . 
C 3 HOH 44  944  90  HOH HOH A . 
C 3 HOH 45  945  35  HOH HOH A . 
C 3 HOH 46  946  42  HOH HOH A . 
C 3 HOH 47  947  93  HOH HOH A . 
C 3 HOH 48  948  21  HOH HOH A . 
C 3 HOH 49  949  108 HOH HOH A . 
C 3 HOH 50  950  64  HOH HOH A . 
C 3 HOH 51  951  38  HOH HOH A . 
C 3 HOH 52  952  99  HOH HOH A . 
C 3 HOH 53  953  100 HOH HOH A . 
C 3 HOH 54  954  105 HOH HOH A . 
C 3 HOH 55  955  34  HOH HOH A . 
C 3 HOH 56  956  31  HOH HOH A . 
C 3 HOH 57  957  70  HOH HOH A . 
C 3 HOH 58  958  72  HOH HOH A . 
C 3 HOH 59  959  22  HOH HOH A . 
C 3 HOH 60  960  5   HOH HOH A . 
C 3 HOH 61  961  58  HOH HOH A . 
C 3 HOH 62  962  10  HOH HOH A . 
C 3 HOH 63  963  19  HOH HOH A . 
C 3 HOH 64  964  61  HOH HOH A . 
C 3 HOH 65  965  26  HOH HOH A . 
C 3 HOH 66  966  44  HOH HOH A . 
C 3 HOH 67  967  54  HOH HOH A . 
C 3 HOH 68  968  43  HOH HOH A . 
C 3 HOH 69  969  27  HOH HOH A . 
C 3 HOH 70  970  25  HOH HOH A . 
C 3 HOH 71  971  81  HOH HOH A . 
C 3 HOH 72  972  33  HOH HOH A . 
C 3 HOH 73  973  37  HOH HOH A . 
C 3 HOH 74  974  32  HOH HOH A . 
C 3 HOH 75  975  46  HOH HOH A . 
C 3 HOH 76  976  23  HOH HOH A . 
C 3 HOH 77  977  36  HOH HOH A . 
C 3 HOH 78  978  68  HOH HOH A . 
C 3 HOH 79  979  94  HOH HOH A . 
C 3 HOH 80  980  29  HOH HOH A . 
C 3 HOH 81  981  20  HOH HOH A . 
C 3 HOH 82  982  41  HOH HOH A . 
C 3 HOH 83  983  103 HOH HOH A . 
C 3 HOH 84  984  107 HOH HOH A . 
C 3 HOH 85  985  51  HOH HOH A . 
C 3 HOH 86  986  52  HOH HOH A . 
C 3 HOH 87  987  88  HOH HOH A . 
C 3 HOH 88  988  106 HOH HOH A . 
C 3 HOH 89  989  50  HOH HOH A . 
C 3 HOH 90  990  98  HOH HOH A . 
C 3 HOH 91  991  89  HOH HOH A . 
C 3 HOH 92  992  97  HOH HOH A . 
C 3 HOH 93  993  87  HOH HOH A . 
C 3 HOH 94  994  12  HOH HOH A . 
C 3 HOH 95  995  57  HOH HOH A . 
C 3 HOH 96  996  76  HOH HOH A . 
C 3 HOH 97  997  80  HOH HOH A . 
C 3 HOH 98  998  92  HOH HOH A . 
C 3 HOH 99  999  74  HOH HOH A . 
C 3 HOH 100 1000 85  HOH HOH A . 
C 3 HOH 101 1001 84  HOH HOH A . 
C 3 HOH 102 1002 66  HOH HOH A . 
C 3 HOH 103 1003 40  HOH HOH A . 
C 3 HOH 104 1004 45  HOH HOH A . 
C 3 HOH 105 1005 96  HOH HOH A . 
C 3 HOH 106 1006 62  HOH HOH A . 
C 3 HOH 107 1007 71  HOH HOH A . 
C 3 HOH 108 1008 69  HOH HOH A . 
C 3 HOH 109 1009 79  HOH HOH A . 
# 
loop_
_software.citation_id 
_software.classification 
_software.compiler_name 
_software.compiler_version 
_software.contact_author 
_software.contact_author_email 
_software.date 
_software.description 
_software.dependencies 
_software.hardware 
_software.language 
_software.location 
_software.mods 
_software.name 
_software.os 
_software.os_version 
_software.type 
_software.version 
_software.pdbx_ordinal 
? refinement       ? ? ? ? ? ? ? ? ? ? ? PHENIX   ? ? ? 1.17.1_3660 1 
? 'data reduction' ? ? ? ? ? ? ? ? ? ? ? HKL-2000 ? ? ? .           2 
? 'data scaling'   ? ? ? ? ? ? ? ? ? ? ? HKL-2000 ? ? ? .           3 
? phasing          ? ? ? ? ? ? ? ? ? ? ? PHENIX   ? ? ? 1.17.1_3660 4 
? 'model building' ? ? ? ? ? ? ? ? ? ? ? PHENIX   ? ? ? 1.17.1_3660 5 
# 
_cell.angle_alpha                  90.000 
_cell.angle_alpha_esd              ? 
_cell.angle_beta                   101.448 
_cell.angle_beta_esd               ? 
_cell.angle_gamma                  90.000 
_cell.angle_gamma_esd              ? 
_cell.entry_id                     6VSX 
_cell.details                      ? 
_cell.formula_units_Z              ? 
_cell.length_a                     106.963 
_cell.length_a_esd                 ? 
_cell.length_b                     38.813 
_cell.length_b_esd                 ? 
_cell.length_c                     44.427 
_cell.length_c_esd                 ? 
_cell.volume                       180771.719 
_cell.volume_esd                   ? 
_cell.Z_PDB                        4 
_cell.reciprocal_angle_alpha       ? 
_cell.reciprocal_angle_beta        ? 
_cell.reciprocal_angle_gamma       ? 
_cell.reciprocal_angle_alpha_esd   ? 
_cell.reciprocal_angle_beta_esd    ? 
_cell.reciprocal_angle_gamma_esd   ? 
_cell.reciprocal_length_a          ? 
_cell.reciprocal_length_b          ? 
_cell.reciprocal_length_c          ? 
_cell.reciprocal_length_a_esd      ? 
_cell.reciprocal_length_b_esd      ? 
_cell.reciprocal_length_c_esd      ? 
_cell.pdbx_unique_axis             ? 
# 
_symmetry.entry_id                         6VSX 
_symmetry.cell_setting                     ? 
_symmetry.Int_Tables_number                5 
_symmetry.space_group_name_Hall            'C 2y' 
_symmetry.space_group_name_H-M             'C 1 2 1' 
_symmetry.pdbx_full_space_group_name_H-M   ? 
# 
_exptl.absorpt_coefficient_mu     ? 
_exptl.absorpt_correction_T_max   ? 
_exptl.absorpt_correction_T_min   ? 
_exptl.absorpt_correction_type    ? 
_exptl.absorpt_process_details    ? 
_exptl.entry_id                   6VSX 
_exptl.crystals_number            1 
_exptl.details                    ? 
_exptl.method                     'X-RAY DIFFRACTION' 
_exptl.method_details             ? 
# 
_exptl_crystal.colour                      ? 
_exptl_crystal.density_diffrn              ? 
_exptl_crystal.density_Matthews            2.12 
_exptl_crystal.density_method              ? 
_exptl_crystal.density_percent_sol         42.08 
_exptl_crystal.description                 ? 
_exptl_crystal.F_000                       ? 
_exptl_crystal.id                          1 
_exptl_crystal.preparation                 ? 
_exptl_crystal.size_max                    ? 
_exptl_crystal.size_mid                    ? 
_exptl_crystal.size_min                    ? 
_exptl_crystal.size_rad                    ? 
_exptl_crystal.colour_lustre               ? 
_exptl_crystal.colour_modifier             ? 
_exptl_crystal.colour_primary              ? 
_exptl_crystal.density_meas                ? 
_exptl_crystal.density_meas_esd            ? 
_exptl_crystal.density_meas_gt             ? 
_exptl_crystal.density_meas_lt             ? 
_exptl_crystal.density_meas_temp           ? 
_exptl_crystal.density_meas_temp_esd       ? 
_exptl_crystal.density_meas_temp_gt        ? 
_exptl_crystal.density_meas_temp_lt        ? 
_exptl_crystal.pdbx_crystal_image_url      ? 
_exptl_crystal.pdbx_crystal_image_format   ? 
_exptl_crystal.pdbx_mosaicity              ? 
_exptl_crystal.pdbx_mosaicity_esd          ? 
# 
_exptl_crystal_grow.apparatus       ? 
_exptl_crystal_grow.atmosphere      ? 
_exptl_crystal_grow.crystal_id      1 
_exptl_crystal_grow.details         ? 
_exptl_crystal_grow.method          'VAPOR DIFFUSION' 
_exptl_crystal_grow.method_ref      ? 
_exptl_crystal_grow.pH              6.2 
_exptl_crystal_grow.pressure        ? 
_exptl_crystal_grow.pressure_esd    ? 
_exptl_crystal_grow.seeding         ? 
_exptl_crystal_grow.seeding_ref     ? 
_exptl_crystal_grow.temp            300 
_exptl_crystal_grow.temp_details    ? 
_exptl_crystal_grow.temp_esd        ? 
_exptl_crystal_grow.time            ? 
_exptl_crystal_grow.pdbx_details    '0.1M Na/K phosphate, pH 6.2, 0.2 M NaCl, 50 % PEG200' 
_exptl_crystal_grow.pdbx_pH_range   ? 
# 
_diffrn.ambient_environment              ? 
_diffrn.ambient_temp                     100 
_diffrn.ambient_temp_details             ? 
_diffrn.ambient_temp_esd                 ? 
_diffrn.crystal_id                       1 
_diffrn.crystal_support                  ? 
_diffrn.crystal_treatment                ? 
_diffrn.details                          ? 
_diffrn.id                               1 
_diffrn.ambient_pressure                 ? 
_diffrn.ambient_pressure_esd             ? 
_diffrn.ambient_pressure_gt              ? 
_diffrn.ambient_pressure_lt              ? 
_diffrn.ambient_temp_gt                  ? 
_diffrn.ambient_temp_lt                  ? 
_diffrn.pdbx_serial_crystal_experiment   N 
# 
_diffrn_detector.details                      ? 
_diffrn_detector.detector                     CCD 
_diffrn_detector.diffrn_id                    1 
_diffrn_detector.type                         'RIGAKU SATURN 944+' 
_diffrn_detector.area_resol_mean              ? 
_diffrn_detector.dtime                        ? 
_diffrn_detector.pdbx_frames_total            ? 
_diffrn_detector.pdbx_collection_time_total   ? 
_diffrn_detector.pdbx_collection_date         2016-05-02 
_diffrn_detector.pdbx_frequency               ? 
# 
_diffrn_radiation.collimation                      ? 
_diffrn_radiation.diffrn_id                        1 
_diffrn_radiation.filter_edge                      ? 
_diffrn_radiation.inhomogeneity                    ? 
_diffrn_radiation.monochromator                    ? 
_diffrn_radiation.polarisn_norm                    ? 
_diffrn_radiation.polarisn_ratio                   ? 
_diffrn_radiation.probe                            ? 
_diffrn_radiation.type                             ? 
_diffrn_radiation.xray_symbol                      ? 
_diffrn_radiation.wavelength_id                    1 
_diffrn_radiation.pdbx_monochromatic_or_laue_m_l   M 
_diffrn_radiation.pdbx_wavelength_list             ? 
_diffrn_radiation.pdbx_wavelength                  ? 
_diffrn_radiation.pdbx_diffrn_protocol             'SINGLE WAVELENGTH' 
_diffrn_radiation.pdbx_analyzer                    ? 
_diffrn_radiation.pdbx_scattering_type             x-ray 
# 
_diffrn_radiation_wavelength.id           1 
_diffrn_radiation_wavelength.wavelength   1.5414 
_diffrn_radiation_wavelength.wt           1.0 
# 
_diffrn_source.current                     ? 
_diffrn_source.details                     ? 
_diffrn_source.diffrn_id                   1 
_diffrn_source.power                       ? 
_diffrn_source.size                        ? 
_diffrn_source.source                      'ROTATING ANODE' 
_diffrn_source.target                      ? 
_diffrn_source.type                        'RIGAKU MICROMAX-007' 
_diffrn_source.voltage                     ? 
_diffrn_source.take-off_angle              ? 
_diffrn_source.pdbx_wavelength_list        1.5414 
_diffrn_source.pdbx_wavelength             ? 
_diffrn_source.pdbx_synchrotron_beamline   ? 
_diffrn_source.pdbx_synchrotron_site       ? 
# 
_reflns.B_iso_Wilson_estimate            21.97 
_reflns.entry_id                         6VSX 
_reflns.data_reduction_details           ? 
_reflns.data_reduction_method            ? 
_reflns.d_resolution_high                2.0 
_reflns.d_resolution_low                 24.73 
_reflns.details                          ? 
_reflns.limit_h_max                      ? 
_reflns.limit_h_min                      ? 
_reflns.limit_k_max                      ? 
_reflns.limit_k_min                      ? 
_reflns.limit_l_max                      ? 
_reflns.limit_l_min                      ? 
_reflns.number_all                       ? 
_reflns.number_obs                       11905 
_reflns.observed_criterion               ? 
_reflns.observed_criterion_F_max         ? 
_reflns.observed_criterion_F_min         ? 
_reflns.observed_criterion_I_max         ? 
_reflns.observed_criterion_I_min         ? 
_reflns.observed_criterion_sigma_F       ? 
_reflns.observed_criterion_sigma_I       ? 
_reflns.percent_possible_obs             96.7 
_reflns.R_free_details                   ? 
_reflns.Rmerge_F_all                     ? 
_reflns.Rmerge_F_obs                     ? 
_reflns.Friedel_coverage                 ? 
_reflns.number_gt                        ? 
_reflns.threshold_expression             ? 
_reflns.pdbx_redundancy                  20 
_reflns.pdbx_Rmerge_I_obs                0.044 
_reflns.pdbx_Rmerge_I_all                ? 
_reflns.pdbx_Rsym_value                  ? 
_reflns.pdbx_netI_over_av_sigmaI         ? 
_reflns.pdbx_netI_over_sigmaI            60.1 
_reflns.pdbx_res_netI_over_av_sigmaI_2   ? 
_reflns.pdbx_res_netI_over_sigmaI_2      ? 
_reflns.pdbx_chi_squared                 ? 
_reflns.pdbx_scaling_rejects             ? 
_reflns.pdbx_d_res_high_opt              ? 
_reflns.pdbx_d_res_low_opt               ? 
_reflns.pdbx_d_res_opt_method            ? 
_reflns.phase_calculation_details        ? 
_reflns.pdbx_Rrim_I_all                  ? 
_reflns.pdbx_Rpim_I_all                  ? 
_reflns.pdbx_d_opt                       ? 
_reflns.pdbx_number_measured_all         ? 
_reflns.pdbx_diffrn_id                   1 
_reflns.pdbx_ordinal                     1 
_reflns.pdbx_CC_half                     0.991 
_reflns.pdbx_CC_star                     0.998 
_reflns.pdbx_R_split                     ? 
# 
_reflns_shell.d_res_high                  2.00 
_reflns_shell.d_res_low                   2.03 
_reflns_shell.meanI_over_sigI_all         ? 
_reflns_shell.meanI_over_sigI_obs         ? 
_reflns_shell.number_measured_all         ? 
_reflns_shell.number_measured_obs         ? 
_reflns_shell.number_possible             ? 
_reflns_shell.number_unique_all           ? 
_reflns_shell.number_unique_obs           463 
_reflns_shell.percent_possible_all        72.0 
_reflns_shell.percent_possible_obs        ? 
_reflns_shell.Rmerge_F_all                ? 
_reflns_shell.Rmerge_F_obs                ? 
_reflns_shell.Rmerge_I_all                ? 
_reflns_shell.Rmerge_I_obs                0.206 
_reflns_shell.meanI_over_sigI_gt          ? 
_reflns_shell.meanI_over_uI_all           ? 
_reflns_shell.meanI_over_uI_gt            ? 
_reflns_shell.number_measured_gt          ? 
_reflns_shell.number_unique_gt            ? 
_reflns_shell.percent_possible_gt         ? 
_reflns_shell.Rmerge_F_gt                 ? 
_reflns_shell.Rmerge_I_gt                 ? 
_reflns_shell.pdbx_redundancy             ? 
_reflns_shell.pdbx_Rsym_value             ? 
_reflns_shell.pdbx_chi_squared            ? 
_reflns_shell.pdbx_netI_over_sigmaI_all   ? 
_reflns_shell.pdbx_netI_over_sigmaI_obs   ? 
_reflns_shell.pdbx_Rrim_I_all             ? 
_reflns_shell.pdbx_Rpim_I_all             ? 
_reflns_shell.pdbx_rejects                ? 
_reflns_shell.pdbx_ordinal                1 
_reflns_shell.pdbx_diffrn_id              1 
_reflns_shell.pdbx_CC_half                0.991 
_reflns_shell.pdbx_CC_star                0.998 
_reflns_shell.pdbx_R_split                ? 
# 
_refine.aniso_B[1][1]                            ? 
_refine.aniso_B[1][2]                            ? 
_refine.aniso_B[1][3]                            ? 
_refine.aniso_B[2][2]                            ? 
_refine.aniso_B[2][3]                            ? 
_refine.aniso_B[3][3]                            ? 
_refine.B_iso_max                                ? 
_refine.B_iso_mean                               25.23 
_refine.B_iso_min                                ? 
_refine.correlation_coeff_Fo_to_Fc               ? 
_refine.correlation_coeff_Fo_to_Fc_free          ? 
_refine.details                                  ? 
_refine.diff_density_max                         ? 
_refine.diff_density_max_esd                     ? 
_refine.diff_density_min                         ? 
_refine.diff_density_min_esd                     ? 
_refine.diff_density_rms                         ? 
_refine.diff_density_rms_esd                     ? 
_refine.entry_id                                 6VSX 
_refine.pdbx_refine_id                           'X-RAY DIFFRACTION' 
_refine.ls_abs_structure_details                 ? 
_refine.ls_abs_structure_Flack                   ? 
_refine.ls_abs_structure_Flack_esd               ? 
_refine.ls_abs_structure_Rogers                  ? 
_refine.ls_abs_structure_Rogers_esd              ? 
_refine.ls_d_res_high                            2.00 
_refine.ls_d_res_low                             24.73 
_refine.ls_extinction_coef                       ? 
_refine.ls_extinction_coef_esd                   ? 
_refine.ls_extinction_expression                 ? 
_refine.ls_extinction_method                     ? 
_refine.ls_goodness_of_fit_all                   ? 
_refine.ls_goodness_of_fit_all_esd               ? 
_refine.ls_goodness_of_fit_obs                   ? 
_refine.ls_goodness_of_fit_obs_esd               ? 
_refine.ls_hydrogen_treatment                    ? 
_refine.ls_matrix_type                           ? 
_refine.ls_number_constraints                    ? 
_refine.ls_number_parameters                     ? 
_refine.ls_number_reflns_all                     ? 
_refine.ls_number_reflns_obs                     11730 
_refine.ls_number_reflns_R_free                  1174 
_refine.ls_number_reflns_R_work                  ? 
_refine.ls_number_restraints                     ? 
_refine.ls_percent_reflns_obs                    95.15 
_refine.ls_percent_reflns_R_free                 10.01 
_refine.ls_R_factor_all                          ? 
_refine.ls_R_factor_obs                          0.1752 
_refine.ls_R_factor_R_free                       0.2015 
_refine.ls_R_factor_R_free_error                 ? 
_refine.ls_R_factor_R_free_error_details         ? 
_refine.ls_R_factor_R_work                       0.1723 
_refine.ls_R_Fsqd_factor_obs                     ? 
_refine.ls_R_I_factor_obs                        ? 
_refine.ls_redundancy_reflns_all                 ? 
_refine.ls_redundancy_reflns_obs                 ? 
_refine.ls_restrained_S_all                      ? 
_refine.ls_restrained_S_obs                      ? 
_refine.ls_shift_over_esd_max                    ? 
_refine.ls_shift_over_esd_mean                   ? 
_refine.ls_structure_factor_coef                 ? 
_refine.ls_weighting_details                     ? 
_refine.ls_weighting_scheme                      ? 
_refine.ls_wR_factor_all                         ? 
_refine.ls_wR_factor_obs                         ? 
_refine.ls_wR_factor_R_free                      ? 
_refine.ls_wR_factor_R_work                      ? 
_refine.occupancy_max                            ? 
_refine.occupancy_min                            ? 
_refine.solvent_model_details                    ? 
_refine.solvent_model_param_bsol                 ? 
_refine.solvent_model_param_ksol                 ? 
_refine.pdbx_R_complete                          ? 
_refine.ls_R_factor_gt                           ? 
_refine.ls_goodness_of_fit_gt                    ? 
_refine.ls_goodness_of_fit_ref                   ? 
_refine.ls_shift_over_su_max                     ? 
_refine.ls_shift_over_su_max_lt                  ? 
_refine.ls_shift_over_su_mean                    ? 
_refine.ls_shift_over_su_mean_lt                 ? 
_refine.pdbx_ls_sigma_I                          ? 
_refine.pdbx_ls_sigma_F                          0.00 
_refine.pdbx_ls_sigma_Fsqd                       ? 
_refine.pdbx_data_cutoff_high_absF               ? 
_refine.pdbx_data_cutoff_high_rms_absF           ? 
_refine.pdbx_data_cutoff_low_absF                ? 
_refine.pdbx_isotropic_thermal_model             ? 
_refine.pdbx_ls_cross_valid_method               'FREE R-VALUE' 
_refine.pdbx_method_to_determine_struct          SAD 
_refine.pdbx_starting_model                      ? 
_refine.pdbx_stereochemistry_target_values       ? 
_refine.pdbx_R_Free_selection_details            ? 
_refine.pdbx_stereochem_target_val_spec_case     ? 
_refine.pdbx_overall_ESU_R                       ? 
_refine.pdbx_overall_ESU_R_Free                  ? 
_refine.pdbx_solvent_vdw_probe_radii             1.1100 
_refine.pdbx_solvent_ion_probe_radii             ? 
_refine.pdbx_solvent_shrinkage_radii             0.9000 
_refine.pdbx_real_space_R                        ? 
_refine.pdbx_density_correlation                 ? 
_refine.pdbx_pd_number_of_powder_patterns        ? 
_refine.pdbx_pd_number_of_points                 ? 
_refine.pdbx_pd_meas_number_of_points            ? 
_refine.pdbx_pd_proc_ls_prof_R_factor            ? 
_refine.pdbx_pd_proc_ls_prof_wR_factor           ? 
_refine.pdbx_pd_Marquardt_correlation_coeff      ? 
_refine.pdbx_pd_Fsqrd_R_factor                   ? 
_refine.pdbx_pd_ls_matrix_band_width             ? 
_refine.pdbx_overall_phase_error                 19.6150 
_refine.pdbx_overall_SU_R_free_Cruickshank_DPI   ? 
_refine.pdbx_overall_SU_R_free_Blow_DPI          ? 
_refine.pdbx_overall_SU_R_Blow_DPI               ? 
_refine.pdbx_TLS_residual_ADP_flag               ? 
_refine.pdbx_diffrn_id                           1 
_refine.overall_SU_B                             ? 
_refine.overall_SU_ML                            0.1800 
_refine.overall_SU_R_Cruickshank_DPI             ? 
_refine.overall_SU_R_free                        ? 
_refine.overall_FOM_free_R_set                   ? 
_refine.overall_FOM_work_R_set                   ? 
_refine.pdbx_average_fsc_overall                 ? 
_refine.pdbx_average_fsc_work                    ? 
_refine.pdbx_average_fsc_free                    ? 
# 
_refine_hist.pdbx_refine_id                   'X-RAY DIFFRACTION' 
_refine_hist.cycle_id                         LAST 
_refine_hist.details                          ? 
_refine_hist.d_res_high                       2.00 
_refine_hist.d_res_low                        24.73 
_refine_hist.number_atoms_solvent             109 
_refine_hist.number_atoms_total               1382 
_refine_hist.number_reflns_all                ? 
_refine_hist.number_reflns_obs                ? 
_refine_hist.number_reflns_R_free             ? 
_refine_hist.number_reflns_R_work             ? 
_refine_hist.R_factor_all                     ? 
_refine_hist.R_factor_obs                     ? 
_refine_hist.R_factor_R_free                  ? 
_refine_hist.R_factor_R_work                  ? 
_refine_hist.pdbx_number_residues_total       ? 
_refine_hist.pdbx_B_iso_mean_ligand           ? 
_refine_hist.pdbx_B_iso_mean_solvent          ? 
_refine_hist.pdbx_number_atoms_protein        1268 
_refine_hist.pdbx_number_atoms_nucleic_acid   0 
_refine_hist.pdbx_number_atoms_ligand         5 
_refine_hist.pdbx_number_atoms_lipid          ? 
_refine_hist.pdbx_number_atoms_carb           ? 
_refine_hist.pdbx_pseudo_atom_details         ? 
# 
loop_
_refine_ls_restr.pdbx_refine_id 
_refine_ls_restr.criterion 
_refine_ls_restr.dev_ideal 
_refine_ls_restr.dev_ideal_target 
_refine_ls_restr.number 
_refine_ls_restr.rejects 
_refine_ls_restr.type 
_refine_ls_restr.weight 
_refine_ls_restr.pdbx_restraint_function 
'X-RAY DIFFRACTION' ? 0.0072  ? 1299 ? f_bond_d           ? ? 
'X-RAY DIFFRACTION' ? 0.8021  ? 1755 ? f_angle_d          ? ? 
'X-RAY DIFFRACTION' ? 0.0538  ? 197  ? f_chiral_restr     ? ? 
'X-RAY DIFFRACTION' ? 0.0048  ? 223  ? f_plane_restr      ? ? 
'X-RAY DIFFRACTION' ? 20.0610 ? 172  ? f_dihedral_angle_d ? ? 
# 
loop_
_refine_ls_shell.pdbx_refine_id 
_refine_ls_shell.d_res_high 
_refine_ls_shell.d_res_low 
_refine_ls_shell.number_reflns_all 
_refine_ls_shell.number_reflns_obs 
_refine_ls_shell.number_reflns_R_free 
_refine_ls_shell.number_reflns_R_work 
_refine_ls_shell.percent_reflns_obs 
_refine_ls_shell.percent_reflns_R_free 
_refine_ls_shell.R_factor_all 
_refine_ls_shell.R_factor_obs 
_refine_ls_shell.R_factor_R_free 
_refine_ls_shell.R_factor_R_free_error 
_refine_ls_shell.R_factor_R_work 
_refine_ls_shell.redundancy_reflns_all 
_refine_ls_shell.redundancy_reflns_obs 
_refine_ls_shell.wR_factor_all 
_refine_ls_shell.wR_factor_obs 
_refine_ls_shell.wR_factor_R_free 
_refine_ls_shell.wR_factor_R_work 
_refine_ls_shell.pdbx_R_complete 
_refine_ls_shell.pdbx_total_number_of_bins_used 
_refine_ls_shell.pdbx_phase_error 
_refine_ls_shell.pdbx_fsc_work 
_refine_ls_shell.pdbx_fsc_free 
'X-RAY DIFFRACTION' 2.00 2.09  . . 118 1047 76.04  . . . 0.2333 . 0.1723 . . . . . . . . . . . 
'X-RAY DIFFRACTION' 2.09 2.20  . . 146 1304 94.96  . . . 0.2256 . 0.1610 . . . . . . . . . . . 
'X-RAY DIFFRACTION' 2.20 2.34  . . 148 1353 98.17  . . . 0.2308 . 0.1647 . . . . . . . . . . . 
'X-RAY DIFFRACTION' 2.34 2.52  . . 148 1329 97.17  . . . 0.1945 . 0.1818 . . . . . . . . . . . 
'X-RAY DIFFRACTION' 2.52 2.77  . . 150 1356 97.54  . . . 0.1970 . 0.1795 . . . . . . . . . . . 
'X-RAY DIFFRACTION' 2.77 3.17  . . 153 1350 97.28  . . . 0.2272 . 0.1872 . . . . . . . . . . . 
'X-RAY DIFFRACTION' 3.17 3.99  . . 152 1382 100.00 . . . 0.1705 . 0.1618 . . . . . . . . . . . 
'X-RAY DIFFRACTION' 3.99 24.73 . . 159 1435 99.81  . . . 0.1973 . 0.1727 . . . . . . . . . . . 
# 
_struct.entry_id                     6VSX 
_struct.title                        
'X-ray crystal structure of the C-terminal domain of Bacillus subtilis RNA polymerase binding helicase HelD' 
_struct.pdbx_model_details           ? 
_struct.pdbx_formula_weight          ? 
_struct.pdbx_formula_weight_method   ? 
_struct.pdbx_model_type_details      ? 
_struct.pdbx_CASP_flag               N 
# 
_struct_keywords.entry_id        6VSX 
_struct_keywords.text            'RNA polymerase, Helicase, TRANSCRIPTION' 
_struct_keywords.pdbx_keywords   TRANSCRIPTION 
# 
loop_
_struct_asym.id 
_struct_asym.pdbx_blank_PDB_chainid_flag 
_struct_asym.pdbx_modified 
_struct_asym.entity_id 
_struct_asym.details 
A N N 1 ? 
B N N 2 ? 
C N N 3 ? 
# 
_struct_ref.id                         1 
_struct_ref.db_name                    UNP 
_struct_ref.db_code                    A0A164TSE8_BACIU 
_struct_ref.pdbx_db_accession          A0A164TSE8 
_struct_ref.pdbx_db_isoform            ? 
_struct_ref.entity_id                  1 
_struct_ref.pdbx_seq_one_letter_code   
;RSTRQIVEFTKAMLQDGADIEPFNRSGEMPLVVKTEGHESLCQKLAQEIGRLKKKGHETIAVICKTAHQCIQAHAHMSEY
TDVRLIHKENQPFQKGVCVIPVYLAKGIEFDAVLVYDASEEHYHTEHDRRLLYTACTRAMHMLAVFYTGEASPFVTAVPP
HLYQIAE
;
_struct_ref.pdbx_align_begin           608 
# 
_struct_ref_seq.align_id                      1 
_struct_ref_seq.ref_id                        1 
_struct_ref_seq.pdbx_PDB_id_code              6VSX 
_struct_ref_seq.pdbx_strand_id                A 
_struct_ref_seq.seq_align_beg                 22 
_struct_ref_seq.pdbx_seq_align_beg_ins_code   ? 
_struct_ref_seq.seq_align_end                 188 
_struct_ref_seq.pdbx_seq_align_end_ins_code   ? 
_struct_ref_seq.pdbx_db_accession             A0A164TSE8 
_struct_ref_seq.db_align_beg                  608 
_struct_ref_seq.pdbx_db_align_beg_ins_code    ? 
_struct_ref_seq.db_align_end                  774 
_struct_ref_seq.pdbx_db_align_end_ins_code    ? 
_struct_ref_seq.pdbx_auth_seq_align_beg       608 
_struct_ref_seq.pdbx_auth_seq_align_end       774 
# 
loop_
_struct_ref_seq_dif.align_id 
_struct_ref_seq_dif.pdbx_pdb_id_code 
_struct_ref_seq_dif.mon_id 
_struct_ref_seq_dif.pdbx_pdb_strand_id 
_struct_ref_seq_dif.seq_num 
_struct_ref_seq_dif.pdbx_pdb_ins_code 
_struct_ref_seq_dif.pdbx_seq_db_name 
_struct_ref_seq_dif.pdbx_seq_db_accession_code 
_struct_ref_seq_dif.db_mon_id 
_struct_ref_seq_dif.pdbx_seq_db_seq_num 
_struct_ref_seq_dif.details 
_struct_ref_seq_dif.pdbx_auth_seq_num 
_struct_ref_seq_dif.pdbx_ordinal 
1 6VSX MET A 1  ? UNP A0A164TSE8 ? ? 'initiating methionine' 587 1  
1 6VSX GLY A 2  ? UNP A0A164TSE8 ? ? 'expression tag'        588 2  
1 6VSX SER A 3  ? UNP A0A164TSE8 ? ? 'expression tag'        589 3  
1 6VSX SER A 4  ? UNP A0A164TSE8 ? ? 'expression tag'        590 4  
1 6VSX HIS A 5  ? UNP A0A164TSE8 ? ? 'expression tag'        591 5  
1 6VSX HIS A 6  ? UNP A0A164TSE8 ? ? 'expression tag'        592 6  
1 6VSX HIS A 7  ? UNP A0A164TSE8 ? ? 'expression tag'        593 7  
1 6VSX HIS A 8  ? UNP A0A164TSE8 ? ? 'expression tag'        594 8  
1 6VSX HIS A 9  ? UNP A0A164TSE8 ? ? 'expression tag'        595 9  
1 6VSX HIS A 10 ? UNP A0A164TSE8 ? ? 'expression tag'        596 10 
1 6VSX SER A 11 ? UNP A0A164TSE8 ? ? 'expression tag'        597 11 
1 6VSX SER A 12 ? UNP A0A164TSE8 ? ? 'expression tag'        598 12 
1 6VSX GLY A 13 ? UNP A0A164TSE8 ? ? 'expression tag'        599 13 
1 6VSX LEU A 14 ? UNP A0A164TSE8 ? ? 'expression tag'        600 14 
1 6VSX VAL A 15 ? UNP A0A164TSE8 ? ? 'expression tag'        601 15 
1 6VSX PRO A 16 ? UNP A0A164TSE8 ? ? 'expression tag'        602 16 
1 6VSX ARG A 17 ? UNP A0A164TSE8 ? ? 'expression tag'        603 17 
1 6VSX GLY A 18 ? UNP A0A164TSE8 ? ? 'expression tag'        604 18 
1 6VSX SER A 19 ? UNP A0A164TSE8 ? ? 'expression tag'        605 19 
1 6VSX HIS A 20 ? UNP A0A164TSE8 ? ? 'expression tag'        606 20 
1 6VSX MET A 21 ? UNP A0A164TSE8 ? ? 'expression tag'        607 21 
# 
_pdbx_struct_assembly.id                   1 
_pdbx_struct_assembly.details              author_and_software_defined_assembly 
_pdbx_struct_assembly.method_details       PISA 
_pdbx_struct_assembly.oligomeric_details   monomeric 
_pdbx_struct_assembly.oligomeric_count     1 
# 
_pdbx_struct_assembly_gen.assembly_id       1 
_pdbx_struct_assembly_gen.oper_expression   1 
_pdbx_struct_assembly_gen.asym_id_list      A,B,C 
# 
_pdbx_struct_assembly_auth_evidence.id                     1 
_pdbx_struct_assembly_auth_evidence.assembly_id            1 
_pdbx_struct_assembly_auth_evidence.experimental_support   'gel filtration' 
_pdbx_struct_assembly_auth_evidence.details                ? 
# 
_pdbx_struct_oper_list.id                   1 
_pdbx_struct_oper_list.type                 'identity operation' 
_pdbx_struct_oper_list.name                 1_555 
_pdbx_struct_oper_list.symmetry_operation   x,y,z 
_pdbx_struct_oper_list.matrix[1][1]         1.0000000000 
_pdbx_struct_oper_list.matrix[1][2]         0.0000000000 
_pdbx_struct_oper_list.matrix[1][3]         0.0000000000 
_pdbx_struct_oper_list.vector[1]            0.0000000000 
_pdbx_struct_oper_list.matrix[2][1]         0.0000000000 
_pdbx_struct_oper_list.matrix[2][2]         1.0000000000 
_pdbx_struct_oper_list.matrix[2][3]         0.0000000000 
_pdbx_struct_oper_list.vector[2]            0.0000000000 
_pdbx_struct_oper_list.matrix[3][1]         0.0000000000 
_pdbx_struct_oper_list.matrix[3][2]         0.0000000000 
_pdbx_struct_oper_list.matrix[3][3]         1.0000000000 
_pdbx_struct_oper_list.vector[3]            0.0000000000 
# 
loop_
_struct_conf.conf_type_id 
_struct_conf.id 
_struct_conf.pdbx_PDB_helix_id 
_struct_conf.beg_label_comp_id 
_struct_conf.beg_label_asym_id 
_struct_conf.beg_label_seq_id 
_struct_conf.pdbx_beg_PDB_ins_code 
_struct_conf.end_label_comp_id 
_struct_conf.end_label_asym_id 
_struct_conf.end_label_seq_id 
_struct_conf.pdbx_end_PDB_ins_code 
_struct_conf.beg_auth_comp_id 
_struct_conf.beg_auth_asym_id 
_struct_conf.beg_auth_seq_id 
_struct_conf.end_auth_comp_id 
_struct_conf.end_auth_asym_id 
_struct_conf.end_auth_seq_id 
_struct_conf.pdbx_PDB_helix_class 
_struct_conf.details 
_struct_conf.pdbx_PDB_helix_length 
HELX_P HELX_P1 AA1 THR A 24  ? ALA A 33  ? THR A 610 ALA A 619 1 ? 10 
HELX_P HELX_P2 AA2 MET A 34  ? GLN A 36  ? MET A 620 GLN A 622 5 ? 3  
HELX_P HELX_P3 AA3 GLY A 58  ? LYS A 76  ? GLY A 644 LYS A 662 1 ? 19 
HELX_P HELX_P4 AA4 THR A 87  ? SER A 99  ? THR A 673 SER A 685 1 ? 13 
HELX_P HELX_P5 AA5 VAL A 123 ? LYS A 127 ? VAL A 709 LYS A 713 1 ? 5  
HELX_P HELX_P6 AA6 THR A 146 ? THR A 158 ? THR A 732 THR A 744 1 ? 13 
HELX_P HELX_P7 AA7 SER A 173 ? ALA A 178 ? SER A 759 ALA A 764 1 ? 6  
HELX_P HELX_P8 AA8 PRO A 180 ? TYR A 184 ? PRO A 766 TYR A 770 5 ? 5  
# 
_struct_conf_type.id          HELX_P 
_struct_conf_type.criteria    ? 
_struct_conf_type.reference   ? 
# 
_struct_sheet.id               AA1 
_struct_sheet.type             ? 
_struct_sheet.number_strands   7 
_struct_sheet.details          ? 
# 
loop_
_struct_sheet_order.sheet_id 
_struct_sheet_order.range_id_1 
_struct_sheet_order.range_id_2 
_struct_sheet_order.offset 
_struct_sheet_order.sense 
AA1 1 2 ? parallel 
AA1 2 3 ? parallel 
AA1 3 4 ? parallel 
AA1 4 5 ? parallel 
AA1 5 6 ? parallel 
AA1 6 7 ? parallel 
# 
loop_
_struct_sheet_range.sheet_id 
_struct_sheet_range.id 
_struct_sheet_range.beg_label_comp_id 
_struct_sheet_range.beg_label_asym_id 
_struct_sheet_range.beg_label_seq_id 
_struct_sheet_range.pdbx_beg_PDB_ins_code 
_struct_sheet_range.end_label_comp_id 
_struct_sheet_range.end_label_asym_id 
_struct_sheet_range.end_label_seq_id 
_struct_sheet_range.pdbx_end_PDB_ins_code 
_struct_sheet_range.beg_auth_comp_id 
_struct_sheet_range.beg_auth_asym_id 
_struct_sheet_range.beg_auth_seq_id 
_struct_sheet_range.end_auth_comp_id 
_struct_sheet_range.end_auth_asym_id 
_struct_sheet_range.end_auth_seq_id 
AA1 1 ARG A 105 ? LEU A 106 ? ARG A 691 LEU A 692 
AA1 2 GLY A 117 ? PRO A 122 ? GLY A 703 PRO A 708 
AA1 3 THR A 80  ? CYS A 85  ? THR A 666 CYS A 671 
AA1 4 PHE A 131 ? VAL A 136 ? PHE A 717 VAL A 722 
AA1 5 ALA A 160 ? THR A 169 ? ALA A 746 THR A 755 
AA1 6 LEU A 52  ? THR A 56  ? LEU A 638 THR A 642 
AA1 7 GLN A 185 ? ALA A 187 ? GLN A 771 ALA A 773 
# 
loop_
_pdbx_struct_sheet_hbond.sheet_id 
_pdbx_struct_sheet_hbond.range_id_1 
_pdbx_struct_sheet_hbond.range_id_2 
_pdbx_struct_sheet_hbond.range_1_label_atom_id 
_pdbx_struct_sheet_hbond.range_1_label_comp_id 
_pdbx_struct_sheet_hbond.range_1_label_asym_id 
_pdbx_struct_sheet_hbond.range_1_label_seq_id 
_pdbx_struct_sheet_hbond.range_1_PDB_ins_code 
_pdbx_struct_sheet_hbond.range_1_auth_atom_id 
_pdbx_struct_sheet_hbond.range_1_auth_comp_id 
_pdbx_struct_sheet_hbond.range_1_auth_asym_id 
_pdbx_struct_sheet_hbond.range_1_auth_seq_id 
_pdbx_struct_sheet_hbond.range_2_label_atom_id 
_pdbx_struct_sheet_hbond.range_2_label_comp_id 
_pdbx_struct_sheet_hbond.range_2_label_asym_id 
_pdbx_struct_sheet_hbond.range_2_label_seq_id 
_pdbx_struct_sheet_hbond.range_2_PDB_ins_code 
_pdbx_struct_sheet_hbond.range_2_auth_atom_id 
_pdbx_struct_sheet_hbond.range_2_auth_comp_id 
_pdbx_struct_sheet_hbond.range_2_auth_asym_id 
_pdbx_struct_sheet_hbond.range_2_auth_seq_id 
AA1 1 2 N ARG A 105 ? N ARG A 691 O VAL A 120 ? O VAL A 706 
AA1 2 3 O CYS A 119 ? O CYS A 705 N VAL A 83  ? N VAL A 669 
AA1 3 4 N ALA A 82  ? N ALA A 668 O LEU A 135 ? O LEU A 721 
AA1 4 5 N PHE A 131 ? N PHE A 717 O MET A 161 ? O MET A 747 
AA1 5 6 O VAL A 166 ? O VAL A 752 N LEU A 52  ? N LEU A 638 
AA1 6 7 N VAL A 53  ? N VAL A 639 O GLN A 185 ? O GLN A 771 
# 
_struct_site.id                   AC1 
_struct_site.pdbx_evidence_code   Software 
_struct_site.pdbx_auth_asym_id    A 
_struct_site.pdbx_auth_comp_id    PO4 
_struct_site.pdbx_auth_seq_id     801 
_struct_site.pdbx_auth_ins_code   ? 
_struct_site.pdbx_num_residues    9 
_struct_site.details              'binding site for residue PO4 A 801' 
# 
loop_
_struct_site_gen.id 
_struct_site_gen.site_id 
_struct_site_gen.pdbx_num_res 
_struct_site_gen.label_comp_id 
_struct_site_gen.label_asym_id 
_struct_site_gen.label_seq_id 
_struct_site_gen.pdbx_auth_ins_code 
_struct_site_gen.auth_comp_id 
_struct_site_gen.auth_asym_id 
_struct_site_gen.auth_seq_id 
_struct_site_gen.label_atom_id 
_struct_site_gen.label_alt_id 
_struct_site_gen.symmetry 
_struct_site_gen.details 
1 AC1 9 GLY A 58  ? GLY A 644 . ? 4_555 ? 
2 AC1 9 HIS A 59  ? HIS A 645 . ? 4_555 ? 
3 AC1 9 HIS A 148 ? HIS A 734 . ? 1_555 ? 
4 AC1 9 ARG A 151 ? ARG A 737 . ? 1_555 ? 
5 AC1 9 THR A 169 ? THR A 755 . ? 4_555 ? 
6 AC1 9 HOH C .   ? HOH A 905 . ? 1_555 ? 
7 AC1 9 HOH C .   ? HOH A 916 . ? 1_555 ? 
8 AC1 9 HOH C .   ? HOH A 921 . ? 1_555 ? 
9 AC1 9 HOH C .   ? HOH A 940 . ? 1_555 ? 
# 
loop_
_pdbx_validate_close_contact.id 
_pdbx_validate_close_contact.PDB_model_num 
_pdbx_validate_close_contact.auth_atom_id_1 
_pdbx_validate_close_contact.auth_asym_id_1 
_pdbx_validate_close_contact.auth_comp_id_1 
_pdbx_validate_close_contact.auth_seq_id_1 
_pdbx_validate_close_contact.PDB_ins_code_1 
_pdbx_validate_close_contact.label_alt_id_1 
_pdbx_validate_close_contact.auth_atom_id_2 
_pdbx_validate_close_contact.auth_asym_id_2 
_pdbx_validate_close_contact.auth_comp_id_2 
_pdbx_validate_close_contact.auth_seq_id_2 
_pdbx_validate_close_contact.PDB_ins_code_2 
_pdbx_validate_close_contact.label_alt_id_2 
_pdbx_validate_close_contact.dist 
1 1 N   A ASN 631 ? ? O A HOH 901  ? ? 1.84 
2 1 O   A HOH 998 ? ? O A HOH 1002 ? ? 1.92 
3 1 O   A HOH 931 ? ? O A HOH 1000 ? ? 2.06 
4 1 OE2 A GLU 635 ? ? O A HOH 902  ? ? 2.10 
5 1 O   A HOH 924 ? ? O A HOH 947  ? ? 2.11 
6 1 O   A HOH 932 ? ? O A HOH 993  ? ? 2.18 
# 
loop_
_pdbx_validate_symm_contact.id 
_pdbx_validate_symm_contact.PDB_model_num 
_pdbx_validate_symm_contact.auth_atom_id_1 
_pdbx_validate_symm_contact.auth_asym_id_1 
_pdbx_validate_symm_contact.auth_comp_id_1 
_pdbx_validate_symm_contact.auth_seq_id_1 
_pdbx_validate_symm_contact.PDB_ins_code_1 
_pdbx_validate_symm_contact.label_alt_id_1 
_pdbx_validate_symm_contact.site_symmetry_1 
_pdbx_validate_symm_contact.auth_atom_id_2 
_pdbx_validate_symm_contact.auth_asym_id_2 
_pdbx_validate_symm_contact.auth_comp_id_2 
_pdbx_validate_symm_contact.auth_seq_id_2 
_pdbx_validate_symm_contact.PDB_ins_code_2 
_pdbx_validate_symm_contact.label_alt_id_2 
_pdbx_validate_symm_contact.site_symmetry_2 
_pdbx_validate_symm_contact.dist 
1 1 O A HOH 903 ? ? 1_555 O A HOH 956 ? ? 1_545 1.96 
2 1 O A HOH 982 ? ? 1_555 O A HOH 990 ? ? 4_556 1.99 
# 
_pdbx_validate_rmsd_bond.id                        1 
_pdbx_validate_rmsd_bond.PDB_model_num             1 
_pdbx_validate_rmsd_bond.auth_atom_id_1            CB 
_pdbx_validate_rmsd_bond.auth_asym_id_1            A 
_pdbx_validate_rmsd_bond.auth_comp_id_1            CYS 
_pdbx_validate_rmsd_bond.auth_seq_id_1             677 
_pdbx_validate_rmsd_bond.PDB_ins_code_1            ? 
_pdbx_validate_rmsd_bond.label_alt_id_1            ? 
_pdbx_validate_rmsd_bond.auth_atom_id_2            SG 
_pdbx_validate_rmsd_bond.auth_asym_id_2            A 
_pdbx_validate_rmsd_bond.auth_comp_id_2            CYS 
_pdbx_validate_rmsd_bond.auth_seq_id_2             677 
_pdbx_validate_rmsd_bond.PDB_ins_code_2            ? 
_pdbx_validate_rmsd_bond.label_alt_id_2            ? 
_pdbx_validate_rmsd_bond.bond_value                1.707 
_pdbx_validate_rmsd_bond.bond_target_value         1.812 
_pdbx_validate_rmsd_bond.bond_deviation            -0.105 
_pdbx_validate_rmsd_bond.bond_standard_deviation   0.016 
_pdbx_validate_rmsd_bond.linker_flag               N 
# 
loop_
_pdbx_validate_torsion.id 
_pdbx_validate_torsion.PDB_model_num 
_pdbx_validate_torsion.auth_comp_id 
_pdbx_validate_torsion.auth_asym_id 
_pdbx_validate_torsion.auth_seq_id 
_pdbx_validate_torsion.PDB_ins_code 
_pdbx_validate_torsion.label_alt_id 
_pdbx_validate_torsion.phi 
_pdbx_validate_torsion.psi 
1 1 LEU A 621 ? ? -94.92  38.29  
2 1 ASP A 724 ? ? 50.84   72.82  
3 1 HIS A 731 ? ? -141.33 -16.79 
# 
loop_
_pdbx_struct_special_symmetry.id 
_pdbx_struct_special_symmetry.PDB_model_num 
_pdbx_struct_special_symmetry.auth_asym_id 
_pdbx_struct_special_symmetry.auth_comp_id 
_pdbx_struct_special_symmetry.auth_seq_id 
_pdbx_struct_special_symmetry.PDB_ins_code 
_pdbx_struct_special_symmetry.label_asym_id 
_pdbx_struct_special_symmetry.label_comp_id 
_pdbx_struct_special_symmetry.label_seq_id 
1 1 A HOH 1004 ? C HOH . 
2 1 A HOH 1009 ? C HOH . 
# 
loop_
_space_group_symop.id 
_space_group_symop.operation_xyz 
1 x,y,z           
2 -x,y,-z         
3 x+1/2,y+1/2,z   
4 -x+1/2,y+1/2,-z 
# 
_pdbx_entry_details.entry_id                 6VSX 
_pdbx_entry_details.has_ligand_of_interest   Y 
_pdbx_entry_details.compound_details         ? 
_pdbx_entry_details.source_details           ? 
_pdbx_entry_details.nonpolymer_details       ? 
_pdbx_entry_details.sequence_details         ? 
# 
loop_
_pdbx_unobs_or_zero_occ_residues.id 
_pdbx_unobs_or_zero_occ_residues.PDB_model_num 
_pdbx_unobs_or_zero_occ_residues.polymer_flag 
_pdbx_unobs_or_zero_occ_residues.occupancy_flag 
_pdbx_unobs_or_zero_occ_residues.auth_asym_id 
_pdbx_unobs_or_zero_occ_residues.auth_comp_id 
_pdbx_unobs_or_zero_occ_residues.auth_seq_id 
_pdbx_unobs_or_zero_occ_residues.PDB_ins_code 
_pdbx_unobs_or_zero_occ_residues.label_asym_id 
_pdbx_unobs_or_zero_occ_residues.label_comp_id 
_pdbx_unobs_or_zero_occ_residues.label_seq_id 
1  1 Y 1 A MET 587 ? A MET 1   
2  1 Y 1 A GLY 588 ? A GLY 2   
3  1 Y 1 A SER 589 ? A SER 3   
4  1 Y 1 A SER 590 ? A SER 4   
5  1 Y 1 A HIS 591 ? A HIS 5   
6  1 Y 1 A HIS 592 ? A HIS 6   
7  1 Y 1 A HIS 593 ? A HIS 7   
8  1 Y 1 A HIS 594 ? A HIS 8   
9  1 Y 1 A HIS 595 ? A HIS 9   
10 1 Y 1 A HIS 596 ? A HIS 10  
11 1 Y 1 A SER 597 ? A SER 11  
12 1 Y 1 A SER 598 ? A SER 12  
13 1 Y 1 A GLY 599 ? A GLY 13  
14 1 Y 1 A LEU 600 ? A LEU 14  
15 1 Y 1 A VAL 601 ? A VAL 15  
16 1 Y 1 A PRO 602 ? A PRO 16  
17 1 Y 1 A ARG 603 ? A ARG 17  
18 1 Y 1 A GLY 604 ? A GLY 18  
19 1 Y 1 A SER 605 ? A SER 19  
20 1 Y 1 A HIS 606 ? A HIS 20  
21 1 Y 1 A MET 607 ? A MET 21  
22 1 Y 1 A GLY 624 ? A GLY 38  
23 1 Y 1 A ALA 625 ? A ALA 39  
24 1 Y 1 A ASP 626 ? A ASP 40  
25 1 Y 1 A ILE 627 ? A ILE 41  
26 1 Y 1 A GLU 628 ? A GLU 42  
27 1 Y 1 A PRO 629 ? A PRO 43  
28 1 Y 1 A PHE 630 ? A PHE 44  
29 1 Y 1 A GLU 774 ? A GLU 188 
# 
loop_
_chem_comp_atom.comp_id 
_chem_comp_atom.atom_id 
_chem_comp_atom.type_symbol 
_chem_comp_atom.pdbx_aromatic_flag 
_chem_comp_atom.pdbx_stereo_config 
_chem_comp_atom.pdbx_ordinal 
ALA N    N N N 1   
ALA CA   C N S 2   
ALA C    C N N 3   
ALA O    O N N 4   
ALA CB   C N N 5   
ALA OXT  O N N 6   
ALA H    H N N 7   
ALA H2   H N N 8   
ALA HA   H N N 9   
ALA HB1  H N N 10  
ALA HB2  H N N 11  
ALA HB3  H N N 12  
ALA HXT  H N N 13  
ARG N    N N N 14  
ARG CA   C N S 15  
ARG C    C N N 16  
ARG O    O N N 17  
ARG CB   C N N 18  
ARG CG   C N N 19  
ARG CD   C N N 20  
ARG NE   N N N 21  
ARG CZ   C N N 22  
ARG NH1  N N N 23  
ARG NH2  N N N 24  
ARG OXT  O N N 25  
ARG H    H N N 26  
ARG H2   H N N 27  
ARG HA   H N N 28  
ARG HB2  H N N 29  
ARG HB3  H N N 30  
ARG HG2  H N N 31  
ARG HG3  H N N 32  
ARG HD2  H N N 33  
ARG HD3  H N N 34  
ARG HE   H N N 35  
ARG HH11 H N N 36  
ARG HH12 H N N 37  
ARG HH21 H N N 38  
ARG HH22 H N N 39  
ARG HXT  H N N 40  
ASN N    N N N 41  
ASN CA   C N S 42  
ASN C    C N N 43  
ASN O    O N N 44  
ASN CB   C N N 45  
ASN CG   C N N 46  
ASN OD1  O N N 47  
ASN ND2  N N N 48  
ASN OXT  O N N 49  
ASN H    H N N 50  
ASN H2   H N N 51  
ASN HA   H N N 52  
ASN HB2  H N N 53  
ASN HB3  H N N 54  
ASN HD21 H N N 55  
ASN HD22 H N N 56  
ASN HXT  H N N 57  
ASP N    N N N 58  
ASP CA   C N S 59  
ASP C    C N N 60  
ASP O    O N N 61  
ASP CB   C N N 62  
ASP CG   C N N 63  
ASP OD1  O N N 64  
ASP OD2  O N N 65  
ASP OXT  O N N 66  
ASP H    H N N 67  
ASP H2   H N N 68  
ASP HA   H N N 69  
ASP HB2  H N N 70  
ASP HB3  H N N 71  
ASP HD2  H N N 72  
ASP HXT  H N N 73  
CYS N    N N N 74  
CYS CA   C N R 75  
CYS C    C N N 76  
CYS O    O N N 77  
CYS CB   C N N 78  
CYS SG   S N N 79  
CYS OXT  O N N 80  
CYS H    H N N 81  
CYS H2   H N N 82  
CYS HA   H N N 83  
CYS HB2  H N N 84  
CYS HB3  H N N 85  
CYS HG   H N N 86  
CYS HXT  H N N 87  
GLN N    N N N 88  
GLN CA   C N S 89  
GLN C    C N N 90  
GLN O    O N N 91  
GLN CB   C N N 92  
GLN CG   C N N 93  
GLN CD   C N N 94  
GLN OE1  O N N 95  
GLN NE2  N N N 96  
GLN OXT  O N N 97  
GLN H    H N N 98  
GLN H2   H N N 99  
GLN HA   H N N 100 
GLN HB2  H N N 101 
GLN HB3  H N N 102 
GLN HG2  H N N 103 
GLN HG3  H N N 104 
GLN HE21 H N N 105 
GLN HE22 H N N 106 
GLN HXT  H N N 107 
GLU N    N N N 108 
GLU CA   C N S 109 
GLU C    C N N 110 
GLU O    O N N 111 
GLU CB   C N N 112 
GLU CG   C N N 113 
GLU CD   C N N 114 
GLU OE1  O N N 115 
GLU OE2  O N N 116 
GLU OXT  O N N 117 
GLU H    H N N 118 
GLU H2   H N N 119 
GLU HA   H N N 120 
GLU HB2  H N N 121 
GLU HB3  H N N 122 
GLU HG2  H N N 123 
GLU HG3  H N N 124 
GLU HE2  H N N 125 
GLU HXT  H N N 126 
GLY N    N N N 127 
GLY CA   C N N 128 
GLY C    C N N 129 
GLY O    O N N 130 
GLY OXT  O N N 131 
GLY H    H N N 132 
GLY H2   H N N 133 
GLY HA2  H N N 134 
GLY HA3  H N N 135 
GLY HXT  H N N 136 
HIS N    N N N 137 
HIS CA   C N S 138 
HIS C    C N N 139 
HIS O    O N N 140 
HIS CB   C N N 141 
HIS CG   C Y N 142 
HIS ND1  N Y N 143 
HIS CD2  C Y N 144 
HIS CE1  C Y N 145 
HIS NE2  N Y N 146 
HIS OXT  O N N 147 
HIS H    H N N 148 
HIS H2   H N N 149 
HIS HA   H N N 150 
HIS HB2  H N N 151 
HIS HB3  H N N 152 
HIS HD1  H N N 153 
HIS HD2  H N N 154 
HIS HE1  H N N 155 
HIS HE2  H N N 156 
HIS HXT  H N N 157 
HOH O    O N N 158 
HOH H1   H N N 159 
HOH H2   H N N 160 
ILE N    N N N 161 
ILE CA   C N S 162 
ILE C    C N N 163 
ILE O    O N N 164 
ILE CB   C N S 165 
ILE CG1  C N N 166 
ILE CG2  C N N 167 
ILE CD1  C N N 168 
ILE OXT  O N N 169 
ILE H    H N N 170 
ILE H2   H N N 171 
ILE HA   H N N 172 
ILE HB   H N N 173 
ILE HG12 H N N 174 
ILE HG13 H N N 175 
ILE HG21 H N N 176 
ILE HG22 H N N 177 
ILE HG23 H N N 178 
ILE HD11 H N N 179 
ILE HD12 H N N 180 
ILE HD13 H N N 181 
ILE HXT  H N N 182 
LEU N    N N N 183 
LEU CA   C N S 184 
LEU C    C N N 185 
LEU O    O N N 186 
LEU CB   C N N 187 
LEU CG   C N N 188 
LEU CD1  C N N 189 
LEU CD2  C N N 190 
LEU OXT  O N N 191 
LEU H    H N N 192 
LEU H2   H N N 193 
LEU HA   H N N 194 
LEU HB2  H N N 195 
LEU HB3  H N N 196 
LEU HG   H N N 197 
LEU HD11 H N N 198 
LEU HD12 H N N 199 
LEU HD13 H N N 200 
LEU HD21 H N N 201 
LEU HD22 H N N 202 
LEU HD23 H N N 203 
LEU HXT  H N N 204 
LYS N    N N N 205 
LYS CA   C N S 206 
LYS C    C N N 207 
LYS O    O N N 208 
LYS CB   C N N 209 
LYS CG   C N N 210 
LYS CD   C N N 211 
LYS CE   C N N 212 
LYS NZ   N N N 213 
LYS OXT  O N N 214 
LYS H    H N N 215 
LYS H2   H N N 216 
LYS HA   H N N 217 
LYS HB2  H N N 218 
LYS HB3  H N N 219 
LYS HG2  H N N 220 
LYS HG3  H N N 221 
LYS HD2  H N N 222 
LYS HD3  H N N 223 
LYS HE2  H N N 224 
LYS HE3  H N N 225 
LYS HZ1  H N N 226 
LYS HZ2  H N N 227 
LYS HZ3  H N N 228 
LYS HXT  H N N 229 
MET N    N N N 230 
MET CA   C N S 231 
MET C    C N N 232 
MET O    O N N 233 
MET CB   C N N 234 
MET CG   C N N 235 
MET SD   S N N 236 
MET CE   C N N 237 
MET OXT  O N N 238 
MET H    H N N 239 
MET H2   H N N 240 
MET HA   H N N 241 
MET HB2  H N N 242 
MET HB3  H N N 243 
MET HG2  H N N 244 
MET HG3  H N N 245 
MET HE1  H N N 246 
MET HE2  H N N 247 
MET HE3  H N N 248 
MET HXT  H N N 249 
PHE N    N N N 250 
PHE CA   C N S 251 
PHE C    C N N 252 
PHE O    O N N 253 
PHE CB   C N N 254 
PHE CG   C Y N 255 
PHE CD1  C Y N 256 
PHE CD2  C Y N 257 
PHE CE1  C Y N 258 
PHE CE2  C Y N 259 
PHE CZ   C Y N 260 
PHE OXT  O N N 261 
PHE H    H N N 262 
PHE H2   H N N 263 
PHE HA   H N N 264 
PHE HB2  H N N 265 
PHE HB3  H N N 266 
PHE HD1  H N N 267 
PHE HD2  H N N 268 
PHE HE1  H N N 269 
PHE HE2  H N N 270 
PHE HZ   H N N 271 
PHE HXT  H N N 272 
PO4 P    P N N 273 
PO4 O1   O N N 274 
PO4 O2   O N N 275 
PO4 O3   O N N 276 
PO4 O4   O N N 277 
PRO N    N N N 278 
PRO CA   C N S 279 
PRO C    C N N 280 
PRO O    O N N 281 
PRO CB   C N N 282 
PRO CG   C N N 283 
PRO CD   C N N 284 
PRO OXT  O N N 285 
PRO H    H N N 286 
PRO HA   H N N 287 
PRO HB2  H N N 288 
PRO HB3  H N N 289 
PRO HG2  H N N 290 
PRO HG3  H N N 291 
PRO HD2  H N N 292 
PRO HD3  H N N 293 
PRO HXT  H N N 294 
SER N    N N N 295 
SER CA   C N S 296 
SER C    C N N 297 
SER O    O N N 298 
SER CB   C N N 299 
SER OG   O N N 300 
SER OXT  O N N 301 
SER H    H N N 302 
SER H2   H N N 303 
SER HA   H N N 304 
SER HB2  H N N 305 
SER HB3  H N N 306 
SER HG   H N N 307 
SER HXT  H N N 308 
THR N    N N N 309 
THR CA   C N S 310 
THR C    C N N 311 
THR O    O N N 312 
THR CB   C N R 313 
THR OG1  O N N 314 
THR CG2  C N N 315 
THR OXT  O N N 316 
THR H    H N N 317 
THR H2   H N N 318 
THR HA   H N N 319 
THR HB   H N N 320 
THR HG1  H N N 321 
THR HG21 H N N 322 
THR HG22 H N N 323 
THR HG23 H N N 324 
THR HXT  H N N 325 
TYR N    N N N 326 
TYR CA   C N S 327 
TYR C    C N N 328 
TYR O    O N N 329 
TYR CB   C N N 330 
TYR CG   C Y N 331 
TYR CD1  C Y N 332 
TYR CD2  C Y N 333 
TYR CE1  C Y N 334 
TYR CE2  C Y N 335 
TYR CZ   C Y N 336 
TYR OH   O N N 337 
TYR OXT  O N N 338 
TYR H    H N N 339 
TYR H2   H N N 340 
TYR HA   H N N 341 
TYR HB2  H N N 342 
TYR HB3  H N N 343 
TYR HD1  H N N 344 
TYR HD2  H N N 345 
TYR HE1  H N N 346 
TYR HE2  H N N 347 
TYR HH   H N N 348 
TYR HXT  H N N 349 
VAL N    N N N 350 
VAL CA   C N S 351 
VAL C    C N N 352 
VAL O    O N N 353 
VAL CB   C N N 354 
VAL CG1  C N N 355 
VAL CG2  C N N 356 
VAL OXT  O N N 357 
VAL H    H N N 358 
VAL H2   H N N 359 
VAL HA   H N N 360 
VAL HB   H N N 361 
VAL HG11 H N N 362 
VAL HG12 H N N 363 
VAL HG13 H N N 364 
VAL HG21 H N N 365 
VAL HG22 H N N 366 
VAL HG23 H N N 367 
VAL HXT  H N N 368 
# 
loop_
_chem_comp_bond.comp_id 
_chem_comp_bond.atom_id_1 
_chem_comp_bond.atom_id_2 
_chem_comp_bond.value_order 
_chem_comp_bond.pdbx_aromatic_flag 
_chem_comp_bond.pdbx_stereo_config 
_chem_comp_bond.pdbx_ordinal 
ALA N   CA   sing N N 1   
ALA N   H    sing N N 2   
ALA N   H2   sing N N 3   
ALA CA  C    sing N N 4   
ALA CA  CB   sing N N 5   
ALA CA  HA   sing N N 6   
ALA C   O    doub N N 7   
ALA C   OXT  sing N N 8   
ALA CB  HB1  sing N N 9   
ALA CB  HB2  sing N N 10  
ALA CB  HB3  sing N N 11  
ALA OXT HXT  sing N N 12  
ARG N   CA   sing N N 13  
ARG N   H    sing N N 14  
ARG N   H2   sing N N 15  
ARG CA  C    sing N N 16  
ARG CA  CB   sing N N 17  
ARG CA  HA   sing N N 18  
ARG C   O    doub N N 19  
ARG C   OXT  sing N N 20  
ARG CB  CG   sing N N 21  
ARG CB  HB2  sing N N 22  
ARG CB  HB3  sing N N 23  
ARG CG  CD   sing N N 24  
ARG CG  HG2  sing N N 25  
ARG CG  HG3  sing N N 26  
ARG CD  NE   sing N N 27  
ARG CD  HD2  sing N N 28  
ARG CD  HD3  sing N N 29  
ARG NE  CZ   sing N N 30  
ARG NE  HE   sing N N 31  
ARG CZ  NH1  sing N N 32  
ARG CZ  NH2  doub N N 33  
ARG NH1 HH11 sing N N 34  
ARG NH1 HH12 sing N N 35  
ARG NH2 HH21 sing N N 36  
ARG NH2 HH22 sing N N 37  
ARG OXT HXT  sing N N 38  
ASN N   CA   sing N N 39  
ASN N   H    sing N N 40  
ASN N   H2   sing N N 41  
ASN CA  C    sing N N 42  
ASN CA  CB   sing N N 43  
ASN CA  HA   sing N N 44  
ASN C   O    doub N N 45  
ASN C   OXT  sing N N 46  
ASN CB  CG   sing N N 47  
ASN CB  HB2  sing N N 48  
ASN CB  HB3  sing N N 49  
ASN CG  OD1  doub N N 50  
ASN CG  ND2  sing N N 51  
ASN ND2 HD21 sing N N 52  
ASN ND2 HD22 sing N N 53  
ASN OXT HXT  sing N N 54  
ASP N   CA   sing N N 55  
ASP N   H    sing N N 56  
ASP N   H2   sing N N 57  
ASP CA  C    sing N N 58  
ASP CA  CB   sing N N 59  
ASP CA  HA   sing N N 60  
ASP C   O    doub N N 61  
ASP C   OXT  sing N N 62  
ASP CB  CG   sing N N 63  
ASP CB  HB2  sing N N 64  
ASP CB  HB3  sing N N 65  
ASP CG  OD1  doub N N 66  
ASP CG  OD2  sing N N 67  
ASP OD2 HD2  sing N N 68  
ASP OXT HXT  sing N N 69  
CYS N   CA   sing N N 70  
CYS N   H    sing N N 71  
CYS N   H2   sing N N 72  
CYS CA  C    sing N N 73  
CYS CA  CB   sing N N 74  
CYS CA  HA   sing N N 75  
CYS C   O    doub N N 76  
CYS C   OXT  sing N N 77  
CYS CB  SG   sing N N 78  
CYS CB  HB2  sing N N 79  
CYS CB  HB3  sing N N 80  
CYS SG  HG   sing N N 81  
CYS OXT HXT  sing N N 82  
GLN N   CA   sing N N 83  
GLN N   H    sing N N 84  
GLN N   H2   sing N N 85  
GLN CA  C    sing N N 86  
GLN CA  CB   sing N N 87  
GLN CA  HA   sing N N 88  
GLN C   O    doub N N 89  
GLN C   OXT  sing N N 90  
GLN CB  CG   sing N N 91  
GLN CB  HB2  sing N N 92  
GLN CB  HB3  sing N N 93  
GLN CG  CD   sing N N 94  
GLN CG  HG2  sing N N 95  
GLN CG  HG3  sing N N 96  
GLN CD  OE1  doub N N 97  
GLN CD  NE2  sing N N 98  
GLN NE2 HE21 sing N N 99  
GLN NE2 HE22 sing N N 100 
GLN OXT HXT  sing N N 101 
GLU N   CA   sing N N 102 
GLU N   H    sing N N 103 
GLU N   H2   sing N N 104 
GLU CA  C    sing N N 105 
GLU CA  CB   sing N N 106 
GLU CA  HA   sing N N 107 
GLU C   O    doub N N 108 
GLU C   OXT  sing N N 109 
GLU CB  CG   sing N N 110 
GLU CB  HB2  sing N N 111 
GLU CB  HB3  sing N N 112 
GLU CG  CD   sing N N 113 
GLU CG  HG2  sing N N 114 
GLU CG  HG3  sing N N 115 
GLU CD  OE1  doub N N 116 
GLU CD  OE2  sing N N 117 
GLU OE2 HE2  sing N N 118 
GLU OXT HXT  sing N N 119 
GLY N   CA   sing N N 120 
GLY N   H    sing N N 121 
GLY N   H2   sing N N 122 
GLY CA  C    sing N N 123 
GLY CA  HA2  sing N N 124 
GLY CA  HA3  sing N N 125 
GLY C   O    doub N N 126 
GLY C   OXT  sing N N 127 
GLY OXT HXT  sing N N 128 
HIS N   CA   sing N N 129 
HIS N   H    sing N N 130 
HIS N   H2   sing N N 131 
HIS CA  C    sing N N 132 
HIS CA  CB   sing N N 133 
HIS CA  HA   sing N N 134 
HIS C   O    doub N N 135 
HIS C   OXT  sing N N 136 
HIS CB  CG   sing N N 137 
HIS CB  HB2  sing N N 138 
HIS CB  HB3  sing N N 139 
HIS CG  ND1  sing Y N 140 
HIS CG  CD2  doub Y N 141 
HIS ND1 CE1  doub Y N 142 
HIS ND1 HD1  sing N N 143 
HIS CD2 NE2  sing Y N 144 
HIS CD2 HD2  sing N N 145 
HIS CE1 NE2  sing Y N 146 
HIS CE1 HE1  sing N N 147 
HIS NE2 HE2  sing N N 148 
HIS OXT HXT  sing N N 149 
HOH O   H1   sing N N 150 
HOH O   H2   sing N N 151 
ILE N   CA   sing N N 152 
ILE N   H    sing N N 153 
ILE N   H2   sing N N 154 
ILE CA  C    sing N N 155 
ILE CA  CB   sing N N 156 
ILE CA  HA   sing N N 157 
ILE C   O    doub N N 158 
ILE C   OXT  sing N N 159 
ILE CB  CG1  sing N N 160 
ILE CB  CG2  sing N N 161 
ILE CB  HB   sing N N 162 
ILE CG1 CD1  sing N N 163 
ILE CG1 HG12 sing N N 164 
ILE CG1 HG13 sing N N 165 
ILE CG2 HG21 sing N N 166 
ILE CG2 HG22 sing N N 167 
ILE CG2 HG23 sing N N 168 
ILE CD1 HD11 sing N N 169 
ILE CD1 HD12 sing N N 170 
ILE CD1 HD13 sing N N 171 
ILE OXT HXT  sing N N 172 
LEU N   CA   sing N N 173 
LEU N   H    sing N N 174 
LEU N   H2   sing N N 175 
LEU CA  C    sing N N 176 
LEU CA  CB   sing N N 177 
LEU CA  HA   sing N N 178 
LEU C   O    doub N N 179 
LEU C   OXT  sing N N 180 
LEU CB  CG   sing N N 181 
LEU CB  HB2  sing N N 182 
LEU CB  HB3  sing N N 183 
LEU CG  CD1  sing N N 184 
LEU CG  CD2  sing N N 185 
LEU CG  HG   sing N N 186 
LEU CD1 HD11 sing N N 187 
LEU CD1 HD12 sing N N 188 
LEU CD1 HD13 sing N N 189 
LEU CD2 HD21 sing N N 190 
LEU CD2 HD22 sing N N 191 
LEU CD2 HD23 sing N N 192 
LEU OXT HXT  sing N N 193 
LYS N   CA   sing N N 194 
LYS N   H    sing N N 195 
LYS N   H2   sing N N 196 
LYS CA  C    sing N N 197 
LYS CA  CB   sing N N 198 
LYS CA  HA   sing N N 199 
LYS C   O    doub N N 200 
LYS C   OXT  sing N N 201 
LYS CB  CG   sing N N 202 
LYS CB  HB2  sing N N 203 
LYS CB  HB3  sing N N 204 
LYS CG  CD   sing N N 205 
LYS CG  HG2  sing N N 206 
LYS CG  HG3  sing N N 207 
LYS CD  CE   sing N N 208 
LYS CD  HD2  sing N N 209 
LYS CD  HD3  sing N N 210 
LYS CE  NZ   sing N N 211 
LYS CE  HE2  sing N N 212 
LYS CE  HE3  sing N N 213 
LYS NZ  HZ1  sing N N 214 
LYS NZ  HZ2  sing N N 215 
LYS NZ  HZ3  sing N N 216 
LYS OXT HXT  sing N N 217 
MET N   CA   sing N N 218 
MET N   H    sing N N 219 
MET N   H2   sing N N 220 
MET CA  C    sing N N 221 
MET CA  CB   sing N N 222 
MET CA  HA   sing N N 223 
MET C   O    doub N N 224 
MET C   OXT  sing N N 225 
MET CB  CG   sing N N 226 
MET CB  HB2  sing N N 227 
MET CB  HB3  sing N N 228 
MET CG  SD   sing N N 229 
MET CG  HG2  sing N N 230 
MET CG  HG3  sing N N 231 
MET SD  CE   sing N N 232 
MET CE  HE1  sing N N 233 
MET CE  HE2  sing N N 234 
MET CE  HE3  sing N N 235 
MET OXT HXT  sing N N 236 
PHE N   CA   sing N N 237 
PHE N   H    sing N N 238 
PHE N   H2   sing N N 239 
PHE CA  C    sing N N 240 
PHE CA  CB   sing N N 241 
PHE CA  HA   sing N N 242 
PHE C   O    doub N N 243 
PHE C   OXT  sing N N 244 
PHE CB  CG   sing N N 245 
PHE CB  HB2  sing N N 246 
PHE CB  HB3  sing N N 247 
PHE CG  CD1  doub Y N 248 
PHE CG  CD2  sing Y N 249 
PHE CD1 CE1  sing Y N 250 
PHE CD1 HD1  sing N N 251 
PHE CD2 CE2  doub Y N 252 
PHE CD2 HD2  sing N N 253 
PHE CE1 CZ   doub Y N 254 
PHE CE1 HE1  sing N N 255 
PHE CE2 CZ   sing Y N 256 
PHE CE2 HE2  sing N N 257 
PHE CZ  HZ   sing N N 258 
PHE OXT HXT  sing N N 259 
PO4 P   O1   doub N N 260 
PO4 P   O2   sing N N 261 
PO4 P   O3   sing N N 262 
PO4 P   O4   sing N N 263 
PRO N   CA   sing N N 264 
PRO N   CD   sing N N 265 
PRO N   H    sing N N 266 
PRO CA  C    sing N N 267 
PRO CA  CB   sing N N 268 
PRO CA  HA   sing N N 269 
PRO C   O    doub N N 270 
PRO C   OXT  sing N N 271 
PRO CB  CG   sing N N 272 
PRO CB  HB2  sing N N 273 
PRO CB  HB3  sing N N 274 
PRO CG  CD   sing N N 275 
PRO CG  HG2  sing N N 276 
PRO CG  HG3  sing N N 277 
PRO CD  HD2  sing N N 278 
PRO CD  HD3  sing N N 279 
PRO OXT HXT  sing N N 280 
SER N   CA   sing N N 281 
SER N   H    sing N N 282 
SER N   H2   sing N N 283 
SER CA  C    sing N N 284 
SER CA  CB   sing N N 285 
SER CA  HA   sing N N 286 
SER C   O    doub N N 287 
SER C   OXT  sing N N 288 
SER CB  OG   sing N N 289 
SER CB  HB2  sing N N 290 
SER CB  HB3  sing N N 291 
SER OG  HG   sing N N 292 
SER OXT HXT  sing N N 293 
THR N   CA   sing N N 294 
THR N   H    sing N N 295 
THR N   H2   sing N N 296 
THR CA  C    sing N N 297 
THR CA  CB   sing N N 298 
THR CA  HA   sing N N 299 
THR C   O    doub N N 300 
THR C   OXT  sing N N 301 
THR CB  OG1  sing N N 302 
THR CB  CG2  sing N N 303 
THR CB  HB   sing N N 304 
THR OG1 HG1  sing N N 305 
THR CG2 HG21 sing N N 306 
THR CG2 HG22 sing N N 307 
THR CG2 HG23 sing N N 308 
THR OXT HXT  sing N N 309 
TYR N   CA   sing N N 310 
TYR N   H    sing N N 311 
TYR N   H2   sing N N 312 
TYR CA  C    sing N N 313 
TYR CA  CB   sing N N 314 
TYR CA  HA   sing N N 315 
TYR C   O    doub N N 316 
TYR C   OXT  sing N N 317 
TYR CB  CG   sing N N 318 
TYR CB  HB2  sing N N 319 
TYR CB  HB3  sing N N 320 
TYR CG  CD1  doub Y N 321 
TYR CG  CD2  sing Y N 322 
TYR CD1 CE1  sing Y N 323 
TYR CD1 HD1  sing N N 324 
TYR CD2 CE2  doub Y N 325 
TYR CD2 HD2  sing N N 326 
TYR CE1 CZ   doub Y N 327 
TYR CE1 HE1  sing N N 328 
TYR CE2 CZ   sing Y N 329 
TYR CE2 HE2  sing N N 330 
TYR CZ  OH   sing N N 331 
TYR OH  HH   sing N N 332 
TYR OXT HXT  sing N N 333 
VAL N   CA   sing N N 334 
VAL N   H    sing N N 335 
VAL N   H2   sing N N 336 
VAL CA  C    sing N N 337 
VAL CA  CB   sing N N 338 
VAL CA  HA   sing N N 339 
VAL C   O    doub N N 340 
VAL C   OXT  sing N N 341 
VAL CB  CG1  sing N N 342 
VAL CB  CG2  sing N N 343 
VAL CB  HB   sing N N 344 
VAL CG1 HG11 sing N N 345 
VAL CG1 HG12 sing N N 346 
VAL CG1 HG13 sing N N 347 
VAL CG2 HG21 sing N N 348 
VAL CG2 HG22 sing N N 349 
VAL CG2 HG23 sing N N 350 
VAL OXT HXT  sing N N 351 
# 
_pdbx_audit_support.funding_organization   
'National Institutes of Health/National Institute of General Medical Sciences (NIH/NIGMS)' 
_pdbx_audit_support.country                'United States' 
_pdbx_audit_support.grant_number           GM131860 
_pdbx_audit_support.ordinal                1 
# 
_pdbx_entity_instance_feature.ordinal        1 
_pdbx_entity_instance_feature.comp_id        PO4 
_pdbx_entity_instance_feature.asym_id        ? 
_pdbx_entity_instance_feature.seq_num        ? 
_pdbx_entity_instance_feature.auth_comp_id   PO4 
_pdbx_entity_instance_feature.auth_asym_id   ? 
_pdbx_entity_instance_feature.auth_seq_num   ? 
_pdbx_entity_instance_feature.feature_type   'SUBJECT OF INVESTIGATION' 
_pdbx_entity_instance_feature.details        ? 
# 
_space_group.name_H-M_alt     'C 1 2 1' 
_space_group.name_Hall        'C 2y' 
_space_group.IT_number        5 
_space_group.crystal_system   monoclinic 
_space_group.id               1 
# 
_atom_sites.entry_id                    6VSX 
_atom_sites.Cartn_transf_matrix[1][1]   ? 
_atom_sites.Cartn_transf_matrix[1][2]   ? 
_atom_sites.Cartn_transf_matrix[1][3]   ? 
_atom_sites.Cartn_transf_matrix[2][1]   ? 
_atom_sites.Cartn_transf_matrix[2][2]   ? 
_atom_sites.Cartn_transf_matrix[2][3]   ? 
_atom_sites.Cartn_transf_matrix[3][1]   ? 
_atom_sites.Cartn_transf_matrix[3][2]   ? 
_atom_sites.Cartn_transf_matrix[3][3]   ? 
_atom_sites.Cartn_transf_vector[1]      ? 
_atom_sites.Cartn_transf_vector[2]      ? 
_atom_sites.Cartn_transf_vector[3]      ? 
_atom_sites.fract_transf_matrix[1][1]   0.00638643 
_atom_sites.fract_transf_matrix[1][2]   -0.00245343 
_atom_sites.fract_transf_matrix[1][3]   -0.00664691 
_atom_sites.fract_transf_matrix[2][1]   0.01523883 
_atom_sites.fract_transf_matrix[2][2]   -0.00986594 
_atom_sites.fract_transf_matrix[2][3]   0.01828323 
_atom_sites.fract_transf_matrix[3][1]   -0.00706302 
_atom_sites.fract_transf_matrix[3][2]   -0.02114362 
_atom_sites.fract_transf_matrix[3][3]   -0.00552252 
_atom_sites.fract_transf_vector[1]      0.353040 
_atom_sites.fract_transf_vector[2]      0.691309 
_atom_sites.fract_transf_vector[3]      0.236709 
_atom_sites.solution_primary            ? 
_atom_sites.solution_secondary          ? 
_atom_sites.solution_hydrogens          ? 
_atom_sites.special_details             ? 
# 
loop_
_atom_type.symbol 
_atom_type.scat_dispersion_real 
_atom_type.scat_dispersion_imag 
_atom_type.scat_Cromer_Mann_a1 
_atom_type.scat_Cromer_Mann_a2 
_atom_type.scat_Cromer_Mann_a3 
_atom_type.scat_Cromer_Mann_a4 
_atom_type.scat_Cromer_Mann_b1 
_atom_type.scat_Cromer_Mann_b2 
_atom_type.scat_Cromer_Mann_b3 
_atom_type.scat_Cromer_Mann_b4 
_atom_type.scat_Cromer_Mann_c 
_atom_type.scat_source 
_atom_type.scat_dispersion_source 
C ? ? 3.54356 2.42580 ? ? 25.62398 1.50364  ? ? 0.0 
;2-Gaussian fit: Grosse-Kunstleve RW, Sauter NK, Adams PD: Newsletter of the IUCr Commission on Crystallographic Computing 2004, 3, 22-31.
;
? 
N ? ? 4.01032 2.96436 ? ? 19.97189 1.75589  ? ? 0.0 
;2-Gaussian fit: Grosse-Kunstleve RW, Sauter NK, Adams PD: Newsletter of the IUCr Commission on Crystallographic Computing 2004, 3, 22-31.
;
? 
O ? ? 4.49882 3.47563 ? ? 15.80542 1.70748  ? ? 0.0 
;2-Gaussian fit: Grosse-Kunstleve RW, Sauter NK, Adams PD: Newsletter of the IUCr Commission on Crystallographic Computing 2004, 3, 22-31.
;
? 
P ? ? 9.51135 5.44231 ? ? 1.42069  35.72801 ? ? 0.0 
;2-Gaussian fit: Grosse-Kunstleve RW, Sauter NK, Adams PD: Newsletter of the IUCr Commission on Crystallographic Computing 2004, 3, 22-31.
;
? 
S ? ? 9.55732 6.39887 ? ? 1.23737  29.19336 ? ? 0.0 
;2-Gaussian fit: Grosse-Kunstleve RW, Sauter NK, Adams PD: Newsletter of the IUCr Commission on Crystallographic Computing 2004, 3, 22-31.
;
? 
# 
loop_
_atom_site.group_PDB 
_atom_site.id 
_atom_site.type_symbol 
_atom_site.label_atom_id 
_atom_site.label_alt_id 
_atom_site.label_comp_id 
_atom_site.label_asym_id 
_atom_site.label_entity_id 
_atom_site.label_seq_id 
_atom_site.pdbx_PDB_ins_code 
_atom_site.Cartn_x 
_atom_site.Cartn_y 
_atom_site.Cartn_z 
_atom_site.occupancy 
_atom_site.B_iso_or_equiv 
_atom_site.pdbx_formal_charge 
_atom_site.auth_seq_id 
_atom_site.auth_comp_id 
_atom_site.auth_asym_id 
_atom_site.auth_atom_id 
_atom_site.pdbx_PDB_model_num 
ATOM   1    N N   . ARG A 1 22  ? 17.01275  -3.81540  -1.36910  1.000 50.99904 ? 608  ARG A N   1 
ATOM   2    C CA  . ARG A 1 22  ? 16.51884  -5.18012  -1.54804  1.000 50.56119 ? 608  ARG A CA  1 
ATOM   3    C C   . ARG A 1 22  ? 15.19142  -5.21067  -2.33040  1.000 44.85991 ? 608  ARG A C   1 
ATOM   4    O O   . ARG A 1 22  ? 14.73343  -6.26862  -2.78824  1.000 41.80452 ? 608  ARG A O   1 
ATOM   5    C CB  . ARG A 1 22  ? 16.36779  -5.86064  -0.18402  1.000 56.17847 ? 608  ARG A CB  1 
ATOM   6    C CG  . ARG A 1 22  ? 17.67005  -5.89617  0.62813   1.000 61.80018 ? 608  ARG A CG  1 
ATOM   7    C CD  . ARG A 1 22  ? 17.41912  -5.66923  2.11473   1.000 66.82440 ? 608  ARG A CD  1 
ATOM   8    N NE  . ARG A 1 22  ? 16.73062  -6.80660  2.72349   1.000 68.35917 ? 608  ARG A NE  1 
ATOM   9    C CZ  . ARG A 1 22  ? 17.33266  -7.91617  3.14270   1.000 72.05656 ? 608  ARG A CZ  1 
ATOM   10   N NH1 . ARG A 1 22  ? 18.64933  -8.04474  3.03527   1.000 73.88764 ? 608  ARG A NH1 1 
ATOM   11   N NH2 . ARG A 1 22  ? 16.61728  -8.89706  3.67896   1.000 74.67863 ? 608  ARG A NH2 1 
ATOM   12   N N   . SER A 1 23  ? 14.58983  -4.03491  -2.49779  1.000 36.45002 ? 609  SER A N   1 
ATOM   13   C CA  . SER A 1 23  ? 13.40389  -3.87918  -3.32203  1.000 27.70832 ? 609  SER A CA  1 
ATOM   14   C C   . SER A 1 23  ? 13.83081  -3.65680  -4.77660  1.000 32.82736 ? 609  SER A C   1 
ATOM   15   O O   . SER A 1 23  ? 15.01597  -3.71820  -5.11232  1.000 34.64854 ? 609  SER A O   1 
ATOM   16   C CB  . SER A 1 23  ? 12.54346  -2.73717  -2.77777  1.000 28.35460 ? 609  SER A CB  1 
ATOM   17   O OG  . SER A 1 23  ? 11.43031  -2.48847  -3.61693  1.000 28.58263 ? 609  SER A OG  1 
ATOM   18   N N   . THR A 1 24  ? 12.86796  -3.41189  -5.66360  1.000 25.66542 ? 610  THR A N   1 
ATOM   19   C CA  . THR A 1 24  ? 13.21437  -3.19105  -7.06092  1.000 27.22806 ? 610  THR A CA  1 
ATOM   20   C C   . THR A 1 24  ? 13.62709  -1.74298  -7.29018  1.000 25.18685 ? 610  THR A C   1 
ATOM   21   O O   . THR A 1 24  ? 13.25096  -0.83939  -6.54046  1.000 19.89712 ? 610  THR A O   1 
ATOM   22   C CB  . THR A 1 24  ? 12.05796  -3.55164  -7.99895  1.000 23.63571 ? 610  THR A CB  1 
ATOM   23   O OG1 . THR A 1 24  ? 10.96243  -2.64978  -7.79410  1.000 21.64679 ? 610  THR A OG1 1 
ATOM   24   C CG2 . THR A 1 24  ? 11.59805  -5.00156  -7.77702  1.000 23.32605 ? 610  THR A CG2 1 
ATOM   25   N N   . ARG A 1 25  ? 14.43028  -1.53523  -8.33966  1.000 24.37889 ? 611  ARG A N   1 
ATOM   26   C CA  . ARG A 1 25  ? 14.81475  -0.18484  -8.73178  1.000 24.72925 ? 611  ARG A CA  1 
ATOM   27   C C   . ARG A 1 25  ? 13.59259  0.70935   -8.91909  1.000 23.42833 ? 611  ARG A C   1 
ATOM   28   O O   . ARG A 1 25  ? 13.61339  1.88806   -8.55292  1.000 25.00966 ? 611  ARG A O   1 
ATOM   29   C CB  . ARG A 1 25  ? 15.64564  -0.23136  -10.02211 1.000 29.64229 ? 611  ARG A CB  1 
ATOM   30   C CG  . ARG A 1 25  ? 16.26567  1.10966   -10.40071 1.000 35.52507 ? 611  ARG A CG  1 
ATOM   31   C CD  . ARG A 1 25  ? 17.02538  1.05949   -11.73743 1.000 40.47152 ? 611  ARG A CD  1 
ATOM   32   N NE  . ARG A 1 25  ? 16.17468  0.65907   -12.86348 1.000 44.22278 ? 611  ARG A NE  1 
ATOM   33   C CZ  . ARG A 1 25  ? 15.36292  1.48758   -13.52485 1.000 49.51664 ? 611  ARG A CZ  1 
ATOM   34   N NH1 . ARG A 1 25  ? 14.63185  1.04009   -14.54133 1.000 46.61739 ? 611  ARG A NH1 1 
ATOM   35   N NH2 . ARG A 1 25  ? 15.27382  2.76597   -13.16802 1.000 42.60991 ? 611  ARG A NH2 1 
ATOM   36   N N   . GLN A 1 26  ? 12.51909  0.17188   -9.49880  1.000 23.04857 ? 612  GLN A N   1 
ATOM   37   C CA  . GLN A 1 26  ? 11.33878  0.99297   -9.75357  1.000 21.30807 ? 612  GLN A CA  1 
ATOM   38   C C   . GLN A 1 26  ? 10.67379  1.42212   -8.45372  1.000 18.95203 ? 612  GLN A C   1 
ATOM   39   O O   . GLN A 1 26  ? 10.19906  2.55853   -8.33537  1.000 20.19617 ? 612  GLN A O   1 
ATOM   40   C CB  . GLN A 1 26  ? 10.35373  0.23418   -10.63832 1.000 18.78100 ? 612  GLN A CB  1 
ATOM   41   C CG  . GLN A 1 26  ? 10.83428  0.03003   -12.06837 1.000 21.60876 ? 612  GLN A CG  1 
ATOM   42   C CD  . GLN A 1 26  ? 11.76701  -1.15581  -12.21684 1.000 25.52340 ? 612  GLN A CD  1 
ATOM   43   O OE1 . GLN A 1 26  ? 12.08144  -1.84942  -11.24561 1.000 21.77771 ? 612  GLN A OE1 1 
ATOM   44   N NE2 . GLN A 1 26  ? 12.22173  -1.39406  -13.44414 1.000 30.01065 ? 612  GLN A NE2 1 
ATOM   45   N N   . ILE A 1 27  ? 10.63277  0.53210   -7.46674  1.000 18.46268 ? 613  ILE A N   1 
ATOM   46   C CA  . ILE A 1 27  ? 10.05065  0.89359   -6.17982  1.000 21.19669 ? 613  ILE A CA  1 
ATOM   47   C C   . ILE A 1 27  ? 10.94692  1.88850   -5.45295  1.000 20.94254 ? 613  ILE A C   1 
ATOM   48   O O   . ILE A 1 27  ? 10.46482  2.86308   -4.85994  1.000 19.34161 ? 613  ILE A O   1 
ATOM   49   C CB  . ILE A 1 27  ? 9.79818   -0.37317  -5.33899  1.000 20.87905 ? 613  ILE A CB  1 
ATOM   50   C CG1 . ILE A 1 27  ? 8.65534   -1.19705  -5.94116  1.000 15.56774 ? 613  ILE A CG1 1 
ATOM   51   C CG2 . ILE A 1 27  ? 9.47410   -0.01761  -3.88718  1.000 16.10674 ? 613  ILE A CG2 1 
ATOM   52   C CD1 . ILE A 1 27  ? 8.56091   -2.59173  -5.36325  1.000 14.49695 ? 613  ILE A CD1 1 
ATOM   53   N N   . VAL A 1 28  ? 12.26203  1.66413   -5.48555  1.000 19.51864 ? 614  VAL A N   1 
ATOM   54   C CA  . VAL A 1 28  ? 13.18254  2.58552   -4.82064  1.000 23.60322 ? 614  VAL A CA  1 
ATOM   55   C C   . VAL A 1 28  ? 13.06197  3.99081   -5.41017  1.000 22.31124 ? 614  VAL A C   1 
ATOM   56   O O   . VAL A 1 28  ? 13.01135  4.98548   -4.67512  1.000 23.11491 ? 614  VAL A O   1 
ATOM   57   C CB  . VAL A 1 28  ? 14.62657  2.05053   -4.90055  1.000 25.31534 ? 614  VAL A CB  1 
ATOM   58   C CG1 . VAL A 1 28  ? 15.61961  3.09212   -4.38592  1.000 21.67021 ? 614  VAL A CG1 1 
ATOM   59   C CG2 . VAL A 1 28  ? 14.75189  0.76999   -4.11460  1.000 20.26157 ? 614  VAL A CG2 1 
ATOM   60   N N   . GLU A 1 29  ? 12.98119  4.09954   -6.73816  1.000 21.03152 ? 615  GLU A N   1 
ATOM   61   C CA  . GLU A 1 29  ? 12.91680  5.42465   -7.35427  1.000 27.39533 ? 615  GLU A CA  1 
ATOM   62   C C   . GLU A 1 29  ? 11.59548  6.12684   -7.03972  1.000 26.31509 ? 615  GLU A C   1 
ATOM   63   O O   . GLU A 1 29  ? 11.58207  7.32469   -6.72173  1.000 20.94650 ? 615  GLU A O   1 
ATOM   64   C CB  . GLU A 1 29  ? 13.14229  5.31247   -8.86538  1.000 24.68589 ? 615  GLU A CB  1 
ATOM   65   C CG  . GLU A 1 29  ? 14.58556  4.93139   -9.21758  1.000 29.92276 ? 615  GLU A CG  1 
ATOM   66   C CD  . GLU A 1 29  ? 14.82398  4.71459   -10.71672 1.000 38.98685 ? 615  GLU A CD  1 
ATOM   67   O OE1 . GLU A 1 29  ? 13.89245  4.93372   -11.52814 1.000 43.39209 ? 615  GLU A OE1 1 
ATOM   68   O OE2 . GLU A 1 29  ? 15.94963  4.30583   -11.07779 1.000 37.84183 ? 615  GLU A OE2 1 
ATOM   69   N N   . PHE A 1 30  ? 10.47650  5.39837   -7.11903  1.000 22.22129 ? 616  PHE A N   1 
ATOM   70   C CA  . PHE A 1 30  ? 9.19100   5.95063   -6.69713  1.000 21.00496 ? 616  PHE A CA  1 
ATOM   71   C C   . PHE A 1 30  ? 9.25341   6.47426   -5.26626  1.000 19.82833 ? 616  PHE A C   1 
ATOM   72   O O   . PHE A 1 30  ? 8.86531   7.61624   -4.99369  1.000 21.49266 ? 616  PHE A O   1 
ATOM   73   C CB  . PHE A 1 30  ? 8.10242   4.88205   -6.83462  1.000 21.28334 ? 616  PHE A CB  1 
ATOM   74   C CG  . PHE A 1 30  ? 6.72556   5.35582   -6.46022  1.000 18.18043 ? 616  PHE A CG  1 
ATOM   75   C CD1 . PHE A 1 30  ? 6.26504   5.24825   -5.14720  1.000 21.14077 ? 616  PHE A CD1 1 
ATOM   76   C CD2 . PHE A 1 30  ? 5.88224   5.88417   -7.41561  1.000 18.98417 ? 616  PHE A CD2 1 
ATOM   77   C CE1 . PHE A 1 30  ? 4.98400   5.67570   -4.80769  1.000 21.24976 ? 616  PHE A CE1 1 
ATOM   78   C CE2 . PHE A 1 30  ? 4.59688   6.30782   -7.08654  1.000 19.92638 ? 616  PHE A CE2 1 
ATOM   79   C CZ  . PHE A 1 30  ? 4.14849   6.20230   -5.78113  1.000 21.09439 ? 616  PHE A CZ  1 
ATOM   80   N N   . THR A 1 31  ? 9.74066   5.65689   -4.33222  1.000 19.45389 ? 617  THR A N   1 
ATOM   81   C CA  . THR A 1 31  ? 9.68269   6.06156   -2.93228  1.000 19.66974 ? 617  THR A CA  1 
ATOM   82   C C   . THR A 1 31  ? 10.66104  7.19532   -2.63095  1.000 23.50237 ? 617  THR A C   1 
ATOM   83   O O   . THR A 1 31  ? 10.36326  8.07586   -1.81297  1.000 24.38408 ? 617  THR A O   1 
ATOM   84   C CB  . THR A 1 31  ? 9.94056   4.86777   -2.01480  1.000 21.15793 ? 617  THR A CB  1 
ATOM   85   O OG1 . THR A 1 31  ? 11.21837  4.28590   -2.29766  1.000 23.62103 ? 617  THR A OG1 1 
ATOM   86   C CG2 . THR A 1 31  ? 8.85238   3.82161   -2.17620  1.000 22.81193 ? 617  THR A CG2 1 
ATOM   87   N N   . LYS A 1 32  ? 11.83636  7.18808   -3.26621  1.000 21.83567 ? 618  LYS A N   1 
ATOM   88   C CA  . LYS A 1 32  ? 12.78558  8.28157   -3.06357  1.000 25.54980 ? 618  LYS A CA  1 
ATOM   89   C C   . LYS A 1 32  ? 12.16712  9.61986   -3.45591  1.000 24.18178 ? 618  LYS A C   1 
ATOM   90   O O   . LYS A 1 32  ? 12.34045  10.62551  -2.75618  1.000 27.56824 ? 618  LYS A O   1 
ATOM   91   C CB  . LYS A 1 32  ? 14.06574  8.02556   -3.86338  1.000 25.38781 ? 618  LYS A CB  1 
ATOM   92   C CG  . LYS A 1 32  ? 15.10700  7.15671   -3.15715  1.000 29.74196 ? 618  LYS A CG  1 
ATOM   93   C CD  . LYS A 1 32  ? 16.43750  7.17199   -3.92231  1.000 41.06202 ? 618  LYS A CD  1 
ATOM   94   C CE  . LYS A 1 32  ? 17.49982  6.29509   -3.25818  1.000 44.01026 ? 618  LYS A CE  1 
ATOM   95   N NZ  . LYS A 1 32  ? 18.38589  5.59003   -4.24066  1.000 43.92294 ? 618  LYS A NZ  1 
ATOM   96   N N   . ALA A 1 33  ? 11.40805  9.63523   -4.55156  1.000 23.15108 ? 619  ALA A N   1 
ATOM   97   C CA  . ALA A 1 33  ? 10.75755  10.84491  -5.03732  1.000 25.28691 ? 619  ALA A CA  1 
ATOM   98   C C   . ALA A 1 33  ? 9.72731   11.38838  -4.06235  1.000 34.05721 ? 619  ALA A C   1 
ATOM   99   O O   . ALA A 1 33  ? 9.28074   12.53119  -4.22298  1.000 31.91614 ? 619  ALA A O   1 
ATOM   100  C CB  . ALA A 1 33  ? 10.08589  10.56575  -6.38038  1.000 24.79453 ? 619  ALA A CB  1 
ATOM   101  N N   . MET A 1 34  ? 9.31590   10.58773  -3.07921  1.000 31.60019 ? 620  MET A N   1 
ATOM   102  C CA  . MET A 1 34  ? 8.37880   11.05128  -2.06797  1.000 31.91151 ? 620  MET A CA  1 
ATOM   103  C C   . MET A 1 34  ? 9.05396   11.89641  -1.00551  1.000 35.25274 ? 620  MET A C   1 
ATOM   104  O O   . MET A 1 34  ? 8.36634   12.63918  -0.30086  1.000 40.08343 ? 620  MET A O   1 
ATOM   105  C CB  . MET A 1 34  ? 7.68364   9.86028   -1.39590  1.000 29.90055 ? 620  MET A CB  1 
ATOM   106  C CG  . MET A 1 34  ? 6.57857   9.22985   -2.20936  1.000 29.91672 ? 620  MET A CG  1 
ATOM   107  S SD  . MET A 1 34  ? 5.63929   7.96192   -1.30007  1.000 29.06009 ? 620  MET A SD  1 
ATOM   108  C CE  . MET A 1 34  ? 4.11569   8.03502   -2.21090  1.000 24.76418 ? 620  MET A CE  1 
ATOM   109  N N   . LEU A 1 35  ? 10.37388  11.78865  -0.86991  1.000 37.45951 ? 621  LEU A N   1 
ATOM   110  C CA  . LEU A 1 35  ? 11.14938  12.52852  0.12419   1.000 39.74536 ? 621  LEU A CA  1 
ATOM   111  C C   . LEU A 1 35  ? 11.73553  13.81206  -0.44120  1.000 52.72126 ? 621  LEU A C   1 
ATOM   112  O O   . LEU A 1 35  ? 12.86766  14.17385  -0.11086  1.000 61.45416 ? 621  LEU A O   1 
ATOM   113  C CB  . LEU A 1 35  ? 12.26636  11.65535  0.67904   1.000 42.59547 ? 621  LEU A CB  1 
ATOM   114  C CG  . LEU A 1 35  ? 11.89780  10.35664  1.38762   1.000 32.40949 ? 621  LEU A CG  1 
ATOM   115  C CD1 . LEU A 1 35  ? 13.16035  9.55768   1.62627   1.000 37.72212 ? 621  LEU A CD1 1 
ATOM   116  C CD2 . LEU A 1 35  ? 11.19089  10.64061  2.69305   1.000 40.71115 ? 621  LEU A CD2 1 
ATOM   117  N N   . GLN A 1 36  ? 10.99366  14.52003  -1.29581  1.000 55.45083 ? 622  GLN A N   1 
ATOM   118  C CA  . GLN A 1 36  ? 11.51890  15.74745  -1.88657  1.000 65.15193 ? 622  GLN A CA  1 
ATOM   119  C C   . GLN A 1 36  ? 11.88888  16.77751  -0.82215  1.000 69.58959 ? 622  GLN A C   1 
ATOM   120  O O   . GLN A 1 36  ? 12.75785  17.62587  -1.05814  1.000 77.97258 ? 622  GLN A O   1 
ATOM   121  C CB  . GLN A 1 36  ? 10.50407  16.32744  -2.87733  1.000 65.19475 ? 622  GLN A CB  1 
ATOM   122  C CG  . GLN A 1 36  ? 9.24293   16.89472  -2.23907  1.000 64.79865 ? 622  GLN A CG  1 
ATOM   123  C CD  . GLN A 1 36  ? 8.03923   15.99284  -2.42182  1.000 63.86577 ? 622  GLN A CD  1 
ATOM   124  O OE1 . GLN A 1 36  ? 8.09685   15.00765  -3.16188  1.000 62.30319 ? 622  GLN A OE1 1 
ATOM   125  N NE2 . GLN A 1 36  ? 6.94063   16.31940  -1.74065  1.000 56.65319 ? 622  GLN A NE2 1 
ATOM   126  N N   . ASP A 1 37  ? 11.25912  16.71325  0.34997   1.000 68.97780 ? 623  ASP A N   1 
ATOM   127  C CA  . ASP A 1 37  ? 11.60357  17.59496  1.46437   1.000 68.86012 ? 623  ASP A CA  1 
ATOM   128  C C   . ASP A 1 37  ? 12.39529  16.85605  2.53948   1.000 70.39540 ? 623  ASP A C   1 
ATOM   129  O O   . ASP A 1 37  ? 13.62655  16.83938  2.51925   1.000 66.20588 ? 623  ASP A O   1 
ATOM   130  C CB  . ASP A 1 37  ? 10.34446  18.21024  2.07965   1.000 66.50293 ? 623  ASP A CB  1 
ATOM   131  C CG  . ASP A 1 37  ? 9.68951   19.23719  1.17096   1.000 72.17127 ? 623  ASP A CG  1 
ATOM   132  O OD1 . ASP A 1 37  ? 9.65485   19.01834  -0.05923  1.000 69.66028 ? 623  ASP A OD1 1 
ATOM   133  O OD2 . ASP A 1 37  ? 9.21561   20.27133  1.69140   1.000 71.99297 ? 623  ASP A OD2 1 
ATOM   134  N N   . ASN A 1 45  ? 17.98641  -2.68615  -6.87699  1.000 46.05733 ? 631  ASN A N   1 
ATOM   135  C CA  . ASN A 1 45  ? 18.74535  -2.71564  -8.12252  1.000 50.70686 ? 631  ASN A CA  1 
ATOM   136  C C   . ASN A 1 45  ? 18.14957  -3.73053  -9.10145  1.000 46.73040 ? 631  ASN A C   1 
ATOM   137  O O   . ASN A 1 45  ? 18.26926  -3.57227  -10.31836 1.000 51.38154 ? 631  ASN A O   1 
ATOM   138  C CB  . ASN A 1 45  ? 20.21510  -3.03148  -7.84602  1.000 53.67682 ? 631  ASN A CB  1 
ATOM   139  C CG  . ASN A 1 45  ? 20.84847  -2.04868  -6.88483  1.000 63.53754 ? 631  ASN A CG  1 
ATOM   140  O OD1 . ASN A 1 45  ? 21.60740  -1.16353  -7.29372  1.000 66.04395 ? 631  ASN A OD1 1 
ATOM   141  N ND2 . ASN A 1 45  ? 20.54360  -2.19724  -5.59653  1.000 62.17863 ? 631  ASN A ND2 1 
ATOM   142  N N   . ARG A 1 46  ? 17.52439  -4.77297  -8.55576  1.000 47.09042 ? 632  ARG A N   1 
ATOM   143  C CA  . ARG A 1 46  ? 16.70578  -5.67188  -9.35154  1.000 36.14844 ? 632  ARG A CA  1 
ATOM   144  C C   . ARG A 1 46  ? 15.59112  -4.88986  -10.03042 1.000 29.89994 ? 632  ARG A C   1 
ATOM   145  O O   . ARG A 1 46  ? 15.21308  -3.80198  -9.59797  1.000 31.16308 ? 632  ARG A O   1 
ATOM   146  C CB  . ARG A 1 46  ? 16.08623  -6.75416  -8.47212  1.000 41.33438 ? 632  ARG A CB  1 
ATOM   147  C CG  . ARG A 1 46  ? 17.06798  -7.55783  -7.63664  1.000 52.19050 ? 632  ARG A CG  1 
ATOM   148  C CD  . ARG A 1 46  ? 16.32239  -8.56381  -6.76065  1.000 55.82687 ? 632  ARG A CD  1 
ATOM   149  N NE  . ARG A 1 46  ? 15.41287  -7.90384  -5.82814  1.000 57.24014 ? 632  ARG A NE  1 
ATOM   150  C CZ  . ARG A 1 46  ? 14.08604  -7.92203  -5.93129  1.000 55.71429 ? 632  ARG A CZ  1 
ATOM   151  N NH1 . ARG A 1 46  ? 13.34004  -7.29154  -5.03388  1.000 54.43308 ? 632  ARG A NH1 1 
ATOM   152  N NH2 . ARG A 1 46  ? 13.50382  -8.56127  -6.93657  1.000 54.03333 ? 632  ARG A NH2 1 
ATOM   153  N N   . SER A 1 47  ? 15.04202  -5.46642  -11.09471 1.000 30.00394 ? 633  SER A N   1 
ATOM   154  C CA  . SER A 1 47  ? 13.96621  -4.83823  -11.84776 1.000 26.04432 ? 633  SER A CA  1 
ATOM   155  C C   . SER A 1 47  ? 12.62319  -5.50423  -11.55232 1.000 26.16514 ? 633  SER A C   1 
ATOM   156  O O   . SER A 1 47  ? 12.55579  -6.68169  -11.18677 1.000 25.59951 ? 633  SER A O   1 
ATOM   157  C CB  . SER A 1 47  ? 14.25889  -4.89888  -13.34674 1.000 26.03870 ? 633  SER A CB  1 
ATOM   158  O OG  . SER A 1 47  ? 13.21667  -4.29177  -14.08652 1.000 28.45874 ? 633  SER A OG  1 
ATOM   159  N N   . GLY A 1 48  ? 11.54956  -4.73202  -11.71014 1.000 22.80167 ? 634  GLY A N   1 
ATOM   160  C CA  . GLY A 1 48  ? 10.20642  -5.23268  -11.48987 1.000 24.81749 ? 634  GLY A CA  1 
ATOM   161  C C   . GLY A 1 48  ? 9.21235   -4.31464  -12.16161 1.000 24.12845 ? 634  GLY A C   1 
ATOM   162  O O   . GLY A 1 48  ? 9.58530   -3.33789  -12.81329 1.000 26.24490 ? 634  GLY A O   1 
ATOM   163  N N   . GLU A 1 49  ? 7.93008   -4.64039  -11.99809 1.000 26.08387 ? 635  GLU A N   1 
ATOM   164  C CA  . GLU A 1 49  ? 6.86431   -3.83594  -12.58491 1.000 27.32033 ? 635  GLU A CA  1 
ATOM   165  C C   . GLU A 1 49  ? 6.82682   -2.44573  -11.96169 1.000 26.72474 ? 635  GLU A C   1 
ATOM   166  O O   . GLU A 1 49  ? 7.25224   -2.23701  -10.81945 1.000 21.53570 ? 635  GLU A O   1 
ATOM   167  C CB  . GLU A 1 49  ? 5.50824   -4.51318  -12.39226 1.000 31.67431 ? 635  GLU A CB  1 
ATOM   168  C CG  . GLU A 1 49  ? 5.50431   -5.99773  -12.72459 1.000 39.94871 ? 635  GLU A CG  1 
ATOM   169  C CD  . GLU A 1 49  ? 5.14082   -6.29243  -14.17173 1.000 45.38251 ? 635  GLU A CD  1 
ATOM   170  O OE1 . GLU A 1 49  ? 5.01634   -5.33745  -14.97425 1.000 43.68511 ? 635  GLU A OE1 1 
ATOM   171  O OE2 . GLU A 1 49  ? 4.97001   -7.48857  -14.50042 1.000 44.31275 ? 635  GLU A OE2 1 
ATOM   172  N N   . MET A 1 50  ? 6.29898   -1.49421  -12.72885 1.000 26.84182 ? 636  MET A N   1 
ATOM   173  C CA  . MET A 1 50  ? 6.18131   -0.12280  -12.25845 1.000 29.10238 ? 636  MET A CA  1 
ATOM   174  C C   . MET A 1 50  ? 5.16544   -0.03967  -11.12101 1.000 24.48676 ? 636  MET A C   1 
ATOM   175  O O   . MET A 1 50  ? 4.10952   -0.68012  -11.19011 1.000 22.18394 ? 636  MET A O   1 
ATOM   176  C CB  . MET A 1 50  ? 5.72449   0.78998   -13.39224 1.000 26.89192 ? 636  MET A CB  1 
ATOM   177  C CG  . MET A 1 50  ? 6.64012   0.80402   -14.58422 1.000 33.29718 ? 636  MET A CG  1 
ATOM   178  S SD  . MET A 1 50  ? 8.07743   1.79204   -14.19581 1.000 34.13908 ? 636  MET A SD  1 
ATOM   179  C CE  . MET A 1 50  ? 7.35011   3.41888   -14.16968 1.000 29.37699 ? 636  MET A CE  1 
ATOM   180  N N   . PRO A 1 51  ? 5.43614   0.76480   -10.09158 1.000 22.20512 ? 637  PRO A N   1 
ATOM   181  C CA  . PRO A 1 51  ? 4.40476   1.04944   -9.08205  1.000 23.69916 ? 637  PRO A CA  1 
ATOM   182  C C   . PRO A 1 51  ? 3.11222   1.53592   -9.72508  1.000 22.21900 ? 637  PRO A C   1 
ATOM   183  O O   . PRO A 1 51  ? 3.12067   2.22622   -10.74392 1.000 22.63380 ? 637  PRO A O   1 
ATOM   184  C CB  . PRO A 1 51  ? 5.05240   2.13638   -8.21640  1.000 21.60061 ? 637  PRO A CB  1 
ATOM   185  C CG  . PRO A 1 51  ? 6.53451   1.88890   -8.36506  1.000 20.58487 ? 637  PRO A CG  1 
ATOM   186  C CD  . PRO A 1 51  ? 6.70763   1.44960   -9.79275  1.000 23.50730 ? 637  PRO A CD  1 
ATOM   187  N N   . LEU A 1 52  ? 1.98913   1.14645   -9.13554  1.000 23.83292 ? 638  LEU A N   1 
ATOM   188  C CA  . LEU A 1 52  ? 0.67080   1.45844   -9.67288  1.000 21.13413 ? 638  LEU A CA  1 
ATOM   189  C C   . LEU A 1 52  ? -0.03699  2.42120   -8.73275  1.000 23.65544 ? 638  LEU A C   1 
ATOM   190  O O   . LEU A 1 52  ? -0.06285  2.18883   -7.52069  1.000 19.27453 ? 638  LEU A O   1 
ATOM   191  C CB  . LEU A 1 52  ? -0.14592  0.17495   -9.84836  1.000 23.94273 ? 638  LEU A CB  1 
ATOM   192  C CG  . LEU A 1 52  ? -1.60009  0.28195   -10.31618 1.000 25.04609 ? 638  LEU A CG  1 
ATOM   193  C CD1 . LEU A 1 52  ? -1.66537  0.53475   -11.81601 1.000 32.58359 ? 638  LEU A CD1 1 
ATOM   194  C CD2 . LEU A 1 52  ? -2.35362  -0.99199  -9.95920  1.000 28.99500 ? 638  LEU A CD2 1 
ATOM   195  N N   . VAL A 1 53  ? -0.60410  3.49861   -9.28336  1.000 19.89023 ? 639  VAL A N   1 
ATOM   196  C CA  . VAL A 1 53  ? -1.39266  4.46753   -8.51714  1.000 19.82444 ? 639  VAL A CA  1 
ATOM   197  C C   . VAL A 1 53  ? -2.83047  4.39514   -9.01794  1.000 21.53692 ? 639  VAL A C   1 
ATOM   198  O O   . VAL A 1 53  ? -3.06868  4.45939   -10.22960 1.000 22.77700 ? 639  VAL A O   1 
ATOM   199  C CB  . VAL A 1 53  ? -0.83881  5.90114   -8.65249  1.000 20.56581 ? 639  VAL A CB  1 
ATOM   200  C CG1 . VAL A 1 53  ? -1.77075  6.90350   -7.96086  1.000 20.46067 ? 639  VAL A CG1 1 
ATOM   201  C CG2 . VAL A 1 53  ? 0.58845   6.00649   -8.09139  1.000 21.27319 ? 639  VAL A CG2 1 
ATOM   202  N N   . VAL A 1 54  ? -3.78978  4.24879   -8.10066  1.000 19.39006 ? 640  VAL A N   1 
ATOM   203  C CA  . VAL A 1 54  ? -5.18134  3.97927   -8.47885  1.000 19.21827 ? 640  VAL A CA  1 
ATOM   204  C C   . VAL A 1 54  ? -6.10458  4.96618   -7.77316  1.000 21.05574 ? 640  VAL A C   1 
ATOM   205  O O   . VAL A 1 54  ? -6.16049  4.99631   -6.53817  1.000 19.36029 ? 640  VAL A O   1 
ATOM   206  C CB  . VAL A 1 54  ? -5.60558  2.53309   -8.15817  1.000 20.18820 ? 640  VAL A CB  1 
ATOM   207  C CG1 . VAL A 1 54  ? -7.04646  2.28571   -8.61040  1.000 18.20894 ? 640  VAL A CG1 1 
ATOM   208  C CG2 . VAL A 1 54  ? -4.65966  1.52494   -8.83432  1.000 24.40081 ? 640  VAL A CG2 1 
ATOM   209  N N   . LYS A 1 55  ? -6.86010  5.73067   -8.55596  1.000 18.42232 ? 641  LYS A N   1 
ATOM   210  C CA  . LYS A 1 55  ? -7.83638  6.68162   -8.04036  1.000 19.26081 ? 641  LYS A CA  1 
ATOM   211  C C   . LYS A 1 55  ? -9.19337  6.00225   -7.88151  1.000 21.20498 ? 641  LYS A C   1 
ATOM   212  O O   . LYS A 1 55  ? -9.63729  5.26914   -8.76838  1.000 20.66796 ? 641  LYS A O   1 
ATOM   213  C CB  . LYS A 1 55  ? -7.94828  7.88119   -8.98627  1.000 23.27557 ? 641  LYS A CB  1 
ATOM   214  C CG  . LYS A 1 55  ? -8.90893  8.97784   -8.54140  1.000 26.53606 ? 641  LYS A CG  1 
ATOM   215  C CD  . LYS A 1 55  ? -9.09610  10.00827  -9.65622  1.000 30.97764 ? 641  LYS A CD  1 
ATOM   216  C CE  . LYS A 1 55  ? -10.09665 11.08110  -9.27377  1.000 41.64728 ? 641  LYS A CE  1 
ATOM   217  N NZ  . LYS A 1 55  ? -10.75080 11.67747  -10.47404 1.000 50.09211 ? 641  LYS A NZ  1 
ATOM   218  N N   . THR A 1 56  ? -9.84643  6.24257   -6.74715  1.000 17.68146 ? 642  THR A N   1 
ATOM   219  C CA  . THR A 1 56  ? -11.16253 5.69018   -6.47028  1.000 17.69545 ? 642  THR A CA  1 
ATOM   220  C C   . THR A 1 56  ? -12.03146 6.78932   -5.87153  1.000 21.22459 ? 642  THR A C   1 
ATOM   221  O O   . THR A 1 56  ? -11.54101 7.85176   -5.47720  1.000 20.31531 ? 642  THR A O   1 
ATOM   222  C CB  . THR A 1 56  ? -11.08373 4.47050   -5.52642  1.000 22.51482 ? 642  THR A CB  1 
ATOM   223  O OG1 . THR A 1 56  ? -10.63219 4.88780   -4.23626  1.000 23.11562 ? 642  THR A OG1 1 
ATOM   224  C CG2 . THR A 1 56  ? -10.11489 3.42246   -6.06484  1.000 19.84714 ? 642  THR A CG2 1 
ATOM   225  N N   . GLU A 1 57  ? -13.33289 6.50041   -5.77187  1.000 22.55361 ? 643  GLU A N   1 
ATOM   226  C CA  . GLU A 1 57  ? -14.36519 7.46207   -5.38438  1.000 25.42244 ? 643  GLU A CA  1 
ATOM   227  C C   . GLU A 1 57  ? -14.74260 7.40389   -3.91257  1.000 26.58456 ? 643  GLU A C   1 
ATOM   228  O O   . GLU A 1 57  ? -15.34440 8.36132   -3.40348  1.000 25.07786 ? 643  GLU A O   1 
ATOM   229  C CB  . GLU A 1 57  ? -15.64354 7.19777   -6.18378  1.000 31.07182 ? 643  GLU A CB  1 
ATOM   230  C CG  . GLU A 1 57  ? -16.05092 5.72928   -6.02848  1.000 37.29015 ? 643  GLU A CG  1 
ATOM   231  C CD  . GLU A 1 57  ? -17.21018 5.28756   -6.89328  1.000 42.10803 ? 643  GLU A CD  1 
ATOM   232  O OE1 . GLU A 1 57  ? -16.97954 4.45106   -7.80514  1.000 43.95319 ? 643  GLU A OE1 1 
ATOM   233  O OE2 . GLU A 1 57  ? -18.34875 5.72871   -6.62265  1.000 42.93038 ? 643  GLU A OE2 1 
ATOM   234  N N   . GLY A 1 58  ? -14.45943 6.29550   -3.24028  1.000 21.99119 ? 644  GLY A N   1 
ATOM   235  C CA  . GLY A 1 58  ? -14.97533 6.06973   -1.90068  1.000 24.02695 ? 644  GLY A CA  1 
ATOM   236  C C   . GLY A 1 58  ? -14.46282 4.74317   -1.38826  1.000 24.50524 ? 644  GLY A C   1 
ATOM   237  O O   . GLY A 1 58  ? -13.93932 3.92055   -2.14770  1.000 23.63465 ? 644  GLY A O   1 
ATOM   238  N N   . HIS A 1 59  ? -14.62520 4.54436   -0.07436  1.000 25.75380 ? 645  HIS A N   1 
ATOM   239  C CA  . HIS A 1 59  ? -14.06926 3.35244   0.56603   1.000 26.12359 ? 645  HIS A CA  1 
ATOM   240  C C   . HIS A 1 59  ? -14.61572 2.05256   -0.02961  1.000 23.37664 ? 645  HIS A C   1 
ATOM   241  O O   . HIS A 1 59  ? -13.90181 1.04290   -0.05479  1.000 22.07591 ? 645  HIS A O   1 
ATOM   242  C CB  . HIS A 1 59  ? -14.30357 3.39973   2.08257   1.000 27.05148 ? 645  HIS A CB  1 
ATOM   243  C CG  . HIS A 1 59  ? -15.74520 3.50285   2.48733   1.000 30.05037 ? 645  HIS A CG  1 
ATOM   244  N ND1 . HIS A 1 59  ? -16.57633 2.40566   2.57784   1.000 33.99764 ? 645  HIS A ND1 1 
ATOM   245  C CD2 . HIS A 1 59  ? -16.49253 4.57175   2.85599   1.000 27.36276 ? 645  HIS A CD2 1 
ATOM   246  C CE1 . HIS A 1 59  ? -17.77939 2.79710   2.96282   1.000 31.02958 ? 645  HIS A CE1 1 
ATOM   247  N NE2 . HIS A 1 59  ? -17.75358 4.10611   3.14231   1.000 33.71250 ? 645  HIS A NE2 1 
ATOM   248  N N   . GLU A 1 60  ? -15.85847 2.04244   -0.52245  1.000 20.96333 ? 646  GLU A N   1 
ATOM   249  C CA  . GLU A 1 60  ? -16.40665 0.79631   -1.06899  1.000 22.33873 ? 646  GLU A CA  1 
ATOM   250  C C   . GLU A 1 60  ? -15.80963 0.47142   -2.43009  1.000 23.60780 ? 646  GLU A C   1 
ATOM   251  O O   . GLU A 1 60  ? -15.43642 -0.67743  -2.69929  1.000 25.28930 ? 646  GLU A O   1 
ATOM   252  C CB  . GLU A 1 60  ? -17.92884 0.87069   -1.17247  1.000 28.62923 ? 646  GLU A CB  1 
ATOM   253  C CG  . GLU A 1 60  ? -18.62579 0.79702   0.16103   1.000 34.45670 ? 646  GLU A CG  1 
ATOM   254  C CD  . GLU A 1 60  ? -20.09122 0.50937   0.00904   1.000 45.75094 ? 646  GLU A CD  1 
ATOM   255  O OE1 . GLU A 1 60  ? -20.42524 -0.57237  -0.52650  1.000 51.48661 ? 646  GLU A OE1 1 
ATOM   256  O OE2 . GLU A 1 60  ? -20.90403 1.37927   0.40518   1.000 49.43092 ? 646  GLU A OE2 1 
ATOM   257  N N   . SER A 1 61  ? -15.73984 1.46269   -3.31932  1.000 21.38065 ? 647  SER A N   1 
ATOM   258  C CA  . SER A 1 61  ? -15.07905 1.24346   -4.59940  1.000 24.84116 ? 647  SER A CA  1 
ATOM   259  C C   . SER A 1 61  ? -13.58669 0.98662   -4.42033  1.000 21.27606 ? 647  SER A C   1 
ATOM   260  O O   . SER A 1 61  ? -12.98830 0.20421   -5.17752  1.000 19.41524 ? 647  SER A O   1 
ATOM   261  C CB  . SER A 1 61  ? -15.30633 2.44775   -5.50681  1.000 26.59186 ? 647  SER A CB  1 
ATOM   262  O OG  . SER A 1 61  ? -14.39369 2.42334   -6.58400  1.000 35.16587 ? 647  SER A OG  1 
ATOM   263  N N   . LEU A 1 62  ? -12.97781 1.64045   -3.43027  1.000 21.78748 ? 648  LEU A N   1 
ATOM   264  C CA  . LEU A 1 62  ? -11.59087 1.35894   -3.07899  1.000 19.92571 ? 648  LEU A CA  1 
ATOM   265  C C   . LEU A 1 62  ? -11.41190 -0.11469  -2.73306  1.000 21.14360 ? 648  LEU A C   1 
ATOM   266  O O   . LEU A 1 62  ? -10.57855 -0.81176  -3.32837  1.000 20.30394 ? 648  LEU A O   1 
ATOM   267  C CB  . LEU A 1 62  ? -11.16710 2.25110   -1.91342  1.000 18.86233 ? 648  LEU A CB  1 
ATOM   268  C CG  . LEU A 1 62  ? -9.92718  1.81005   -1.13439  1.000 23.37255 ? 648  LEU A CG  1 
ATOM   269  C CD1 . LEU A 1 62  ? -8.72773  1.89100   -2.04964  1.000 20.08754 ? 648  LEU A CD1 1 
ATOM   270  C CD2 . LEU A 1 62  ? -9.72210  2.66238   0.11115   1.000 18.46051 ? 648  LEU A CD2 1 
ATOM   271  N N   . CYS A 1 63  ? -12.22803 -0.62271  -1.80841  1.000 19.50516 ? 649  CYS A N   1 
ATOM   272  C CA  . CYS A 1 63  ? -12.05342 -2.00338  -1.36657  1.000 19.80125 ? 649  CYS A CA  1 
ATOM   273  C C   . CYS A 1 63  ? -12.33124 -2.99638  -2.48666  1.000 21.73844 ? 649  CYS A C   1 
ATOM   274  O O   . CYS A 1 63  ? -11.68086 -4.04392  -2.56099  1.000 19.43617 ? 649  CYS A O   1 
ATOM   275  C CB  . CYS A 1 63  ? -12.94039 -2.26647  -0.16016  1.000 17.97934 ? 649  CYS A CB  1 
ATOM   276  S SG  . CYS A 1 63  ? -12.25175 -1.50549  1.28889   1.000 18.94522 ? 649  CYS A SG  1 
ATOM   277  N N   . GLN A 1 64  ? -13.26613 -2.67460  -3.38126  1.000 22.04305 ? 650  GLN A N   1 
ATOM   278  C CA  . GLN A 1 64  ? -13.52330 -3.53168  -4.53762  1.000 24.01005 ? 650  GLN A CA  1 
ATOM   279  C C   . GLN A 1 64  ? -12.30364 -3.60700  -5.45695  1.000 25.10485 ? 650  GLN A C   1 
ATOM   280  O O   . GLN A 1 64  ? -11.88889 -4.69484  -5.88734  1.000 23.75129 ? 650  GLN A O   1 
ATOM   281  C CB  . GLN A 1 64  ? -14.74034 -3.00138  -5.29213  1.000 25.64965 ? 650  GLN A CB  1 
ATOM   282  C CG  . GLN A 1 64  ? -15.13276 -3.77950  -6.52458  1.000 34.63922 ? 650  GLN A CG  1 
ATOM   283  C CD  . GLN A 1 64  ? -16.36898 -3.17871  -7.17380  1.000 48.22493 ? 650  GLN A CD  1 
ATOM   284  O OE1 . GLN A 1 64  ? -17.06564 -2.35785  -6.56382  1.000 43.07880 ? 650  GLN A OE1 1 
ATOM   285  N NE2 . GLN A 1 64  ? -16.64056 -3.56802  -8.41476  1.000 52.86609 ? 650  GLN A NE2 1 
ATOM   286  N N   . LYS A 1 65  ? -11.71268 -2.45650  -5.77139  1.000 23.98874 ? 651  LYS A N   1 
ATOM   287  C CA  . LYS A 1 65  ? -10.56100 -2.45930  -6.66208  1.000 23.82154 ? 651  LYS A CA  1 
ATOM   288  C C   . LYS A 1 65  ? -9.33453  -3.04255  -5.98111  1.000 17.19541 ? 651  LYS A C   1 
ATOM   289  O O   . LYS A 1 65  ? -8.49494  -3.65466  -6.64797  1.000 18.72588 ? 651  LYS A O   1 
ATOM   290  C CB  . LYS A 1 65  ? -10.27383 -1.04308  -7.16172  1.000 25.33827 ? 651  LYS A CB  1 
ATOM   291  C CG  . LYS A 1 65  ? -11.35692 -0.47194  -8.07606  1.000 27.21192 ? 651  LYS A CG  1 
ATOM   292  C CD  . LYS A 1 65  ? -10.95488 0.90940   -8.57404  1.000 34.88723 ? 651  LYS A CD  1 
ATOM   293  C CE  . LYS A 1 65  ? -11.96277 1.49426   -9.56208  1.000 45.09872 ? 651  LYS A CE  1 
ATOM   294  N NZ  . LYS A 1 65  ? -11.81167 0.91700   -10.92906 1.000 48.39003 ? 651  LYS A NZ  1 
ATOM   295  N N   . LEU A 1 66  ? -9.20002  -2.84575  -4.66703  1.000 17.11941 ? 652  LEU A N   1 
ATOM   296  C CA  . LEU A 1 66  ? -8.14230  -3.53017  -3.92954  1.000 19.76035 ? 652  LEU A CA  1 
ATOM   297  C C   . LEU A 1 66  ? -8.28967  -5.04300  -4.05718  1.000 20.98653 ? 652  LEU A C   1 
ATOM   298  O O   . LEU A 1 66  ? -7.30687  -5.76172  -4.29974  1.000 15.79903 ? 652  LEU A O   1 
ATOM   299  C CB  . LEU A 1 66  ? -8.18217  -3.11426  -2.45782  1.000 19.25752 ? 652  LEU A CB  1 
ATOM   300  C CG  . LEU A 1 66  ? -7.51465  -1.79955  -2.04970  1.000 19.70874 ? 652  LEU A CG  1 
ATOM   301  C CD1 . LEU A 1 66  ? -7.92569  -1.44087  -0.64119  1.000 17.17218 ? 652  LEU A CD1 1 
ATOM   302  C CD2 . LEU A 1 66  ? -6.00892  -1.92535  -2.13546  1.000 16.84230 ? 652  LEU A CD2 1 
ATOM   303  N N   . ALA A 1 67  ? -9.52348  -5.54045  -3.91219  1.000 18.44162 ? 653  ALA A N   1 
ATOM   304  C CA  . ALA A 1 67  ? -9.75118  -6.97718  -3.96769  1.000 20.71347 ? 653  ALA A CA  1 
ATOM   305  C C   . ALA A 1 67  ? -9.40158  -7.53583  -5.34160  1.000 18.79272 ? 653  ALA A C   1 
ATOM   306  O O   . ALA A 1 67  ? -8.82048  -8.61979  -5.44619  1.000 20.85057 ? 653  ALA A O   1 
ATOM   307  C CB  . ALA A 1 67  ? -11.20165 -7.28748  -3.60725  1.000 18.70034 ? 653  ALA A CB  1 
ATOM   308  N N   . GLN A 1 68  ? -9.74804  -6.80649  -6.40404  1.000 21.82348 ? 654  GLN A N   1 
ATOM   309  C CA  . GLN A 1 68  ? -9.37697  -7.23026  -7.74952  1.000 21.75169 ? 654  GLN A CA  1 
ATOM   310  C C   . GLN A 1 68  ? -7.86449  -7.24325  -7.92993  1.000 21.37016 ? 654  GLN A C   1 
ATOM   311  O O   . GLN A 1 68  ? -7.30907  -8.18465  -8.50782  1.000 19.45687 ? 654  GLN A O   1 
ATOM   312  C CB  . GLN A 1 68  ? -10.02696 -6.31847  -8.78830  1.000 21.97718 ? 654  GLN A CB  1 
ATOM   313  C CG  . GLN A 1 68  ? -11.53882 -6.45006  -8.84900  1.000 34.74979 ? 654  GLN A CG  1 
ATOM   314  C CD  . GLN A 1 68  ? -12.20214 -5.28626  -9.55965  1.000 45.94351 ? 654  GLN A CD  1 
ATOM   315  O OE1 . GLN A 1 68  ? -11.53058 -4.44619  -10.17344 1.000 49.50182 ? 654  GLN A OE1 1 
ATOM   316  N NE2 . GLN A 1 68  ? -13.53262 -5.22969  -9.48276  1.000 47.59670 ? 654  GLN A NE2 1 
ATOM   317  N N   . GLU A 1 69  ? -7.17423  -6.21485  -7.43537  1.000 17.76487 ? 655  GLU A N   1 
ATOM   318  C CA  . GLU A 1 69  ? -5.72839  -6.19697  -7.60012  1.000 18.27739 ? 655  GLU A CA  1 
ATOM   319  C C   . GLU A 1 69  ? -5.06412  -7.31087  -6.79609  1.000 18.77709 ? 655  GLU A C   1 
ATOM   320  O O   . GLU A 1 69  ? -4.06831  -7.89084  -7.24427  1.000 17.76780 ? 655  GLU A O   1 
ATOM   321  C CB  . GLU A 1 69  ? -5.17451  -4.82228  -7.21536  1.000 18.84377 ? 655  GLU A CB  1 
ATOM   322  C CG  . GLU A 1 69  ? -3.66121  -4.70561  -7.33529  1.000 19.89152 ? 655  GLU A CG  1 
ATOM   323  C CD  . GLU A 1 69  ? -3.16369  -4.78285  -8.77145  1.000 24.12077 ? 655  GLU A CD  1 
ATOM   324  O OE1 . GLU A 1 69  ? -3.97694  -4.64564  -9.70941  1.000 25.93020 ? 655  GLU A OE1 1 
ATOM   325  O OE2 . GLU A 1 69  ? -1.94527  -4.97264  -8.95973  1.000 28.83642 ? 655  GLU A OE2 1 
ATOM   326  N N   . ILE A 1 70  ? -5.61424  -7.64873  -5.62916  1.000 17.95223 ? 656  ILE A N   1 
ATOM   327  C CA  . ILE A 1 70  ? -5.07950  -8.76740  -4.85436  1.000 18.81224 ? 656  ILE A CA  1 
ATOM   328  C C   . ILE A 1 70  ? -5.19673  -10.07165 -5.63889  1.000 18.28509 ? 656  ILE A C   1 
ATOM   329  O O   . ILE A 1 70  ? -4.28703  -10.91010 -5.61482  1.000 17.31246 ? 656  ILE A O   1 
ATOM   330  C CB  . ILE A 1 70  ? -5.79881  -8.85972  -3.49836  1.000 18.06694 ? 656  ILE A CB  1 
ATOM   331  C CG1 . ILE A 1 70  ? -5.27132  -7.79248  -2.53962  1.000 15.69856 ? 656  ILE A CG1 1 
ATOM   332  C CG2 . ILE A 1 70  ? -5.64941  -10.24446 -2.90384  1.000 22.59528 ? 656  ILE A CG2 1 
ATOM   333  C CD1 . ILE A 1 70  ? -6.25600  -7.42810  -1.43359  1.000 18.58714 ? 656  ILE A CD1 1 
ATOM   334  N N   . GLY A 1 71  ? -6.32140  -10.26987 -6.33096  1.000 20.04668 ? 657  GLY A N   1 
ATOM   335  C CA  . GLY A 1 71  ? -6.48074  -11.47654 -7.12825  1.000 19.81206 ? 657  GLY A CA  1 
ATOM   336  C C   . GLY A 1 71  ? -5.47858  -11.53317 -8.25853  1.000 23.25433 ? 657  GLY A C   1 
ATOM   337  O O   . GLY A 1 71  ? -4.89174  -12.58291 -8.53425  1.000 23.96465 ? 657  GLY A O   1 
ATOM   338  N N   . ARG A 1 72  ? -5.23881  -10.39277 -8.90034  1.000 19.60846 ? 658  ARG A N   1 
ATOM   339  C CA  . ARG A 1 72  ? -4.22731  -10.31634 -9.94716  1.000 24.23739 ? 658  ARG A CA  1 
ATOM   340  C C   . ARG A 1 72  ? -2.83774  -10.63092 -9.40201  1.000 22.78212 ? 658  ARG A C   1 
ATOM   341  O O   . ARG A 1 72  ? -2.09259  -11.42204 -9.98883  1.000 21.61058 ? 658  ARG A O   1 
ATOM   342  C CB  . ARG A 1 72  ? -4.26137  -8.92617  -10.58641 1.000 22.41706 ? 658  ARG A CB  1 
ATOM   343  C CG  . ARG A 1 72  ? -3.44437  -8.81652  -11.85757 1.000 30.62543 ? 658  ARG A CG  1 
ATOM   344  C CD  . ARG A 1 72  ? -3.49154  -7.41463  -12.45254 1.000 32.76914 ? 658  ARG A CD  1 
ATOM   345  N NE  . ARG A 1 72  ? -2.70504  -6.46862  -11.66609 1.000 40.70368 ? 658  ARG A NE  1 
ATOM   346  C CZ  . ARG A 1 72  ? -1.45012  -6.12855  -11.94338 1.000 40.95102 ? 658  ARG A CZ  1 
ATOM   347  N NH1 . ARG A 1 72  ? -0.83963  -6.66563  -12.99407 1.000 42.64409 ? 658  ARG A NH1 1 
ATOM   348  N NH2 . ARG A 1 72  ? -0.80507  -5.25645  -11.16668 1.000 30.98770 ? 658  ARG A NH2 1 
ATOM   349  N N   . LEU A 1 73  ? -2.47095  -10.01868 -8.27414  1.000 19.20034 ? 659  LEU A N   1 
ATOM   350  C CA  . LEU A 1 73  ? -1.13754  -10.22165 -7.71133  1.000 20.16689 ? 659  LEU A CA  1 
ATOM   351  C C   . LEU A 1 73  ? -0.92454  -11.65873 -7.24588  1.000 21.73283 ? 659  LEU A C   1 
ATOM   352  O O   . LEU A 1 73  ? 0.18773   -12.19613 -7.35212  1.000 22.05814 ? 659  LEU A O   1 
ATOM   353  C CB  . LEU A 1 73  ? -0.91042  -9.25184  -6.55584  1.000 20.69786 ? 659  LEU A CB  1 
ATOM   354  C CG  . LEU A 1 73  ? -0.94531  -7.77901  -6.96948  1.000 21.98703 ? 659  LEU A CG  1 
ATOM   355  C CD1 . LEU A 1 73  ? -0.89826  -6.89316  -5.74404  1.000 21.36213 ? 659  LEU A CD1 1 
ATOM   356  C CD2 . LEU A 1 73  ? 0.20584   -7.44827  -7.93356  1.000 23.23201 ? 659  LEU A CD2 1 
ATOM   357  N N   . LYS A 1 74  ? -1.96733  -12.29409 -6.70151  1.000 18.23442 ? 660  LYS A N   1 
ATOM   358  C CA  . LYS A 1 74  ? -1.84881  -13.69091 -6.30548  1.000 21.46277 ? 660  LYS A CA  1 
ATOM   359  C C   . LYS A 1 74  ? -1.56621  -14.56638 -7.51398  1.000 21.37471 ? 660  LYS A C   1 
ATOM   360  O O   . LYS A 1 74  ? -0.69278  -15.43569 -7.46910  1.000 23.64772 ? 660  LYS A O   1 
ATOM   361  C CB  . LYS A 1 74  ? -3.12814  -14.16655 -5.61892  1.000 22.70443 ? 660  LYS A CB  1 
ATOM   362  C CG  . LYS A 1 74  ? -3.24049  -13.78114 -4.13111  1.000 25.81216 ? 660  LYS A CG  1 
ATOM   363  C CD  . LYS A 1 74  ? -4.24614  -14.66738 -3.44517  1.000 32.93760 ? 660  LYS A CD  1 
ATOM   364  C CE  . LYS A 1 74  ? -5.63540  -14.15901 -3.78991  1.000 38.96947 ? 660  LYS A CE  1 
ATOM   365  N NZ  . LYS A 1 74  ? -6.62621  -14.15046 -2.66585  1.000 49.09030 ? 660  LYS A NZ  1 
ATOM   366  N N   . LYS A 1 75  ? -2.29766  -14.34106 -8.60775  1.000 21.33975 ? 661  LYS A N   1 
ATOM   367  C CA  . LYS A 1 75  ? -2.13512  -15.18212 -9.78860  1.000 25.27906 ? 661  LYS A CA  1 
ATOM   368  C C   . LYS A 1 75  ? -0.73434  -15.05248 -10.36581 1.000 25.04638 ? 661  LYS A C   1 
ATOM   369  O O   . LYS A 1 75  ? -0.20336  -16.02045 -10.91554 1.000 26.11591 ? 661  LYS A O   1 
ATOM   370  C CB  . LYS A 1 75  ? -3.18449  -14.81560 -10.83262 1.000 24.46946 ? 661  LYS A CB  1 
ATOM   371  C CG  . LYS A 1 75  ? -4.56672  -15.34483 -10.51195 1.000 34.52854 ? 661  LYS A CG  1 
ATOM   372  C CD  . LYS A 1 75  ? -5.45908  -15.34873 -11.74901 1.000 44.59743 ? 661  LYS A CD  1 
ATOM   373  C CE  . LYS A 1 75  ? -6.90109  -15.66702 -11.37879 1.000 48.36254 ? 661  LYS A CE  1 
ATOM   374  N NZ  . LYS A 1 75  ? -7.55183  -14.53704 -10.65380 1.000 46.48660 ? 661  LYS A NZ  1 
ATOM   375  N N   . LYS A 1 76  ? -0.10857  -13.88290 -10.21577 1.000 24.27943 ? 662  LYS A N   1 
ATOM   376  C CA  . LYS A 1 76  ? 1.24143   -13.64933 -10.71850 1.000 24.79770 ? 662  LYS A CA  1 
ATOM   377  C C   . LYS A 1 76  ? 2.33459   -14.12727 -9.76981  1.000 23.78225 ? 662  LYS A C   1 
ATOM   378  O O   . LYS A 1 76  ? 3.51596   -13.96512 -10.09064 1.000 29.41830 ? 662  LYS A O   1 
ATOM   379  C CB  . LYS A 1 76  ? 1.43937   -12.16209 -11.02951 1.000 27.53553 ? 662  LYS A CB  1 
ATOM   380  C CG  . LYS A 1 76  ? 0.53048   -11.67537 -12.14502 1.000 35.91332 ? 662  LYS A CG  1 
ATOM   381  C CD  . LYS A 1 76  ? 0.16362   -10.21179 -11.98684 1.000 35.32636 ? 662  LYS A CD  1 
ATOM   382  C CE  . LYS A 1 76  ? 1.38839   -9.33954  -11.97422 1.000 37.80403 ? 662  LYS A CE  1 
ATOM   383  N NZ  . LYS A 1 76  ? 2.33814   -9.69561  -13.06422 1.000 46.62843 ? 662  LYS A NZ  1 
ATOM   384  N N   . GLY A 1 77  ? 1.99053   -14.70436 -8.62196  1.000 19.46790 ? 663  GLY A N   1 
ATOM   385  C CA  . GLY A 1 77  ? 2.97711   -15.32936 -7.76419  1.000 20.68297 ? 663  GLY A CA  1 
ATOM   386  C C   . GLY A 1 77  ? 3.31755   -14.59723 -6.48182  1.000 20.35256 ? 663  GLY A C   1 
ATOM   387  O O   . GLY A 1 77  ? 4.14327   -15.10099 -5.71073  1.000 20.79141 ? 663  GLY A O   1 
ATOM   388  N N   . HIS A 1 78  ? 2.72894   -13.43474 -6.21499  1.000 19.47744 ? 664  HIS A N   1 
ATOM   389  C CA  . HIS A 1 78  ? 2.95994   -12.79602 -4.92732  1.000 16.30542 ? 664  HIS A CA  1 
ATOM   390  C C   . HIS A 1 78  ? 2.32937   -13.64474 -3.82899  1.000 18.47893 ? 664  HIS A C   1 
ATOM   391  O O   . HIS A 1 78  ? 1.15525   -14.01384 -3.91923  1.000 18.72119 ? 664  HIS A O   1 
ATOM   392  C CB  . HIS A 1 78  ? 2.38539   -11.38110 -4.93032  1.000 19.94461 ? 664  HIS A CB  1 
ATOM   393  C CG  . HIS A 1 78  ? 2.98268   -10.49987 -5.98540  1.000 19.01076 ? 664  HIS A CG  1 
ATOM   394  N ND1 . HIS A 1 78  ? 4.14571   -9.79011  -5.78711  1.000 19.21507 ? 664  HIS A ND1 1 
ATOM   395  C CD2 . HIS A 1 78  ? 2.59076   -10.23297 -7.25390  1.000 19.10463 ? 664  HIS A CD2 1 
ATOM   396  C CE1 . HIS A 1 78  ? 4.44592   -9.11998  -6.88675  1.000 20.90119 ? 664  HIS A CE1 1 
ATOM   397  N NE2 . HIS A 1 78  ? 3.51234   -9.36167  -7.78915  1.000 20.83275 ? 664  HIS A NE2 1 
ATOM   398  N N   . GLU A 1 79  ? 3.11024   -13.96785 -2.79703  1.000 18.69603 ? 665  GLU A N   1 
ATOM   399  C CA  . GLU A 1 79  ? 2.60926   -14.77452 -1.68804  1.000 22.34921 ? 665  GLU A CA  1 
ATOM   400  C C   . GLU A 1 79  ? 2.39141   -13.99833 -0.39996  1.000 20.62666 ? 665  GLU A C   1 
ATOM   401  O O   . GLU A 1 79  ? 1.57316   -14.41195 0.42466   1.000 21.29102 ? 665  GLU A O   1 
ATOM   402  C CB  . GLU A 1 79  ? 3.55730   -15.93645 -1.37277  1.000 25.46071 ? 665  GLU A CB  1 
ATOM   403  C CG  . GLU A 1 79  ? 4.10298   -16.68982 -2.55029  1.000 40.15270 ? 665  GLU A CG  1 
ATOM   404  C CD  . GLU A 1 79  ? 4.90511   -17.90012 -2.10582  1.000 55.36844 ? 665  GLU A CD  1 
ATOM   405  O OE1 . GLU A 1 79  ? 4.32703   -19.00627 -2.01812  1.000 63.32730 ? 665  GLU A OE1 1 
ATOM   406  O OE2 . GLU A 1 79  ? 6.10592   -17.73350 -1.80643  1.000 61.35554 ? 665  GLU A OE2 1 
ATOM   407  N N   . THR A 1 80  ? 3.12189   -12.91824 -0.17294  1.000 18.93089 ? 666  THR A N   1 
ATOM   408  C CA  . THR A 1 80  ? 2.88843   -12.08200 0.99942   1.000 17.81316 ? 666  THR A CA  1 
ATOM   409  C C   . THR A 1 80  ? 2.41541   -10.72793 0.50483   1.000 15.51685 ? 666  THR A C   1 
ATOM   410  O O   . THR A 1 80  ? 3.13121   -10.04180 -0.23397  1.000 15.76026 ? 666  THR A O   1 
ATOM   411  C CB  . THR A 1 80  ? 4.13604   -11.95523 1.87340   1.000 15.55953 ? 666  THR A CB  1 
ATOM   412  O OG1 . THR A 1 80  ? 5.23745   -11.50961 1.07792   1.000 18.35332 ? 666  THR A OG1 1 
ATOM   413  C CG2 . THR A 1 80  ? 4.47924   -13.31069 2.50979   1.000 18.56228 ? 666  THR A CG2 1 
ATOM   414  N N   . ILE A 1 81  ? 1.19649   -10.36869 0.87596   1.000 15.28588 ? 667  ILE A N   1 
ATOM   415  C CA  . ILE A 1 81  ? 0.53650   -9.19029  0.33167   1.000 15.66230 ? 667  ILE A CA  1 
ATOM   416  C C   . ILE A 1 81  ? -0.04216  -8.40203  1.49211   1.000 14.68592 ? 667  ILE A C   1 
ATOM   417  O O   . ILE A 1 81  ? -0.80294  -8.95415  2.29253   1.000 14.02074 ? 667  ILE A O   1 
ATOM   418  C CB  . ILE A 1 81  ? -0.56892  -9.57496  -0.67273  1.000 13.03214 ? 667  ILE A CB  1 
ATOM   419  C CG1 . ILE A 1 81  ? 0.02049   -10.31577 -1.88091  1.000 17.10802 ? 667  ILE A CG1 1 
ATOM   420  C CG2 . ILE A 1 81  ? -1.29728  -8.33965  -1.12108  1.000 14.20944 ? 667  ILE A CG2 1 
ATOM   421  C CD1 . ILE A 1 81  ? -1.04762  -10.89365 -2.82117  1.000 18.28607 ? 667  ILE A CD1 1 
ATOM   422  N N   . ALA A 1 82  ? 0.32284   -7.12212  1.58841   1.000 11.17947 ? 668  ALA A N   1 
ATOM   423  C CA  . ALA A 1 82  ? -0.07125  -6.26836  2.70422   1.000 13.81707 ? 668  ALA A CA  1 
ATOM   424  C C   . ALA A 1 82  ? -0.86409  -5.08108  2.18292   1.000 14.47670 ? 668  ALA A C   1 
ATOM   425  O O   . ALA A 1 82  ? -0.37417  -4.32112  1.33719   1.000 14.11383 ? 668  ALA A O   1 
ATOM   426  C CB  . ALA A 1 82  ? 1.14369   -5.76731  3.48010   1.000 12.58926 ? 668  ALA A CB  1 
ATOM   427  N N   . VAL A 1 83  ? -2.07793  -4.92604  2.69564   1.000 12.31489 ? 669  VAL A N   1 
ATOM   428  C CA  . VAL A 1 83  ? -2.83573  -3.69051  2.58270   1.000 14.41244 ? 669  VAL A CA  1 
ATOM   429  C C   . VAL A 1 83  ? -2.47079  -2.83540  3.79515   1.000 14.47070 ? 669  VAL A C   1 
ATOM   430  O O   . VAL A 1 83  ? -2.88523  -3.12801  4.91452   1.000 13.46439 ? 669  VAL A O   1 
ATOM   431  C CB  . VAL A 1 83  ? -4.33897  -3.97039  2.53233   1.000 15.70173 ? 669  VAL A CB  1 
ATOM   432  C CG1 . VAL A 1 83  ? -5.12378  -2.65947  2.42881   1.000 16.49554 ? 669  VAL A CG1 1 
ATOM   433  C CG2 . VAL A 1 83  ? -4.67544  -4.89931  1.36258   1.000 15.96125 ? 669  VAL A CG2 1 
ATOM   434  N N   . ILE A 1 84  ? -1.70143  -1.77728  3.59055   1.000 12.21181 ? 670  ILE A N   1 
ATOM   435  C CA  . ILE A 1 84  ? -1.13674  -1.04579  4.71584   1.000 10.58106 ? 670  ILE A CA  1 
ATOM   436  C C   . ILE A 1 84  ? -1.94255  0.22086   4.93773   1.000 14.37126 ? 670  ILE A C   1 
ATOM   437  O O   . ILE A 1 84  ? -2.10056  1.04566   4.02401   1.000 10.78493 ? 670  ILE A O   1 
ATOM   438  C CB  . ILE A 1 84  ? 0.35331   -0.73674  4.51460   1.000 13.65208 ? 670  ILE A CB  1 
ATOM   439  C CG1 . ILE A 1 84  ? 1.13966   -2.03517  4.29464   1.000 13.62788 ? 670  ILE A CG1 1 
ATOM   440  C CG2 . ILE A 1 84  ? 0.90460   0.01314   5.74876   1.000 11.10817 ? 670  ILE A CG2 1 
ATOM   441  C CD1 . ILE A 1 84  ? 2.66932   -1.84809  4.43712   1.000 16.12067 ? 670  ILE A CD1 1 
ATOM   442  N N   . CYS A 1 85  ? -2.45387  0.35659   6.15736   1.000 11.31766 ? 671  CYS A N   1 
ATOM   443  C CA  . CYS A 1 85  ? -3.22672  1.50117   6.59312   1.000 12.88995 ? 671  CYS A CA  1 
ATOM   444  C C   . CYS A 1 85  ? -2.40285  2.36924   7.53085   1.000 14.25367 ? 671  CYS A C   1 
ATOM   445  O O   . CYS A 1 85  ? -1.35926  1.96015   8.05039   1.000 13.51275 ? 671  CYS A O   1 
ATOM   446  C CB  . CYS A 1 85  ? -4.52404  1.05788   7.27062   1.000 15.80049 ? 671  CYS A CB  1 
ATOM   447  S SG  . CYS A 1 85  ? -5.48733  -0.11811  6.27977   1.000 11.87746 ? 671  CYS A SG  1 
ATOM   448  N N   . LYS A 1 86  ? -2.87808  3.59580   7.72404   1.000 14.26623 ? 672  LYS A N   1 
ATOM   449  C CA  . LYS A 1 86  ? -2.08548  4.57151   8.46661   1.000 15.32710 ? 672  LYS A CA  1 
ATOM   450  C C   . LYS A 1 86  ? -2.07389  4.27119   9.95882   1.000 13.35812 ? 672  LYS A C   1 
ATOM   451  O O   . LYS A 1 86  ? -1.06123  4.48527   10.63306  1.000 14.22299 ? 672  LYS A O   1 
ATOM   452  C CB  . LYS A 1 86  ? -2.64110  5.96695   8.21584   1.000 17.14749 ? 672  LYS A CB  1 
ATOM   453  C CG  . LYS A 1 86  ? -1.74914  7.09302   8.67772   1.000 19.82370 ? 672  LYS A CG  1 
ATOM   454  C CD  . LYS A 1 86  ? -2.56674  8.36834   8.59236   1.000 23.09080 ? 672  LYS A CD  1 
ATOM   455  C CE  . LYS A 1 86  ? -1.89393  9.51172   9.25824   1.000 19.99575 ? 672  LYS A CE  1 
ATOM   456  N NZ  . LYS A 1 86  ? -2.77423  10.68657  9.09014   1.000 19.91197 ? 672  LYS A NZ  1 
ATOM   457  N N   . THR A 1 87  ? -3.19967  3.80366   10.49209  1.000 15.55110 ? 673  THR A N   1 
ATOM   458  C CA  . THR A 1 87  ? -3.41391  3.64264   11.92169  1.000 15.69278 ? 673  THR A CA  1 
ATOM   459  C C   . THR A 1 87  ? -4.11986  2.31667   12.16925  1.000 16.03354 ? 673  THR A C   1 
ATOM   460  O O   . THR A 1 87  ? -4.75666  1.76121   11.27354  1.000 14.02731 ? 673  THR A O   1 
ATOM   461  C CB  . THR A 1 87  ? -4.29642  4.76795   12.49797  1.000 18.61594 ? 673  THR A CB  1 
ATOM   462  O OG1 . THR A 1 87  ? -5.60899  4.66226   11.92861  1.000 16.70470 ? 673  THR A OG1 1 
ATOM   463  C CG2 . THR A 1 87  ? -3.73282  6.13762   12.18057  1.000 16.92226 ? 673  THR A CG2 1 
ATOM   464  N N   . ALA A 1 88  ? -4.05730  1.84701   13.41867  1.000 15.89735 ? 674  ALA A N   1 
ATOM   465  C CA  . ALA A 1 88  ? -4.84480  0.67511   13.80024  1.000 18.57766 ? 674  ALA A CA  1 
ATOM   466  C C   . ALA A 1 88  ? -6.33435  0.91345   13.58675  1.000 17.68492 ? 674  ALA A C   1 
ATOM   467  O O   . ALA A 1 88  ? -7.04735  0.02870   13.09959  1.000 20.19270 ? 674  ALA A O   1 
ATOM   468  C CB  . ALA A 1 88  ? -4.57217  0.29440   15.25399  1.000 20.96690 ? 674  ALA A CB  1 
ATOM   469  N N   . HIS A 1 89  ? -6.82596  2.10139   13.93123  1.000 16.95639 ? 675  HIS A N   1 
ATOM   470  C CA  . HIS A 1 89  ? -8.24315  2.38785   13.73579  1.000 18.42885 ? 675  HIS A CA  1 
ATOM   471  C C   . HIS A 1 89  ? -8.62895  2.25534   12.26173  1.000 23.06020 ? 675  HIS A C   1 
ATOM   472  O O   . HIS A 1 89  ? -9.64848  1.63827   11.92711  1.000 19.65427 ? 675  HIS A O   1 
ATOM   473  C CB  . HIS A 1 89  ? -8.56558  3.78322   14.26788  1.000 23.32014 ? 675  HIS A CB  1 
ATOM   474  C CG  . HIS A 1 89  ? -9.98326  4.20191   14.04539  1.000 26.75231 ? 675  HIS A CG  1 
ATOM   475  N ND1 . HIS A 1 89  ? -10.99954 3.88754   14.92257  1.000 36.35867 ? 675  HIS A ND1 1 
ATOM   476  C CD2 . HIS A 1 89  ? -10.55659 4.91132   13.04440  1.000 34.20928 ? 675  HIS A CD2 1 
ATOM   477  C CE1 . HIS A 1 89  ? -12.13834 4.38383   14.47130  1.000 33.75505 ? 675  HIS A CE1 1 
ATOM   478  N NE2 . HIS A 1 89  ? -11.89849 5.00493   13.33076  1.000 36.65401 ? 675  HIS A NE2 1 
ATOM   479  N N   . GLN A 1 90  ? -7.80801  2.80389   11.35579  1.000 16.74474 ? 676  GLN A N   1 
ATOM   480  C CA  . GLN A 1 90  ? -8.11791  2.65139   9.93401   1.000 20.01134 ? 676  GLN A CA  1 
ATOM   481  C C   . GLN A 1 90  ? -8.05913  1.19098   9.50182   1.000 19.32660 ? 676  GLN A C   1 
ATOM   482  O O   . GLN A 1 90  ? -8.84053  0.77013   8.63851   1.000 18.29173 ? 676  GLN A O   1 
ATOM   483  C CB  . GLN A 1 90  ? -7.17268  3.48274   9.06778   1.000 19.72486 ? 676  GLN A CB  1 
ATOM   484  C CG  . GLN A 1 90  ? -7.51461  3.37655   7.57403   1.000 17.57160 ? 676  GLN A CG  1 
ATOM   485  C CD  . GLN A 1 90  ? -6.71187  4.33490   6.70677   1.000 23.83811 ? 676  GLN A CD  1 
ATOM   486  O OE1 . GLN A 1 90  ? -5.51241  4.13152   6.45380   1.000 21.37618 ? 676  GLN A OE1 1 
ATOM   487  N NE2 . GLN A 1 90  ? -7.37637  5.37438   6.22541   1.000 22.34240 ? 676  GLN A NE2 1 
ATOM   488  N N   . CYS A 1 91  ? -7.14489  0.41020   10.08740  1.000 16.80877 ? 677  CYS A N   1 
ATOM   489  C CA  . CYS A 1 91  ? -7.08848  -1.02047  9.80883   1.000 17.49245 ? 677  CYS A CA  1 
ATOM   490  C C   . CYS A 1 91  ? -8.41743  -1.70164  10.03758  1.000 20.73732 ? 677  CYS A C   1 
ATOM   491  O O   . CYS A 1 91  ? -8.80350  -2.58309  9.26457   1.000 18.95597 ? 677  CYS A O   1 
ATOM   492  C CB  . CYS A 1 91  ? -6.03133  -1.70375  10.66132  1.000 22.64132 ? 677  CYS A CB  1 
ATOM   493  S SG  . CYS A 1 91  ? -4.51840  -1.64019  9.87265   1.000 24.52841 ? 677  CYS A SG  1 
ATOM   494  N N   . ILE A 1 92  ? -9.09638  -1.36691  11.13464  1.000 21.57475 ? 678  ILE A N   1 
ATOM   495  C CA  . ILE A 1 92  ? -10.32614 -2.07852  11.45909  1.000 23.64028 ? 678  ILE A CA  1 
ATOM   496  C C   . ILE A 1 92  ? -11.38317 -1.79346  10.39826  1.000 24.33266 ? 678  ILE A C   1 
ATOM   497  O O   . ILE A 1 92  ? -12.03424 -2.71305  9.88652   1.000 20.27638 ? 678  ILE A O   1 
ATOM   498  C CB  . ILE A 1 92  ? -10.80712 -1.71417  12.87555  1.000 29.79245 ? 678  ILE A CB  1 
ATOM   499  C CG1 . ILE A 1 92  ? -10.15019 -2.63093  13.91445  1.000 27.98981 ? 678  ILE A CG1 1 
ATOM   500  C CG2 . ILE A 1 92  ? -12.31286 -1.86549  12.98531  1.000 30.82313 ? 678  ILE A CG2 1 
ATOM   501  C CD1 . ILE A 1 92  ? -8.68446  -2.32990  14.20589  1.000 34.28889 ? 678  ILE A CD1 1 
ATOM   502  N N   . GLN A 1 93  ? -11.51642 -0.52265  10.00520  1.000 25.93213 ? 679  GLN A N   1 
ATOM   503  C CA  . GLN A 1 93  ? -12.45451 -0.15669  8.94808   1.000 24.47762 ? 679  GLN A CA  1 
ATOM   504  C C   . GLN A 1 93  ? -12.08281 -0.82124  7.62778   1.000 21.91199 ? 679  GLN A C   1 
ATOM   505  O O   . GLN A 1 93  ? -12.93885 -1.40773  6.95181   1.000 18.75518 ? 679  GLN A O   1 
ATOM   506  C CB  . GLN A 1 93  ? -12.49207 1.36537   8.78649   1.000 26.73734 ? 679  GLN A CB  1 
ATOM   507  C CG  . GLN A 1 93  ? -12.33059 2.14374   10.09120  1.000 37.50215 ? 679  GLN A CG  1 
ATOM   508  C CD  . GLN A 1 93  ? -13.51684 2.01470   11.03313  1.000 49.88348 ? 679  GLN A CD  1 
ATOM   509  O OE1 . GLN A 1 93  ? -14.44532 2.83081   11.00626  1.000 54.48785 ? 679  GLN A OE1 1 
ATOM   510  N NE2 . GLN A 1 93  ? -13.48940 0.98630   11.88077  1.000 50.20787 ? 679  GLN A NE2 1 
ATOM   511  N N   . ALA A 1 94  ? -10.80989 -0.72783  7.23672   1.000 13.47169 ? 680  ALA A N   1 
ATOM   512  C CA  . ALA A 1 94  ? -10.34573 -1.36863  6.00969   1.000 16.29197 ? 680  ALA A CA  1 
ATOM   513  C C   . ALA A 1 94  ? -10.63008 -2.86479  6.02671   1.000 18.14299 ? 680  ALA A C   1 
ATOM   514  O O   . ALA A 1 94  ? -11.11492 -3.42397  5.03858   1.000 14.82558 ? 680  ALA A O   1 
ATOM   515  C CB  . ALA A 1 94  ? -8.84769  -1.12912  5.81773   1.000 16.35191 ? 680  ALA A CB  1 
ATOM   516  N N   . HIS A 1 95  ? -10.29862 -3.53401  7.13703   1.000 15.28149 ? 681  HIS A N   1 
ATOM   517  C CA  . HIS A 1 95  ? -10.48544 -4.98313  7.19709   1.000 14.27767 ? 681  HIS A CA  1 
ATOM   518  C C   . HIS A 1 95  ? -11.95738 -5.34399  7.07960   1.000 16.01685 ? 681  HIS A C   1 
ATOM   519  O O   . HIS A 1 95  ? -12.31505 -6.28812  6.37218   1.000 15.40703 ? 681  HIS A O   1 
ATOM   520  C CB  . HIS A 1 95  ? -9.89900  -5.54006  8.49499   1.000 18.92540 ? 681  HIS A CB  1 
ATOM   521  C CG  . HIS A 1 95  ? -10.17058 -6.99815  8.70247   1.000 18.60891 ? 681  HIS A CG  1 
ATOM   522  N ND1 . HIS A 1 95  ? -11.32576 -7.46467  9.28918   1.000 22.83887 ? 681  HIS A ND1 1 
ATOM   523  C CD2 . HIS A 1 95  ? -9.43616  -8.09388  8.39574   1.000 22.46531 ? 681  HIS A CD2 1 
ATOM   524  C CE1 . HIS A 1 95  ? -11.29146 -8.78546  9.34070   1.000 22.14178 ? 681  HIS A CE1 1 
ATOM   525  N NE2 . HIS A 1 95  ? -10.15464 -9.19198  8.80580   1.000 23.93242 ? 681  HIS A NE2 1 
ATOM   526  N N   . ALA A 1 96  ? -12.82894 -4.58858  7.74985   1.000 16.58306 ? 682  ALA A N   1 
ATOM   527  C CA  . ALA A 1 96  ? -14.26355 -4.85436  7.66898   1.000 19.89672 ? 682  ALA A CA  1 
ATOM   528  C C   . ALA A 1 96  ? -14.77562 -4.67849  6.24278   1.000 18.79939 ? 682  ALA A C   1 
ATOM   529  O O   . ALA A 1 96  ? -15.49996 -5.53103  5.71869   1.000 19.70163 ? 682  ALA A O   1 
ATOM   530  C CB  . ALA A 1 96  ? -15.01717 -3.93334  8.63298   1.000 20.47635 ? 682  ALA A CB  1 
ATOM   531  N N   . HIS A 1 97  ? -14.39831 -3.58339  5.58367   1.000 17.50055 ? 683  HIS A N   1 
ATOM   532  C CA  . HIS A 1 97  ? -14.88537 -3.37742  4.22270   1.000 18.85774 ? 683  HIS A CA  1 
ATOM   533  C C   . HIS A 1 97  ? -14.24319 -4.34015  3.22875   1.000 19.14785 ? 683  HIS A C   1 
ATOM   534  O O   . HIS A 1 97  ? -14.92993 -4.83368  2.32551   1.000 18.62778 ? 683  HIS A O   1 
ATOM   535  C CB  . HIS A 1 97  ? -14.67410 -1.92496  3.80187   1.000 20.71177 ? 683  HIS A CB  1 
ATOM   536  C CG  . HIS A 1 97  ? -15.65782 -0.98066  4.42688   1.000 28.44658 ? 683  HIS A CG  1 
ATOM   537  N ND1 . HIS A 1 97  ? -16.98356 -0.92889  4.04945   1.000 31.81783 ? 683  HIS A ND1 1 
ATOM   538  C CD2 . HIS A 1 97  ? -15.51012 -0.05831  5.40859   1.000 29.66223 ? 683  HIS A CD2 1 
ATOM   539  C CE1 . HIS A 1 97  ? -17.60827 -0.01304  4.76996   1.000 30.57040 ? 683  HIS A CE1 1 
ATOM   540  N NE2 . HIS A 1 97  ? -16.73707 0.52832   5.60344   1.000 29.53440 ? 683  HIS A NE2 1 
ATOM   541  N N   . MET A 1 98  ? -12.92805 -4.61584  3.35012   1.000 16.69752 ? 684  MET A N   1 
ATOM   542  C CA  . MET A 1 98  ? -12.30527 -5.57860  2.42853   1.000 16.10031 ? 684  MET A CA  1 
ATOM   543  C C   . MET A 1 98  ? -12.88897 -6.96879  2.57599   1.000 18.12158 ? 684  MET A C   1 
ATOM   544  O O   . MET A 1 98  ? -12.91406 -7.74289  1.60610   1.000 18.60575 ? 684  MET A O   1 
ATOM   545  C CB  . MET A 1 98  ? -10.78616 -5.68078  2.63146   1.000 15.55851 ? 684  MET A CB  1 
ATOM   546  C CG  . MET A 1 98  ? -10.03043 -4.42247  2.29427   1.000 21.91629 ? 684  MET A CG  1 
ATOM   547  S SD  . MET A 1 98  ? -9.90786  -4.24380  0.50665   1.000 33.99968 ? 684  MET A SD  1 
ATOM   548  C CE  . MET A 1 98  ? -9.92131  -5.93392  -0.10470  1.000 29.17675 ? 684  MET A CE  1 
ATOM   549  N N   . SER A 1 99  ? -13.29963 -7.32251  3.78984   1.000 14.43512 ? 685  SER A N   1 
ATOM   550  C CA  . SER A 1 99  ? -13.87498 -8.63784  4.02677   1.000 17.79726 ? 685  SER A CA  1 
ATOM   551  C C   . SER A 1 99  ? -15.15489 -8.85318  3.22617   1.000 20.43597 ? 685  SER A C   1 
ATOM   552  O O   . SER A 1 99  ? -15.55972 -9.99941  3.03286   1.000 21.82222 ? 685  SER A O   1 
ATOM   553  C CB  . SER A 1 99  ? -14.14099 -8.82189  5.52244   1.000 17.50866 ? 685  SER A CB  1 
ATOM   554  O OG  . SER A 1 99  ? -12.91828 -8.99210  6.22690   1.000 19.56456 ? 685  SER A OG  1 
ATOM   555  N N   . GLU A 1 100 ? -15.79029 -7.78296  2.74187   1.000 17.73277 ? 686  GLU A N   1 
ATOM   556  C CA  . GLU A 1 100 ? -16.95125 -7.93650  1.87055   1.000 18.18349 ? 686  GLU A CA  1 
ATOM   557  C C   . GLU A 1 100 ? -16.59045 -8.53671  0.51501   1.000 22.95579 ? 686  GLU A C   1 
ATOM   558  O O   . GLU A 1 100 ? -17.46179 -9.11572  -0.14597  1.000 23.29499 ? 686  GLU A O   1 
ATOM   559  C CB  . GLU A 1 100 ? -17.64100 -6.58375  1.67962   1.000 21.76261 ? 686  GLU A CB  1 
ATOM   560  C CG  . GLU A 1 100 ? -18.30901 -6.05505  2.95451   1.000 20.70186 ? 686  GLU A CG  1 
ATOM   561  C CD  . GLU A 1 100 ? -19.57083 -6.84657  3.31472   1.000 25.22882 ? 686  GLU A CD  1 
ATOM   562  O OE1 . GLU A 1 100 ? -20.58961 -6.69017  2.60759   1.000 24.58024 ? 686  GLU A OE1 1 
ATOM   563  O OE2 . GLU A 1 100 ? -19.54778 -7.61892  4.29474   1.000 21.03979 ? 686  GLU A OE2 1 
ATOM   564  N N   . TYR A 1 101 ? -15.32571 -8.43834  0.09819   1.000 20.04001 ? 687  TYR A N   1 
ATOM   565  C CA  . TYR A 1 101 ? -14.90645 -8.83906  -1.23829  1.000 20.05806 ? 687  TYR A CA  1 
ATOM   566  C C   . TYR A 1 101 ? -13.88500 -9.96323  -1.26839  1.000 23.41473 ? 687  TYR A C   1 
ATOM   567  O O   . TYR A 1 101 ? -13.74871 -10.61363 -2.30926  1.000 23.42922 ? 687  TYR A O   1 
ATOM   568  C CB  . TYR A 1 101 ? -14.32832 -7.63353  -1.99898  1.000 22.61268 ? 687  TYR A CB  1 
ATOM   569  C CG  . TYR A 1 101 ? -15.28509 -6.47693  -2.05476  1.000 20.93757 ? 687  TYR A CG  1 
ATOM   570  C CD1 . TYR A 1 101 ? -16.23008 -6.39269  -3.06521  1.000 25.25923 ? 687  TYR A CD1 1 
ATOM   571  C CD2 . TYR A 1 101 ? -15.25688 -5.47528  -1.09418  1.000 20.15264 ? 687  TYR A CD2 1 
ATOM   572  C CE1 . TYR A 1 101 ? -17.12918 -5.34077  -3.12305  1.000 31.60088 ? 687  TYR A CE1 1 
ATOM   573  C CE2 . TYR A 1 101 ? -16.16342 -4.41527  -1.13632  1.000 24.17456 ? 687  TYR A CE2 1 
ATOM   574  C CZ  . TYR A 1 101 ? -17.09496 -4.35811  -2.15876  1.000 30.44292 ? 687  TYR A CZ  1 
ATOM   575  O OH  . TYR A 1 101 ? -18.00118 -3.32158  -2.22410  1.000 32.49655 ? 687  TYR A OH  1 
ATOM   576  N N   . THR A 1 102 ? -13.15822 -10.20386 -0.18166  1.000 22.40757 ? 688  THR A N   1 
ATOM   577  C CA  . THR A 1 102 ? -12.08678 -11.19143 -0.18500  1.000 24.31598 ? 688  THR A CA  1 
ATOM   578  C C   . THR A 1 102 ? -11.73067 -11.49823 1.26084   1.000 25.33910 ? 688  THR A C   1 
ATOM   579  O O   . THR A 1 102 ? -12.14615 -10.79574 2.17838   1.000 22.34394 ? 688  THR A O   1 
ATOM   580  C CB  . THR A 1 102 ? -10.86173 -10.69158 -0.96460  1.000 28.48763 ? 688  THR A CB  1 
ATOM   581  O OG1 . THR A 1 102 ? -9.90562  -11.74847 -1.07471  1.000 35.04708 ? 688  THR A OG1 1 
ATOM   582  C CG2 . THR A 1 102 ? -10.20211 -9.51937  -0.25171  1.000 24.53516 ? 688  THR A CG2 1 
ATOM   583  N N   . ASP A 1 103 ? -10.96661 -12.56385 1.46675   1.000 27.14740 ? 689  ASP A N   1 
ATOM   584  C CA  . ASP A 1 103 ? -10.57687 -12.93052 2.82039   1.000 27.87518 ? 689  ASP A CA  1 
ATOM   585  C C   . ASP A 1 103 ? -9.23186  -12.29935 3.14983   1.000 24.63852 ? 689  ASP A C   1 
ATOM   586  O O   . ASP A 1 103 ? -8.26801  -12.44431 2.39312   1.000 25.66322 ? 689  ASP A O   1 
ATOM   587  C CB  . ASP A 1 103 ? -10.53579 -14.44799 2.98187   1.000 29.73743 ? 689  ASP A CB  1 
ATOM   588  C CG  . ASP A 1 103 ? -11.89654 -15.07948 2.75972   1.000 39.57453 ? 689  ASP A CG  1 
ATOM   589  O OD1 . ASP A 1 103 ? -12.00948 -15.91183 1.83509   1.000 45.85173 ? 689  ASP A OD1 1 
ATOM   590  O OD2 . ASP A 1 103 ? -12.85931 -14.72407 3.49389   1.000 39.62214 ? 689  ASP A OD2 1 
ATOM   591  N N   . VAL A 1 104 ? -9.17712  -11.56580 4.25944   1.000 19.57889 ? 690  VAL A N   1 
ATOM   592  C CA  . VAL A 1 104 ? -7.95891  -10.86703 4.64040   1.000 18.89253 ? 690  VAL A CA  1 
ATOM   593  C C   . VAL A 1 104 ? -7.73646  -11.04243 6.13171   1.000 18.49591 ? 690  VAL A C   1 
ATOM   594  O O   . VAL A 1 104 ? -8.68441  -11.05240 6.92224   1.000 18.42712 ? 690  VAL A O   1 
ATOM   595  C CB  . VAL A 1 104 ? -8.01081  -9.36945  4.27255   1.000 19.26280 ? 690  VAL A CB  1 
ATOM   596  C CG1 . VAL A 1 104 ? -7.78635  -9.17267  2.78845   1.000 23.31269 ? 690  VAL A CG1 1 
ATOM   597  C CG2 . VAL A 1 104 ? -9.33735  -8.75461  4.71227   1.000 22.27882 ? 690  VAL A CG2 1 
ATOM   598  N N   . ARG A 1 105 ? -6.47276  -11.15690 6.50754   1.000 15.47338 ? 691  ARG A N   1 
ATOM   599  C CA  . ARG A 1 105 ? -6.06439  -11.33077 7.89242   1.000 17.72631 ? 691  ARG A CA  1 
ATOM   600  C C   . ARG A 1 105 ? -5.78874  -9.96532  8.50915   1.000 17.81430 ? 691  ARG A C   1 
ATOM   601  O O   . ARG A 1 105 ? -5.04533  -9.16516  7.93827   1.000 17.34249 ? 691  ARG A O   1 
ATOM   602  C CB  . ARG A 1 105 ? -4.81551  -12.21421 7.92455   1.000 17.73638 ? 691  ARG A CB  1 
ATOM   603  C CG  . ARG A 1 105 ? -4.20626  -12.45958 9.26474   1.000 21.48284 ? 691  ARG A CG  1 
ATOM   604  C CD  . ARG A 1 105 ? -2.85072  -13.14171 9.07547   1.000 21.49581 ? 691  ARG A CD  1 
ATOM   605  N NE  . ARG A 1 105 ? -2.23874  -13.45588 10.35600  1.000 22.79952 ? 691  ARG A NE  1 
ATOM   606  C CZ  . ARG A 1 105 ? -0.93882  -13.64384 10.55219  1.000 24.81362 ? 691  ARG A CZ  1 
ATOM   607  N NH1 . ARG A 1 105 ? -0.07769  -13.55529 9.54430   1.000 22.89202 ? 691  ARG A NH1 1 
ATOM   608  N NH2 . ARG A 1 105 ? -0.50517  -13.92832 11.76559  1.000 21.61629 ? 691  ARG A NH2 1 
ATOM   609  N N   . LEU A 1 106 ? -6.38639  -9.69179  9.66768   1.000 15.64444 ? 692  LEU A N   1 
ATOM   610  C CA  . LEU A 1 106 ? -6.15941  -8.42716  10.35657  1.000 17.09876 ? 692  LEU A CA  1 
ATOM   611  C C   . LEU A 1 106 ? -4.94391  -8.56426  11.26207  1.000 17.10032 ? 692  LEU A C   1 
ATOM   612  O O   . LEU A 1 106 ? -4.90446  -9.44413  12.13343  1.000 16.41036 ? 692  LEU A O   1 
ATOM   613  C CB  . LEU A 1 106 ? -7.37801  -8.00085  11.17371  1.000 17.52513 ? 692  LEU A CB  1 
ATOM   614  C CG  . LEU A 1 106 ? -7.12691  -6.81300  12.10704  1.000 16.40200 ? 692  LEU A CG  1 
ATOM   615  C CD1 . LEU A 1 106 ? -6.76613  -5.53040  11.33954  1.000 17.33422 ? 692  LEU A CD1 1 
ATOM   616  C CD2 . LEU A 1 106 ? -8.35769  -6.59274  12.99304  1.000 21.54972 ? 692  LEU A CD2 1 
ATOM   617  N N   . ILE A 1 107 ? -3.95255  -7.70412  11.05463  1.000 13.30708 ? 693  ILE A N   1 
ATOM   618  C CA  . ILE A 1 107 ? -2.76734  -7.67379  11.90061  1.000 15.50198 ? 693  ILE A CA  1 
ATOM   619  C C   . ILE A 1 107 ? -2.94211  -6.53537  12.88847  1.000 17.53866 ? 693  ILE A C   1 
ATOM   620  O O   . ILE A 1 107 ? -3.00275  -5.36391  12.49298  1.000 14.59081 ? 693  ILE A O   1 
ATOM   621  C CB  . ILE A 1 107 ? -1.48364  -7.49654  11.08166  1.000 13.51374 ? 693  ILE A CB  1 
ATOM   622  C CG1 . ILE A 1 107 ? -1.36948  -8.59164  10.02177  1.000 17.08966 ? 693  ILE A CG1 1 
ATOM   623  C CG2 . ILE A 1 107 ? -0.28167  -7.49996  12.01949  1.000 15.26491 ? 693  ILE A CG2 1 
ATOM   624  C CD1 . ILE A 1 107 ? -1.21709  -10.00334 10.58718  1.000 17.38013 ? 693  ILE A CD1 1 
ATOM   625  N N   . HIS A 1 108 ? -3.03300  -6.87481  14.17518  1.000 15.80422 ? 694  HIS A N   1 
ATOM   626  C CA  . HIS A 1 108 ? -3.31675  -5.88095  15.19188  1.000 17.22141 ? 694  HIS A CA  1 
ATOM   627  C C   . HIS A 1 108 ? -2.39780  -5.94345  16.40222  1.000 19.41603 ? 694  HIS A C   1 
ATOM   628  O O   . HIS A 1 108 ? -2.46312  -5.03689  17.23561  1.000 19.72078 ? 694  HIS A O   1 
ATOM   629  C CB  . HIS A 1 108 ? -4.77910  -5.99634  15.65626  1.000 17.31202 ? 694  HIS A CB  1 
ATOM   630  C CG  . HIS A 1 108 ? -5.14797  -7.36206  16.14617  1.000 20.58983 ? 694  HIS A CG  1 
ATOM   631  N ND1 . HIS A 1 108 ? -5.12747  -7.70267  17.48248  1.000 23.22727 ? 694  HIS A ND1 1 
ATOM   632  C CD2 . HIS A 1 108 ? -5.52581  -8.47870  15.47649  1.000 19.94952 ? 694  HIS A CD2 1 
ATOM   633  C CE1 . HIS A 1 108 ? -5.49025  -8.96710  17.61616  1.000 22.38883 ? 694  HIS A CE1 1 
ATOM   634  N NE2 . HIS A 1 108 ? -5.73200  -9.46194  16.41483  1.000 23.01085 ? 694  HIS A NE2 1 
ATOM   635  N N   . LYS A 1 109 ? -1.53475  -6.95137  16.51938  1.000 19.24589 ? 695  LYS A N   1 
ATOM   636  C CA  . LYS A 1 109 ? -0.59726  -7.02006  17.63260  1.000 25.86898 ? 695  LYS A CA  1 
ATOM   637  C C   . LYS A 1 109 ? 0.70709   -7.64325  17.16099  1.000 26.83656 ? 695  LYS A C   1 
ATOM   638  O O   . LYS A 1 109 ? 0.75974   -8.34379  16.15020  1.000 21.95907 ? 695  LYS A O   1 
ATOM   639  C CB  . LYS A 1 109 ? -1.16168  -7.81579  18.81836  1.000 27.26651 ? 695  LYS A CB  1 
ATOM   640  C CG  . LYS A 1 109 ? -1.53584  -9.24121  18.48101  1.000 23.73200 ? 695  LYS A CG  1 
ATOM   641  C CD  . LYS A 1 109 ? -2.42642  -9.85237  19.55343  1.000 29.66274 ? 695  LYS A CD  1 
ATOM   642  C CE  . LYS A 1 109 ? -2.65525  -11.33457 19.24122  1.000 30.45823 ? 695  LYS A CE  1 
ATOM   643  N NZ  . LYS A 1 109 ? -3.11333  -12.11219 20.41390  1.000 27.93224 ? 695  LYS A NZ  1 
ATOM   644  N N   . GLU A 1 110 ? 1.76638   -7.39218  17.92682  1.000 25.64478 ? 696  GLU A N   1 
ATOM   645  C CA  . GLU A 1 110 ? 3.10746   -7.71980  17.45647  1.000 32.10581 ? 696  GLU A CA  1 
ATOM   646  C C   . GLU A 1 110 ? 3.35216   -9.22409  17.37571  1.000 30.75975 ? 696  GLU A C   1 
ATOM   647  O O   . GLU A 1 110 ? 4.11045   -9.67013  16.51016  1.000 34.45493 ? 696  GLU A O   1 
ATOM   648  C CB  . GLU A 1 110 ? 4.15519   -7.05735  18.35886  1.000 34.92511 ? 696  GLU A CB  1 
ATOM   649  C CG  . GLU A 1 110 ? 4.13126   -5.51758  18.34211  1.000 33.68315 ? 696  GLU A CG  1 
ATOM   650  C CD  . GLU A 1 110 ? 5.28363   -4.92626  17.53650  1.000 42.58987 ? 696  GLU A CD  1 
ATOM   651  O OE1 . GLU A 1 110 ? 5.76446   -5.61635  16.60382  1.000 43.17093 ? 696  GLU A OE1 1 
ATOM   652  O OE2 . GLU A 1 110 ? 5.69920   -3.77705  17.82490  1.000 29.75709 ? 696  GLU A OE2 1 
ATOM   653  N N   . ASN A 1 111 ? 2.73251   -10.02731 18.24399  1.000 26.87934 ? 697  ASN A N   1 
ATOM   654  C CA  . ASN A 1 111 ? 3.08995   -11.44655 18.27742  1.000 31.39564 ? 697  ASN A CA  1 
ATOM   655  C C   . ASN A 1 111 ? 2.35305   -12.29372 17.24054  1.000 28.47268 ? 697  ASN A C   1 
ATOM   656  O O   . ASN A 1 111 ? 2.41557   -13.52230 17.32534  1.000 30.01350 ? 697  ASN A O   1 
ATOM   657  C CB  . ASN A 1 111 ? 2.86105   -12.03278 19.68080  1.000 33.78858 ? 697  ASN A CB  1 
ATOM   658  C CG  . ASN A 1 111 ? 1.39134   -12.01484 20.11171  1.000 37.84851 ? 697  ASN A CG  1 
ATOM   659  O OD1 . ASN A 1 111 ? 0.48238   -11.84784 19.29651  1.000 38.73978 ? 697  ASN A OD1 1 
ATOM   660  N ND2 . ASN A 1 111 ? 1.15943   -12.18464 21.41122  1.000 42.70399 ? 697  ASN A ND2 1 
ATOM   661  N N   . GLN A 1 112 ? 1.64919   -11.69319 16.28926  1.000 22.69107 ? 698  GLN A N   1 
ATOM   662  C CA  . GLN A 1 112 ? 1.03400   -12.48071 15.22397  1.000 21.76075 ? 698  GLN A CA  1 
ATOM   663  C C   . GLN A 1 112 ? 2.10814   -12.95542 14.25184  1.000 24.58011 ? 698  GLN A C   1 
ATOM   664  O O   . GLN A 1 112 ? 2.92389   -12.14801 13.79905  1.000 23.55747 ? 698  GLN A O   1 
ATOM   665  C CB  . GLN A 1 112 ? -0.02790  -11.66426 14.49263  1.000 20.76910 ? 698  GLN A CB  1 
ATOM   666  C CG  . GLN A 1 112 ? -1.32799  -11.52847 15.28312  1.000 16.88360 ? 698  GLN A CG  1 
ATOM   667  C CD  . GLN A 1 112 ? -2.31409  -10.59897 14.62033  1.000 21.77189 ? 698  GLN A CD  1 
ATOM   668  O OE1 . GLN A 1 112 ? -2.37563  -9.41399  14.95025  1.000 19.20311 ? 698  GLN A OE1 1 
ATOM   669  N NE2 . GLN A 1 112 ? -3.10197  -11.12968 13.69193  1.000 17.11372 ? 698  GLN A NE2 1 
ATOM   670  N N   . PRO A 1 113 ? 2.13856   -14.23819 13.90232  1.000 27.01898 ? 699  PRO A N   1 
ATOM   671  C CA  . PRO A 1 113 ? 3.25144   -14.75445 13.09119  1.000 26.75967 ? 699  PRO A CA  1 
ATOM   672  C C   . PRO A 1 113 ? 3.17638   -14.30894 11.63816  1.000 27.96984 ? 699  PRO A C   1 
ATOM   673  O O   . PRO A 1 113 ? 2.09806   -14.17229 11.05198  1.000 25.98643 ? 699  PRO A O   1 
ATOM   674  C CB  . PRO A 1 113 ? 3.09641   -16.27610 13.20846  1.000 27.67693 ? 699  PRO A CB  1 
ATOM   675  C CG  . PRO A 1 113 ? 1.64724   -16.49297 13.52055  1.000 27.61561 ? 699  PRO A CG  1 
ATOM   676  C CD  . PRO A 1 113 ? 1.22523   -15.30960 14.35330  1.000 25.12897 ? 699  PRO A CD  1 
ATOM   677  N N   . PHE A 1 114 ? 4.35288   -14.07403 11.05842  1.000 28.13986 ? 700  PHE A N   1 
ATOM   678  C CA  . PHE A 1 114 ? 4.44933   -13.76273 9.63716   1.000 27.40777 ? 700  PHE A CA  1 
ATOM   679  C C   . PHE A 1 114 ? 4.11103   -15.01909 8.84899   1.000 31.49168 ? 700  PHE A C   1 
ATOM   680  O O   . PHE A 1 114 ? 4.71945   -16.07033 9.06987   1.000 36.44133 ? 700  PHE A O   1 
ATOM   681  C CB  . PHE A 1 114 ? 5.85811   -13.26473 9.30809   1.000 33.55855 ? 700  PHE A CB  1 
ATOM   682  C CG  . PHE A 1 114 ? 6.05907   -12.84744 7.86537   1.000 35.79161 ? 700  PHE A CG  1 
ATOM   683  C CD1 . PHE A 1 114 ? 6.62628   -13.72401 6.94542   1.000 40.03564 ? 700  PHE A CD1 1 
ATOM   684  C CD2 . PHE A 1 114 ? 5.72422   -11.56915 7.43855   1.000 31.32360 ? 700  PHE A CD2 1 
ATOM   685  C CE1 . PHE A 1 114 ? 6.83774   -13.33654 5.62023   1.000 37.78818 ? 700  PHE A CE1 1 
ATOM   686  C CE2 . PHE A 1 114 ? 5.93203   -11.17579 6.10898   1.000 30.60561 ? 700  PHE A CE2 1 
ATOM   687  C CZ  . PHE A 1 114 ? 6.49226   -12.05513 5.20539   1.000 27.00184 ? 700  PHE A CZ  1 
ATOM   688  N N   . GLN A 1 115 ? 3.10924   -14.93255 7.97229   1.000 28.06278 ? 701  GLN A N   1 
ATOM   689  C CA  . GLN A 1 115 ? 2.69496   -16.06388 7.15237   1.000 29.84806 ? 701  GLN A CA  1 
ATOM   690  C C   . GLN A 1 115 ? 2.38971   -15.59087 5.74162   1.000 28.16544 ? 701  GLN A C   1 
ATOM   691  O O   . GLN A 1 115 ? 2.19701   -14.39880 5.48904   1.000 23.12734 ? 701  GLN A O   1 
ATOM   692  C CB  . GLN A 1 115 ? 1.44136   -16.76657 7.68344   1.000 30.46191 ? 701  GLN A CB  1 
ATOM   693  C CG  . GLN A 1 115 ? 1.12749   -16.59679 9.14253   1.000 37.16626 ? 701  GLN A CG  1 
ATOM   694  C CD  . GLN A 1 115 ? -0.28217  -17.04228 9.44790   1.000 37.31927 ? 701  GLN A CD  1 
ATOM   695  O OE1 . GLN A 1 115 ? -1.25565  -16.46184 8.95073   1.000 42.74288 ? 701  GLN A OE1 1 
ATOM   696  N NE2 . GLN A 1 115 ? -0.40556  -18.09625 10.24548  1.000 49.15418 ? 701  GLN A NE2 1 
ATOM   697  N N   . LYS A 1 116 ? 2.29232   -16.55295 4.82545   1.000 20.72774 ? 702  LYS A N   1 
ATOM   698  C CA  . LYS A 1 116 ? 1.88729   -16.23363 3.46732   1.000 22.26565 ? 702  LYS A CA  1 
ATOM   699  C C   . LYS A 1 116 ? 0.39350   -15.91373 3.42936   1.000 26.09728 ? 702  LYS A C   1 
ATOM   700  O O   . LYS A 1 116 ? -0.39353  -16.40263 4.25045   1.000 24.12579 ? 702  LYS A O   1 
ATOM   701  C CB  . LYS A 1 116 ? 2.23850   -17.39016 2.52557   1.000 25.46407 ? 702  LYS A CB  1 
ATOM   702  C CG  . LYS A 1 116 ? 1.05892   -18.20044 2.04143   1.000 35.15835 ? 702  LYS A CG  1 
ATOM   703  C CD  . LYS A 1 116 ? 1.51173   -19.29372 1.07528   1.000 44.71883 ? 702  LYS A CD  1 
ATOM   704  C CE  . LYS A 1 116 ? 0.33357   -19.91960 0.34944   1.000 54.86884 ? 702  LYS A CE  1 
ATOM   705  N NZ  . LYS A 1 116 ? -0.30074  -18.93919 -0.57256  1.000 55.48783 ? 702  LYS A NZ  1 
ATOM   706  N N   . GLY A 1 117 ? 0.00750   -15.04560 2.48799   1.000 21.47849 ? 703  GLY A N   1 
ATOM   707  C CA  . GLY A 1 117 ? -1.37957  -14.65882 2.31103   1.000 20.94410 ? 703  GLY A CA  1 
ATOM   708  C C   . GLY A 1 117 ? -1.54325  -13.14847 2.33203   1.000 18.44384 ? 703  GLY A C   1 
ATOM   709  O O   . GLY A 1 117 ? -0.57372  -12.38882 2.21092   1.000 19.07422 ? 703  GLY A O   1 
ATOM   710  N N   . VAL A 1 118 ? -2.78640  -12.70232 2.49941   1.000 15.54244 ? 704  VAL A N   1 
ATOM   711  C CA  . VAL A 1 118 ? -3.15065  -11.28644 2.42455   1.000 17.73167 ? 704  VAL A CA  1 
ATOM   712  C C   . VAL A 1 118 ? -3.49758  -10.79241 3.82217   1.000 19.59227 ? 704  VAL A C   1 
ATOM   713  O O   . VAL A 1 118 ? -4.30481  -11.41951 4.52028   1.000 18.05813 ? 704  VAL A O   1 
ATOM   714  C CB  . VAL A 1 118 ? -4.33738  -11.05573 1.47106   1.000 21.28305 ? 704  VAL A CB  1 
ATOM   715  C CG1 . VAL A 1 118 ? -4.52276  -9.54132  1.20591   1.000 19.13965 ? 704  VAL A CG1 1 
ATOM   716  C CG2 . VAL A 1 118 ? -4.14902  -11.83484 0.18132   1.000 23.53720 ? 704  VAL A CG2 1 
ATOM   717  N N   . CYS A 1 119 ? -2.90484  -9.66238  4.22839   1.000 16.22917 ? 705  CYS A N   1 
ATOM   718  C CA  . CYS A 1 119 ? -3.18846  -9.07650  5.53263   1.000 13.59645 ? 705  CYS A CA  1 
ATOM   719  C C   . CYS A 1 119 ? -3.51633  -7.59784  5.40554   1.000 17.40393 ? 705  CYS A C   1 
ATOM   720  O O   . CYS A 1 119 ? -3.16152  -6.93495  4.42387   1.000 16.58069 ? 705  CYS A O   1 
ATOM   721  C CB  . CYS A 1 119 ? -2.01940  -9.25453  6.52563   1.000 16.77430 ? 705  CYS A CB  1 
ATOM   722  S SG  . CYS A 1 119 ? -0.51823  -8.33024  6.11334   1.000 14.85427 ? 705  CYS A SG  1 
ATOM   723  N N   . VAL A 1 120 ? -4.20130  -7.09374  6.42909   1.000 12.93438 ? 706  VAL A N   1 
ATOM   724  C CA  . VAL A 1 120 ? -4.41876  -5.66607  6.62953   1.000 14.80356 ? 706  VAL A CA  1 
ATOM   725  C C   . VAL A 1 120 ? -3.63558  -5.27262  7.87186   1.000 15.59871 ? 706  VAL A C   1 
ATOM   726  O O   . VAL A 1 120 ? -3.81608  -5.88361  8.93063   1.000 12.36943 ? 706  VAL A O   1 
ATOM   727  C CB  . VAL A 1 120 ? -5.91232  -5.33789  6.79509   1.000 17.46688 ? 706  VAL A CB  1 
ATOM   728  C CG1 . VAL A 1 120 ? -6.10335  -3.82143  6.94519   1.000 16.01475 ? 706  VAL A CG1 1 
ATOM   729  C CG2 . VAL A 1 120 ? -6.70950  -5.86154  5.59736   1.000 20.61752 ? 706  VAL A CG2 1 
ATOM   730  N N   . ILE A 1 121 ? -2.75903  -4.27646  7.74398   1.000 12.72602 ? 707  ILE A N   1 
ATOM   731  C CA  . ILE A 1 121 ? -1.75782  -4.00697  8.78208   1.000 13.23428 ? 707  ILE A CA  1 
ATOM   732  C C   . ILE A 1 121 ? -1.46557  -2.50874  8.87436   1.000 13.36919 ? 707  ILE A C   1 
ATOM   733  O O   . ILE A 1 121 ? -1.39632  -1.82671  7.83094   1.000 14.96237 ? 707  ILE A O   1 
ATOM   734  C CB  . ILE A 1 121 ? -0.47560  -4.82960  8.50585   1.000 11.95904 ? 707  ILE A CB  1 
ATOM   735  C CG1 . ILE A 1 121 ? 0.52537   -4.71268  9.65852   1.000 11.86495 ? 707  ILE A CG1 1 
ATOM   736  C CG2 . ILE A 1 121 ? 0.18022   -4.43218  7.16867   1.000 12.32290 ? 707  ILE A CG2 1 
ATOM   737  C CD1 . ILE A 1 121 ? 1.78252   -5.61765  9.50205   1.000 11.51100 ? 707  ILE A CD1 1 
ATOM   738  N N   . PRO A 1 122 ? -1.31749  -1.93956  10.07575  1.000 15.11659 ? 708  PRO A N   1 
ATOM   739  C CA  . PRO A 1 122 ? -0.96437  -0.51754  10.18656  1.000 13.53284 ? 708  PRO A CA  1 
ATOM   740  C C   . PRO A 1 122 ? 0.53075   -0.30915  10.01243  1.000 12.58764 ? 708  PRO A C   1 
ATOM   741  O O   . PRO A 1 122 ? 1.33801   -1.20650  10.25996  1.000 10.72666 ? 708  PRO A O   1 
ATOM   742  C CB  . PRO A 1 122 ? -1.39927  -0.14012  11.60764  1.000 13.61139 ? 708  PRO A CB  1 
ATOM   743  C CG  . PRO A 1 122 ? -1.25191  -1.41769  12.38731  1.000 12.49773 ? 708  PRO A CG  1 
ATOM   744  C CD  . PRO A 1 122 ? -1.60530  -2.53976  11.40096  1.000 13.27861 ? 708  PRO A CD  1 
ATOM   745  N N   . VAL A 1 123 ? 0.88687   0.90995   9.58045   1.000 12.39735 ? 709  VAL A N   1 
ATOM   746  C CA  . VAL A 1 123 ? 2.29124   1.23317   9.29199   1.000 13.90285 ? 709  VAL A CA  1 
ATOM   747  C C   . VAL A 1 123 ? 3.19731   0.84123   10.45440  1.000 15.40309 ? 709  VAL A C   1 
ATOM   748  O O   . VAL A 1 123 ? 4.25943   0.23731   10.25189  1.000 15.21890 ? 709  VAL A O   1 
ATOM   749  C CB  . VAL A 1 123 ? 2.45310   2.73138   8.94179   1.000 14.76431 ? 709  VAL A CB  1 
ATOM   750  C CG1 . VAL A 1 123 ? 3.94298   3.08592   8.79625   1.000 13.62145 ? 709  VAL A CG1 1 
ATOM   751  C CG2 . VAL A 1 123 ? 1.73469   3.06224   7.64866   1.000 15.57896 ? 709  VAL A CG2 1 
ATOM   752  N N   . TYR A 1 124 ? 2.80040   1.17450   11.69354  1.000 15.84081 ? 710  TYR A N   1 
ATOM   753  C CA  . TYR A 1 124 ? 3.70851   0.94165   12.81791  1.000 17.52373 ? 710  TYR A CA  1 
ATOM   754  C C   . TYR A 1 124 ? 3.96065   -0.53878  13.08422  1.000 19.69536 ? 710  TYR A C   1 
ATOM   755  O O   . TYR A 1 124 ? 5.00111   -0.87576  13.66280  1.000 19.39308 ? 710  TYR A O   1 
ATOM   756  C CB  . TYR A 1 124 ? 3.19695   1.62574   14.09263  1.000 18.07978 ? 710  TYR A CB  1 
ATOM   757  C CG  . TYR A 1 124 ? 2.01358   0.98242   14.77557  1.000 16.50968 ? 710  TYR A CG  1 
ATOM   758  C CD1 . TYR A 1 124 ? 2.18335   -0.02917  15.72172  1.000 20.01389 ? 710  TYR A CD1 1 
ATOM   759  C CD2 . TYR A 1 124 ? 0.72709   1.40970   14.50774  1.000 16.95152 ? 710  TYR A CD2 1 
ATOM   760  C CE1 . TYR A 1 124 ? 1.08824   -0.60110  16.36759  1.000 17.44766 ? 710  TYR A CE1 1 
ATOM   761  C CE2 . TYR A 1 124 ? -0.36988  0.83685   15.13780  1.000 17.87081 ? 710  TYR A CE2 1 
ATOM   762  C CZ  . TYR A 1 124 ? -0.18157  -0.16669  16.06537  1.000 21.01440 ? 710  TYR A CZ  1 
ATOM   763  O OH  . TYR A 1 124 ? -1.27843  -0.72262  16.69026  1.000 22.92293 ? 710  TYR A OH  1 
ATOM   764  N N   . LEU A 1 125 ? 3.04868   -1.43048  12.68950  1.000 15.08491 ? 711  LEU A N   1 
ATOM   765  C CA  . LEU A 1 125 ? 3.32182   -2.85991  12.81230  1.000 15.56702 ? 711  LEU A CA  1 
ATOM   766  C C   . LEU A 1 125 ? 4.02104   -3.42396  11.58325  1.000 19.52844 ? 711  LEU A C   1 
ATOM   767  O O   . LEU A 1 125 ? 4.63556   -4.49475  11.66606  1.000 18.68544 ? 711  LEU A O   1 
ATOM   768  C CB  . LEU A 1 125 ? 2.02191   -3.63407  13.07747  1.000 15.49101 ? 711  LEU A CB  1 
ATOM   769  C CG  . LEU A 1 125 ? 1.37641   -3.45626  14.46132  1.000 18.75132 ? 711  LEU A CG  1 
ATOM   770  C CD1 . LEU A 1 125 ? 0.10542   -4.32493  14.61062  1.000 18.48254 ? 711  LEU A CD1 1 
ATOM   771  C CD2 . LEU A 1 125 ? 2.36318   -3.78482  15.57962  1.000 20.81057 ? 711  LEU A CD2 1 
ATOM   772  N N   . ALA A 1 126 ? 3.94691   -2.72671  10.44670  1.000 14.59395 ? 712  ALA A N   1 
ATOM   773  C CA  . ALA A 1 126 ? 4.60680   -3.17745  9.23003   1.000 15.98770 ? 712  ALA A CA  1 
ATOM   774  C C   . ALA A 1 126 ? 6.06996   -2.75908  9.16517   1.000 22.52736 ? 712  ALA A C   1 
ATOM   775  O O   . ALA A 1 126 ? 6.81304   -3.29392  8.33399   1.000 18.04914 ? 712  ALA A O   1 
ATOM   776  C CB  . ALA A 1 126 ? 3.87002   -2.62200  8.00856   1.000 15.06683 ? 712  ALA A CB  1 
ATOM   777  N N   . LYS A 1 127 ? 6.48637   -1.80044  9.99818   1.000 20.44816 ? 713  LYS A N   1 
ATOM   778  C CA  . LYS A 1 127 ? 7.86374   -1.31228  9.98678   1.000 27.22532 ? 713  LYS A CA  1 
ATOM   779  C C   . LYS A 1 127 ? 8.85249   -2.46755  10.00170  1.000 23.75795 ? 713  LYS A C   1 
ATOM   780  O O   . LYS A 1 127 ? 8.77852   -3.34481  10.85941  1.000 25.39947 ? 713  LYS A O   1 
ATOM   781  C CB  . LYS A 1 127 ? 8.11199   -0.43230  11.21082  1.000 26.81061 ? 713  LYS A CB  1 
ATOM   782  C CG  . LYS A 1 127 ? 7.34826   0.85811   11.23580  1.000 30.77269 ? 713  LYS A CG  1 
ATOM   783  C CD  . LYS A 1 127 ? 8.05778   1.82563   12.17626  1.000 37.30124 ? 713  LYS A CD  1 
ATOM   784  C CE  . LYS A 1 127 ? 7.09520   2.41454   13.19573  1.000 44.41061 ? 713  LYS A CE  1 
ATOM   785  N NZ  . LYS A 1 127 ? 7.73182   3.53403   13.94787  1.000 42.96850 ? 713  LYS A NZ  1 
ATOM   786  N N   . GLY A 1 128 ? 9.78958   -2.46049  9.06245   1.000 28.51843 ? 714  GLY A N   1 
ATOM   787  C CA  . GLY A 1 128 ? 10.80005  -3.50674  9.09814   1.000 31.98738 ? 714  GLY A CA  1 
ATOM   788  C C   . GLY A 1 128 ? 10.32924  -4.90549  8.75662   1.000 33.09485 ? 714  GLY A C   1 
ATOM   789  O O   . GLY A 1 128 ? 11.07190  -5.86557  8.98527   1.000 37.36613 ? 714  GLY A O   1 
ATOM   790  N N   . ILE A 1 129 ? 9.11854   -5.06059  8.23603   1.000 25.17426 ? 715  ILE A N   1 
ATOM   791  C CA  . ILE A 1 129 ? 8.69037   -6.29831  7.59543   1.000 23.51269 ? 715  ILE A CA  1 
ATOM   792  C C   . ILE A 1 129 ? 8.75149   -6.05838  6.09598   1.000 23.11418 ? 715  ILE A C   1 
ATOM   793  O O   . ILE A 1 129 ? 8.49310   -4.94747  5.62659   1.000 18.05013 ? 715  ILE A O   1 
ATOM   794  C CB  . ILE A 1 129 ? 7.26291   -6.71622  8.01291   1.000 25.90149 ? 715  ILE A CB  1 
ATOM   795  C CG1 . ILE A 1 129 ? 7.09883   -6.77562  9.52922   1.000 26.83435 ? 715  ILE A CG1 1 
ATOM   796  C CG2 . ILE A 1 129 ? 6.89448   -8.06362  7.38646   1.000 25.03202 ? 715  ILE A CG2 1 
ATOM   797  C CD1 . ILE A 1 129 ? 5.75776   -7.38825  9.93686   1.000 25.88443 ? 715  ILE A CD1 1 
ATOM   798  N N   . GLU A 1 130 ? 9.09043   -7.09264  5.33148   1.000 23.19882 ? 716  GLU A N   1 
ATOM   799  C CA  . GLU A 1 130 ? 9.11538   -7.01275  3.87596   1.000 20.09936 ? 716  GLU A CA  1 
ATOM   800  C C   . GLU A 1 130 ? 8.02502   -7.90287  3.29662   1.000 20.64781 ? 716  GLU A C   1 
ATOM   801  O O   . GLU A 1 130 ? 7.85920   -9.04630  3.72980   1.000 18.41278 ? 716  GLU A O   1 
ATOM   802  C CB  . GLU A 1 130 ? 10.47836  -7.43486  3.32465   1.000 24.33059 ? 716  GLU A CB  1 
ATOM   803  C CG  . GLU A 1 130 ? 11.63525  -6.56844  3.80217   1.000 30.22683 ? 716  GLU A CG  1 
ATOM   804  C CD  . GLU A 1 130 ? 12.98403  -7.15460  3.44708   1.000 38.12979 ? 716  GLU A CD  1 
ATOM   805  O OE1 . GLU A 1 130 ? 13.07454  -8.38753  3.23972   1.000 45.10505 ? 716  GLU A OE1 1 
ATOM   806  O OE2 . GLU A 1 130 ? 13.95612  -6.37829  3.37592   1.000 48.67886 ? 716  GLU A OE2 1 
ATOM   807  N N   . PHE A 1 131 ? 7.29211   -7.38242  2.31515   1.000 17.12186 ? 717  PHE A N   1 
ATOM   808  C CA  . PHE A 1 131 ? 6.23308   -8.11924  1.64451   1.000 14.85918 ? 717  PHE A CA  1 
ATOM   809  C C   . PHE A 1 131 ? 6.53940   -8.17322  0.15466   1.000 14.95966 ? 717  PHE A C   1 
ATOM   810  O O   . PHE A 1 131 ? 7.12985   -7.24088  -0.39912  1.000 17.96048 ? 717  PHE A O   1 
ATOM   811  C CB  . PHE A 1 131 ? 4.85185   -7.45279  1.84908   1.000 14.90337 ? 717  PHE A CB  1 
ATOM   812  C CG  . PHE A 1 131 ? 4.44299   -7.28586  3.30138   1.000 14.76668 ? 717  PHE A CG  1 
ATOM   813  C CD1 . PHE A 1 131 ? 3.76921   -8.29860  3.96639   1.000 15.70508 ? 717  PHE A CD1 1 
ATOM   814  C CD2 . PHE A 1 131 ? 4.69868   -6.10124  3.97745   1.000 18.02189 ? 717  PHE A CD2 1 
ATOM   815  C CE1 . PHE A 1 131 ? 3.38959   -8.15007  5.28672   1.000 20.10706 ? 717  PHE A CE1 1 
ATOM   816  C CE2 . PHE A 1 131 ? 4.31585   -5.94021  5.29722   1.000 17.22854 ? 717  PHE A CE2 1 
ATOM   817  C CZ  . PHE A 1 131 ? 3.66113   -6.97527  5.95586   1.000 14.34991 ? 717  PHE A CZ  1 
ATOM   818  N N   . ASP A 1 132 ? 6.11792   -9.25706  -0.50366  1.000 15.24311 ? 718  ASP A N   1 
ATOM   819  C CA  . ASP A 1 132 ? 6.17806   -9.29102  -1.96458  1.000 15.23285 ? 718  ASP A CA  1 
ATOM   820  C C   . ASP A 1 132 ? 5.47483   -8.07497  -2.55814  1.000 18.52486 ? 718  ASP A C   1 
ATOM   821  O O   . ASP A 1 132 ? 5.98092   -7.42666  -3.48174  1.000 15.32922 ? 718  ASP A O   1 
ATOM   822  C CB  . ASP A 1 132 ? 5.52013   -10.56517 -2.50286  1.000 16.09295 ? 718  ASP A CB  1 
ATOM   823  C CG  . ASP A 1 132 ? 6.30914   -11.82892 -2.17577  1.000 20.66274 ? 718  ASP A CG  1 
ATOM   824  O OD1 . ASP A 1 132 ? 7.51082   -11.74347 -1.83925  1.000 17.82545 ? 718  ASP A OD1 1 
ATOM   825  O OD2 . ASP A 1 132 ? 5.70619   -12.90522 -2.26504  1.000 19.01624 ? 718  ASP A OD2 1 
ATOM   826  N N   . ALA A 1 133 ? 4.28136   -7.76724  -2.04830  1.000 16.49622 ? 719  ALA A N   1 
ATOM   827  C CA  . ALA A 1 133 ? 3.46349   -6.70470  -2.61301  1.000 15.84277 ? 719  ALA A CA  1 
ATOM   828  C C   . ALA A 1 133 ? 2.83776   -5.89603  -1.48865  1.000 15.40055 ? 719  ALA A C   1 
ATOM   829  O O   . ALA A 1 133 ? 2.37883   -6.46740  -0.49383  1.000 12.90710 ? 719  ALA A O   1 
ATOM   830  C CB  . ALA A 1 133 ? 2.36128   -7.27741  -3.51821  1.000 14.27918 ? 719  ALA A CB  1 
ATOM   831  N N   . VAL A 1 134 ? 2.80952   -4.57014  -1.66356  1.000 14.86258 ? 720  VAL A N   1 
ATOM   832  C CA  . VAL A 1 134 ? 2.13830   -3.64576  -0.75095  1.000 14.59289 ? 720  VAL A CA  1 
ATOM   833  C C   . VAL A 1 134 ? 1.08198   -2.88125  -1.53753  1.000 14.59353 ? 720  VAL A C   1 
ATOM   834  O O   . VAL A 1 134 ? 1.35624   -2.38872  -2.64005  1.000 14.06214 ? 720  VAL A O   1 
ATOM   835  C CB  . VAL A 1 134 ? 3.14467   -2.68620  -0.07621  1.000 16.36559 ? 720  VAL A CB  1 
ATOM   836  C CG1 . VAL A 1 134 ? 2.44139   -1.53948  0.65420   1.000 15.26064 ? 720  VAL A CG1 1 
ATOM   837  C CG2 . VAL A 1 134 ? 4.03108   -3.47316  0.89527   1.000 14.95039 ? 720  VAL A CG2 1 
ATOM   838  N N   . LEU A 1 135 ? -0.13979  -2.82751  -0.99418  1.000 12.10323 ? 721  LEU A N   1 
ATOM   839  C CA  . LEU A 1 135 ? -1.19109  -1.94522  -1.49095  1.000 13.44442 ? 721  LEU A CA  1 
ATOM   840  C C   . LEU A 1 135 ? -1.45051  -0.92400  -0.38858  1.000 13.60646 ? 721  LEU A C   1 
ATOM   841  O O   . LEU A 1 135 ? -1.91653  -1.28207  0.69912   1.000 13.98032 ? 721  LEU A O   1 
ATOM   842  C CB  . LEU A 1 135 ? -2.46522  -2.72229  -1.85900  1.000 13.60627 ? 721  LEU A CB  1 
ATOM   843  C CG  . LEU A 1 135 ? -2.36021  -3.93588  -2.81421  1.000 20.11356 ? 721  LEU A CG  1 
ATOM   844  C CD1 . LEU A 1 135 ? -2.05792  -5.18105  -2.04373  1.000 20.61724 ? 721  LEU A CD1 1 
ATOM   845  C CD2 . LEU A 1 135 ? -3.62562  -4.17065  -3.60199  1.000 22.90297 ? 721  LEU A CD2 1 
ATOM   846  N N   . VAL A 1 136 ? -1.09921  0.33226   -0.63753  1.000 13.53867 ? 722  VAL A N   1 
ATOM   847  C CA  . VAL A 1 136 ? -1.33488  1.38030   0.35542   1.000 12.86364 ? 722  VAL A CA  1 
ATOM   848  C C   . VAL A 1 136 ? -2.81556  1.73147   0.32472   1.000 15.16178 ? 722  VAL A C   1 
ATOM   849  O O   . VAL A 1 136 ? -3.36509  2.05776   -0.73300  1.000 14.19397 ? 722  VAL A O   1 
ATOM   850  C CB  . VAL A 1 136 ? -0.46139  2.61278   0.09275   1.000 14.91426 ? 722  VAL A CB  1 
ATOM   851  C CG1 . VAL A 1 136 ? -0.71841  3.68029   1.14979   1.000 14.17711 ? 722  VAL A CG1 1 
ATOM   852  C CG2 . VAL A 1 136 ? 1.00656   2.22023   0.09366   1.000 12.70123 ? 722  VAL A CG2 1 
ATOM   853  N N   . TYR A 1 137 ? -3.46801  1.63529   1.47685   1.000 12.40665 ? 723  TYR A N   1 
ATOM   854  C CA  . TYR A 1 137 ? -4.89574  1.92391   1.60312   1.000 17.31326 ? 723  TYR A CA  1 
ATOM   855  C C   . TYR A 1 137 ? -5.13835  3.42940   1.75579   1.000 16.41361 ? 723  TYR A C   1 
ATOM   856  O O   . TYR A 1 137 ? -4.70710  4.04413   2.74014   1.000 20.71530 ? 723  TYR A O   1 
ATOM   857  C CB  . TYR A 1 137 ? -5.45151  1.18676   2.81348   1.000 16.45526 ? 723  TYR A CB  1 
ATOM   858  C CG  . TYR A 1 137 ? -6.94158  1.21534   2.96146   1.000 15.94459 ? 723  TYR A CG  1 
ATOM   859  C CD1 . TYR A 1 137 ? -7.57674  2.24616   3.64925   1.000 17.43824 ? 723  TYR A CD1 1 
ATOM   860  C CD2 . TYR A 1 137 ? -7.71190  0.18751   2.45503   1.000 17.14513 ? 723  TYR A CD2 1 
ATOM   861  C CE1 . TYR A 1 137 ? -8.96599  2.24815   3.80952   1.000 17.22777 ? 723  TYR A CE1 1 
ATOM   862  C CE2 . TYR A 1 137 ? -9.08908  0.17571   2.60878   1.000 19.08438 ? 723  TYR A CE2 1 
ATOM   863  C CZ  . TYR A 1 137 ? -9.70466  1.20548   3.28465   1.000 16.98165 ? 723  TYR A CZ  1 
ATOM   864  O OH  . TYR A 1 137 ? -11.06225 1.17590   3.41518   1.000 22.66105 ? 723  TYR A OH  1 
ATOM   865  N N   . ASP A 1 138 ? -5.82593  4.01235   0.78782   1.000 19.72913 ? 724  ASP A N   1 
ATOM   866  C CA  . ASP A 1 138 ? -6.28570  5.40730   0.82492   1.000 16.29770 ? 724  ASP A CA  1 
ATOM   867  C C   . ASP A 1 138 ? -5.17134  6.40118   1.17328   1.000 17.39356 ? 724  ASP A C   1 
ATOM   868  O O   . ASP A 1 138 ? -5.13342  7.02866   2.25013   1.000 13.33796 ? 724  ASP A O   1 
ATOM   869  C CB  . ASP A 1 138 ? -7.46788  5.56275   1.77737   1.000 16.86514 ? 724  ASP A CB  1 
ATOM   870  C CG  . ASP A 1 138 ? -8.35087  6.70269   1.36068   1.000 21.83735 ? 724  ASP A CG  1 
ATOM   871  O OD1 . ASP A 1 138 ? -8.01157  7.31753   0.32584   1.000 21.12058 ? 724  ASP A OD1 1 
ATOM   872  O OD2 . ASP A 1 138 ? -9.34387  6.99031   2.04706   1.000 23.02956 ? 724  ASP A OD2 1 
ATOM   873  N N   . ALA A 1 139 ? -4.29450  6.59056   0.19004   1.000 13.63314 ? 725  ALA A N   1 
ATOM   874  C CA  . ALA A 1 139 ? -3.22092  7.57594   0.30760   1.000 15.95447 ? 725  ALA A CA  1 
ATOM   875  C C   . ALA A 1 139 ? -3.70333  8.95173   -0.16057  1.000 14.58312 ? 725  ALA A C   1 
ATOM   876  O O   . ALA A 1 139 ? -3.17233  9.54957   -1.09634  1.000 15.88749 ? 725  ALA A O   1 
ATOM   877  C CB  . ALA A 1 139 ? -1.99719  7.12270   -0.48066  1.000 12.04985 ? 725  ALA A CB  1 
ATOM   878  N N   . SER A 1 140 ? -4.73296  9.44929   0.50966   1.000 13.18349 ? 726  SER A N   1 
ATOM   879  C CA  . SER A 1 140 ? -5.36574  10.69869  0.12748   1.000 14.79837 ? 726  SER A CA  1 
ATOM   880  C C   . SER A 1 140 ? -4.70192  11.88506  0.82231   1.000 18.42349 ? 726  SER A C   1 
ATOM   881  O O   . SER A 1 140 ? -3.94062  11.74097  1.78078   1.000 13.71380 ? 726  SER A O   1 
ATOM   882  C CB  . SER A 1 140 ? -6.84951  10.65365  0.47911   1.000 15.47954 ? 726  SER A CB  1 
ATOM   883  O OG  . SER A 1 140 ? -6.98289  10.60702  1.89380   1.000 16.85992 ? 726  SER A OG  1 
ATOM   884  N N   . GLU A 1 141 ? -5.00848  13.09052  0.33965   1.000 17.98196 ? 727  GLU A N   1 
ATOM   885  C CA  . GLU A 1 141 ? -4.42338  14.24626  1.00261   1.000 18.82859 ? 727  GLU A CA  1 
ATOM   886  C C   . GLU A 1 141 ? -4.97430  14.39216  2.41824   1.000 15.48024 ? 727  GLU A C   1 
ATOM   887  O O   . GLU A 1 141 ? -4.26254  14.85432  3.31307   1.000 17.88799 ? 727  GLU A O   1 
ATOM   888  C CB  . GLU A 1 141 ? -4.63407  15.51164  0.15494   1.000 20.97513 ? 727  GLU A CB  1 
ATOM   889  C CG  . GLU A 1 141 ? -5.90050  16.24926  0.41028   1.000 23.02976 ? 727  GLU A CG  1 
ATOM   890  C CD  . GLU A 1 141 ? -6.10521  17.45487  -0.52211  1.000 23.32823 ? 727  GLU A CD  1 
ATOM   891  O OE1 . GLU A 1 141 ? -7.27398  17.83757  -0.69736  1.000 19.42842 ? 727  GLU A OE1 1 
ATOM   892  O OE2 . GLU A 1 141 ? -5.11964  18.00638  -1.06841  1.000 20.91892 ? 727  GLU A OE2 1 
ATOM   893  N N   . GLU A 1 142 ? -6.21462  13.95487  2.65274   1.000 17.48581 ? 728  GLU A N   1 
ATOM   894  C CA  . GLU A 1 142 ? -6.75475  13.96268  4.00978   1.000 18.35905 ? 728  GLU A CA  1 
ATOM   895  C C   . GLU A 1 142 ? -5.91879  13.09159  4.95126   1.000 19.99313 ? 728  GLU A C   1 
ATOM   896  O O   . GLU A 1 142 ? -5.63933  13.47959  6.09262   1.000 20.67577 ? 728  GLU A O   1 
ATOM   897  C CB  . GLU A 1 142 ? -8.20854  13.49293  3.95911   1.000 26.95329 ? 728  GLU A CB  1 
ATOM   898  C CG  . GLU A 1 142 ? -8.84647  13.13134  5.27036   1.000 29.77891 ? 728  GLU A CG  1 
ATOM   899  C CD  . GLU A 1 142 ? -10.26089 12.58253  5.07192   1.000 37.30060 ? 728  GLU A CD  1 
ATOM   900  O OE1 . GLU A 1 142 ? -10.46053 11.72847  4.17721   1.000 34.96378 ? 728  GLU A OE1 1 
ATOM   901  O OE2 . GLU A 1 142 ? -11.17619 13.01034  5.80725   1.000 42.23260 ? 728  GLU A OE2 1 
ATOM   902  N N   . HIS A 1 143 ? -5.47200  11.92731  4.48252   1.000 18.82131 ? 729  HIS A N   1 
ATOM   903  C CA  . HIS A 1 143 ? -4.77758  11.00709  5.37631   1.000 17.44621 ? 729  HIS A CA  1 
ATOM   904  C C   . HIS A 1 143 ? -3.27813  11.23866  5.44336   1.000 16.58766 ? 729  HIS A C   1 
ATOM   905  O O   . HIS A 1 143 ? -2.66038  10.90260  6.46333   1.000 18.98852 ? 729  HIS A O   1 
ATOM   906  C CB  . HIS A 1 143 ? -5.05304  9.56201   4.96109   1.000 15.08392 ? 729  HIS A CB  1 
ATOM   907  C CG  . HIS A 1 143 ? -6.46406  9.13010   5.21583   1.000 18.08523 ? 729  HIS A CG  1 
ATOM   908  N ND1 . HIS A 1 143 ? -7.11299  9.38392   6.40434   1.000 24.51838 ? 729  HIS A ND1 1 
ATOM   909  C CD2 . HIS A 1 143 ? -7.34881  8.46078   4.43890   1.000 20.51851 ? 729  HIS A CD2 1 
ATOM   910  C CE1 . HIS A 1 143 ? -8.34094  8.89506   6.34692   1.000 28.66100 ? 729  HIS A CE1 1 
ATOM   911  N NE2 . HIS A 1 143 ? -8.50906  8.33050   5.16424   1.000 25.04076 ? 729  HIS A NE2 1 
ATOM   912  N N   . TYR A 1 144 ? -2.67499  11.79717  4.39318   1.000 13.25780 ? 730  TYR A N   1 
ATOM   913  C CA  . TYR A 1 144 ? -1.22023  11.95916  4.31827   1.000 16.82938 ? 730  TYR A CA  1 
ATOM   914  C C   . TYR A 1 144 ? -0.90708  13.37069  3.81185   1.000 17.84145 ? 730  TYR A C   1 
ATOM   915  O O   . TYR A 1 144 ? -0.81122  13.59768  2.60244   1.000 16.99995 ? 730  TYR A O   1 
ATOM   916  C CB  . TYR A 1 144 ? -0.59532  10.90067  3.42051   1.000 14.43931 ? 730  TYR A CB  1 
ATOM   917  C CG  . TYR A 1 144 ? -0.69003  9.46387   3.95146   1.000 14.89465 ? 730  TYR A CG  1 
ATOM   918  C CD1 . TYR A 1 144 ? 0.26327   8.96552   4.82903   1.000 17.08338 ? 730  TYR A CD1 1 
ATOM   919  C CD2 . TYR A 1 144 ? -1.73138  8.61982   3.56701   1.000 12.90736 ? 730  TYR A CD2 1 
ATOM   920  C CE1 . TYR A 1 144 ? 0.19106   7.65394   5.31848   1.000 14.80978 ? 730  TYR A CE1 1 
ATOM   921  C CE2 . TYR A 1 144 ? -1.80905  7.29860   4.04615   1.000 12.65898 ? 730  TYR A CE2 1 
ATOM   922  C CZ  . TYR A 1 144 ? -0.84108  6.83176   4.91598   1.000 13.35575 ? 730  TYR A CZ  1 
ATOM   923  O OH  . TYR A 1 144 ? -0.90199  5.54665   5.40741   1.000 14.93119 ? 730  TYR A OH  1 
ATOM   924  N N   . HIS A 1 145 ? -0.71017  14.30582  4.74127   1.000 15.67826 ? 731  HIS A N   1 
ATOM   925  C CA  . HIS A 1 145 ? -0.30282  15.65909  4.36165   1.000 17.50657 ? 731  HIS A CA  1 
ATOM   926  C C   . HIS A 1 145 ? 0.71459   16.29860  5.30318   1.000 19.76823 ? 731  HIS A C   1 
ATOM   927  O O   . HIS A 1 145 ? 1.37626   17.26138  4.89612   1.000 18.42723 ? 731  HIS A O   1 
ATOM   928  C CB  . HIS A 1 145 ? -1.53080  16.57477  4.24006   1.000 16.80967 ? 731  HIS A CB  1 
ATOM   929  C CG  . HIS A 1 145 ? -2.33339  16.67987  5.49733   1.000 18.46795 ? 731  HIS A CG  1 
ATOM   930  N ND1 . HIS A 1 145 ? -3.43518  15.88966  5.74607   1.000 18.98830 ? 731  HIS A ND1 1 
ATOM   931  C CD2 . HIS A 1 145 ? -2.17834  17.46713  6.58850   1.000 17.70832 ? 731  HIS A CD2 1 
ATOM   932  C CE1 . HIS A 1 145 ? -3.92639  16.18754  6.93584   1.000 20.77428 ? 731  HIS A CE1 1 
ATOM   933  N NE2 . HIS A 1 145 ? -3.18646  17.14673  7.46345   1.000 21.90281 ? 731  HIS A NE2 1 
ATOM   934  N N   . THR A 1 146 ? 0.91126   15.79758  6.52076   1.000 15.91820 ? 732  THR A N   1 
ATOM   935  C CA  . THR A 1 146 ? 1.93859   16.37444  7.37980   1.000 16.65671 ? 732  THR A CA  1 
ATOM   936  C C   . THR A 1 146 ? 3.29140   15.72760  7.08956   1.000 18.22940 ? 732  THR A C   1 
ATOM   937  O O   . THR A 1 146 ? 3.39976   14.72859  6.36766   1.000 17.20241 ? 732  THR A O   1 
ATOM   938  C CB  . THR A 1 146 ? 1.58921   16.20447  8.85860   1.000 17.67601 ? 732  THR A CB  1 
ATOM   939  O OG1 . THR A 1 146 ? 1.60714   14.81091  9.18803   1.000 17.37173 ? 732  THR A OG1 1 
ATOM   940  C CG2 . THR A 1 146 ? 0.22022   16.77991  9.16447   1.000 20.29867 ? 732  THR A CG2 1 
ATOM   941  N N   . GLU A 1 147 ? 4.34228   16.31601  7.65824   1.000 15.41048 ? 733  GLU A N   1 
ATOM   942  C CA  . GLU A 1 147 ? 5.65640   15.69704  7.53617   1.000 21.21664 ? 733  GLU A CA  1 
ATOM   943  C C   . GLU A 1 147 ? 5.68230   14.35475  8.25599   1.000 17.78297 ? 733  GLU A C   1 
ATOM   944  O O   . GLU A 1 147 ? 6.31330   13.40455  7.78763   1.000 19.26927 ? 733  GLU A O   1 
ATOM   945  C CB  . GLU A 1 147 ? 6.74015   16.63312  8.07504   1.000 18.69151 ? 733  GLU A CB  1 
ATOM   946  C CG  . GLU A 1 147 ? 7.03034   17.80976  7.13517   1.000 23.87312 ? 733  GLU A CG  1 
ATOM   947  C CD  . GLU A 1 147 ? 7.31488   17.36242  5.70839   1.000 25.42969 ? 733  GLU A CD  1 
ATOM   948  O OE1 . GLU A 1 147 ? 8.14368   16.44780  5.52375   1.000 25.06589 ? 733  GLU A OE1 1 
ATOM   949  O OE2 . GLU A 1 147 ? 6.70135   17.91616  4.76860   1.000 32.33293 ? 733  GLU A OE2 1 
ATOM   950  N N   . HIS A 1 148 ? 5.00281   14.26217  9.40052   1.000 16.47412 ? 734  HIS A N   1 
ATOM   951  C CA  . HIS A 1 148 ? 4.82139   12.96814  10.05236  1.000 17.46032 ? 734  HIS A CA  1 
ATOM   952  C C   . HIS A 1 148 ? 4.16302   11.98010  9.09492   1.000 15.96659 ? 734  HIS A C   1 
ATOM   953  O O   . HIS A 1 148 ? 4.63639   10.85222  8.92484   1.000 14.56412 ? 734  HIS A O   1 
ATOM   954  C CB  . HIS A 1 148 ? 3.98547   13.14567  11.32583  1.000 18.11417 ? 734  HIS A CB  1 
ATOM   955  C CG  . HIS A 1 148 ? 3.57412   11.85800  11.97302  1.000 22.80440 ? 734  HIS A CG  1 
ATOM   956  N ND1 . HIS A 1 148 ? 4.44738   11.07631  12.69878  1.000 24.02394 ? 734  HIS A ND1 1 
ATOM   957  C CD2 . HIS A 1 148 ? 2.37430   11.22674  12.02218  1.000 23.60974 ? 734  HIS A CD2 1 
ATOM   958  C CE1 . HIS A 1 148 ? 3.80946   10.01125  13.15287  1.000 23.49236 ? 734  HIS A CE1 1 
ATOM   959  N NE2 . HIS A 1 148 ? 2.54906   10.08083  12.76132  1.000 22.59406 ? 734  HIS A NE2 1 
ATOM   960  N N   . ASP A 1 149 ? 3.07577   12.40175  8.44125   1.000 15.28942 ? 735  ASP A N   1 
ATOM   961  C CA  . ASP A 1 149 ? 2.40673   11.53907  7.46308   1.000 16.72642 ? 735  ASP A CA  1 
ATOM   962  C C   . ASP A 1 149 ? 3.35383   11.10229  6.35456   1.000 14.68311 ? 735  ASP A C   1 
ATOM   963  O O   . ASP A 1 149 ? 3.28259   9.96295   5.88668   1.000 14.36058 ? 735  ASP A O   1 
ATOM   964  C CB  . ASP A 1 149 ? 1.21027   12.25397  6.83413   1.000 16.57463 ? 735  ASP A CB  1 
ATOM   965  C CG  . ASP A 1 149 ? 0.11621   12.55505  7.82406   1.000 19.04033 ? 735  ASP A CG  1 
ATOM   966  O OD1 . ASP A 1 149 ? 0.07239   11.90916  8.89303   1.000 14.89982 ? 735  ASP A OD1 1 
ATOM   967  O OD2 . ASP A 1 149 ? -0.70549  13.43612  7.51006   1.000 15.67511 ? 735  ASP A OD2 1 
ATOM   968  N N   . ARG A 1 150 ? 4.21756   12.00903  5.89120   1.000 17.00090 ? 736  ARG A N   1 
ATOM   969  C CA  . ARG A 1 150 ? 5.17278   11.66043  4.84358   1.000 16.28479 ? 736  ARG A CA  1 
ATOM   970  C C   . ARG A 1 150 ? 6.07999   10.51335  5.28071   1.000 17.33423 ? 736  ARG A C   1 
ATOM   971  O O   . ARG A 1 150 ? 6.31932   9.57065   4.51671   1.000 15.54834 ? 736  ARG A O   1 
ATOM   972  C CB  . ARG A 1 150 ? 6.00870   12.88921  4.45557   1.000 18.69804 ? 736  ARG A CB  1 
ATOM   973  C CG  . ARG A 1 150 ? 6.90646   12.66234  3.21495   1.000 21.52340 ? 736  ARG A CG  1 
ATOM   974  C CD  . ARG A 1 150 ? 8.15476   13.55730  3.22869   1.000 26.31813 ? 736  ARG A CD  1 
ATOM   975  N NE  . ARG A 1 150 ? 7.78562   14.96853  3.17626   1.000 31.87120 ? 736  ARG A NE  1 
ATOM   976  C CZ  . ARG A 1 150 ? 7.58540   15.63909  2.04635   1.000 36.50286 ? 736  ARG A CZ  1 
ATOM   977  N NH1 . ARG A 1 150 ? 7.73491   15.02896  0.87795   1.000 34.10883 ? 736  ARG A NH1 1 
ATOM   978  N NH2 . ARG A 1 150 ? 7.23329   16.91551  2.08330   1.000 35.13015 ? 736  ARG A NH2 1 
ATOM   979  N N   . ARG A 1 151 ? 6.61894   10.58449  6.50066   1.000 13.22110 ? 737  ARG A N   1 
ATOM   980  C CA  . ARG A 1 151 ? 7.43383   9.47471   6.99196   1.000 15.81544 ? 737  ARG A CA  1 
ATOM   981  C C   . ARG A 1 151 ? 6.63233   8.17576   7.01763   1.000 15.51777 ? 737  ARG A C   1 
ATOM   982  O O   . ARG A 1 151 ? 7.15127   7.11240   6.65161   1.000 17.16199 ? 737  ARG A O   1 
ATOM   983  C CB  . ARG A 1 151 ? 7.99612   9.77731   8.39098   1.000 17.94473 ? 737  ARG A CB  1 
ATOM   984  C CG  . ARG A 1 151 ? 8.50075   8.49932   9.10982   1.000 25.94499 ? 737  ARG A CG  1 
ATOM   985  C CD  . ARG A 1 151 ? 9.19840   8.75727   10.44908  1.000 27.26957 ? 737  ARG A CD  1 
ATOM   986  N NE  . ARG A 1 151 ? 8.27891   9.14480   11.51690  1.000 27.77497 ? 737  ARG A NE  1 
ATOM   987  C CZ  . ARG A 1 151 ? 7.62284   8.29872   12.31598  1.000 29.43912 ? 737  ARG A CZ  1 
ATOM   988  N NH1 . ARG A 1 151 ? 7.75918   6.98410   12.18780  1.000 26.03670 ? 737  ARG A NH1 1 
ATOM   989  N NH2 . ARG A 1 151 ? 6.82895   8.77659   13.26254  1.000 28.39657 ? 737  ARG A NH2 1 
ATOM   990  N N   . LEU A 1 152 ? 5.36522   8.24035   7.44609   1.000 14.03670 ? 738  LEU A N   1 
ATOM   991  C CA  . LEU A 1 152 ? 4.53525   7.03729   7.49223   1.000 16.57176 ? 738  LEU A CA  1 
ATOM   992  C C   . LEU A 1 152 ? 4.28607   6.48325   6.09247   1.000 16.44985 ? 738  LEU A C   1 
ATOM   993  O O   . LEU A 1 152 ? 4.34464   5.26494   5.87747   1.000 13.58166 ? 738  LEU A O   1 
ATOM   994  C CB  . LEU A 1 152 ? 3.20305   7.33548   8.18037   1.000 13.35712 ? 738  LEU A CB  1 
ATOM   995  C CG  . LEU A 1 152 ? 3.03630   7.20886   9.70514   1.000 22.10242 ? 738  LEU A CG  1 
ATOM   996  C CD1 . LEU A 1 152 ? 4.24861   7.68313   10.47534  1.000 22.95766 ? 738  LEU A CD1 1 
ATOM   997  C CD2 . LEU A 1 152 ? 1.78661   7.98890   10.14646  1.000 24.19452 ? 738  LEU A CD2 1 
ATOM   998  N N   . LEU A 1 153 ? 3.99959   7.36152   5.12821   1.000 13.56126 ? 739  LEU A N   1 
ATOM   999  C CA  . LEU A 1 153 ? 3.74650   6.89782   3.76478   1.000 15.32022 ? 739  LEU A CA  1 
ATOM   1000 C C   . LEU A 1 153 ? 4.99779   6.27387   3.16365   1.000 16.58340 ? 739  LEU A C   1 
ATOM   1001 O O   . LEU A 1 153 ? 4.93864   5.20914   2.52124   1.000 14.49066 ? 739  LEU A O   1 
ATOM   1002 C CB  . LEU A 1 153 ? 3.25652   8.06590   2.89997   1.000 14.21865 ? 739  LEU A CB  1 
ATOM   1003 C CG  . LEU A 1 153 ? 2.78384   7.70543   1.47957   1.000 19.01907 ? 739  LEU A CG  1 
ATOM   1004 C CD1 . LEU A 1 153 ? 1.65123   6.66521   1.53229   1.000 13.46644 ? 739  LEU A CD1 1 
ATOM   1005 C CD2 . LEU A 1 153 ? 2.33325   8.97144   0.72207   1.000 17.22758 ? 739  LEU A CD2 1 
ATOM   1006 N N   . TYR A 1 154 ? 6.14252   6.93138   3.35932   1.000 14.42224 ? 740  TYR A N   1 
ATOM   1007 C CA  . TYR A 1 154 ? 7.41113   6.37316   2.90529   1.000 16.83529 ? 740  TYR A CA  1 
ATOM   1008 C C   . TYR A 1 154 ? 7.64528   4.99502   3.51142   1.000 14.66293 ? 740  TYR A C   1 
ATOM   1009 O O   . TYR A 1 154 ? 8.01040   4.04464   2.81243   1.000 15.48156 ? 740  TYR A O   1 
ATOM   1010 C CB  . TYR A 1 154 ? 8.54983   7.32682   3.27782   1.000 14.66607 ? 740  TYR A CB  1 
ATOM   1011 C CG  . TYR A 1 154 ? 9.90643   6.87046   2.80610   1.000 19.11418 ? 740  TYR A CG  1 
ATOM   1012 C CD1 . TYR A 1 154 ? 10.28354  7.01995   1.47487   1.000 22.14877 ? 740  TYR A CD1 1 
ATOM   1013 C CD2 . TYR A 1 154 ? 10.81262  6.28624   3.69014   1.000 21.42496 ? 740  TYR A CD2 1 
ATOM   1014 C CE1 . TYR A 1 154 ? 11.53204  6.60164   1.02790   1.000 25.93803 ? 740  TYR A CE1 1 
ATOM   1015 C CE2 . TYR A 1 154 ? 12.06468  5.87128   3.25803   1.000 23.58329 ? 740  TYR A CE2 1 
ATOM   1016 C CZ  . TYR A 1 154 ? 12.41936  6.03532   1.92276   1.000 24.69513 ? 740  TYR A CZ  1 
ATOM   1017 O OH  . TYR A 1 154 ? 13.65025  5.62397   1.47666   1.000 26.50235 ? 740  TYR A OH  1 
ATOM   1018 N N   . THR A 1 155 ? 7.46041   4.87810   4.82464   1.000 14.69266 ? 741  THR A N   1 
ATOM   1019 C CA  . THR A 1 155 ? 7.67252   3.60348   5.50260   1.000 16.60574 ? 741  THR A CA  1 
ATOM   1020 C C   . THR A 1 155 ? 6.79280   2.51538   4.89387   1.000 15.87886 ? 741  THR A C   1 
ATOM   1021 O O   . THR A 1 155 ? 7.26319   1.41536   4.58343   1.000 15.15006 ? 741  THR A O   1 
ATOM   1022 C CB  . THR A 1 155 ? 7.38858   3.77531   6.99936   1.000 16.71898 ? 741  THR A CB  1 
ATOM   1023 O OG1 . THR A 1 155 ? 8.30080   4.74529   7.53863   1.000 17.61470 ? 741  THR A OG1 1 
ATOM   1024 C CG2 . THR A 1 155 ? 7.55892   2.46409   7.75245   1.000 17.15105 ? 741  THR A CG2 1 
ATOM   1025 N N   . ALA A 1 156 ? 5.51803   2.83330   4.67253   1.000 13.00787 ? 742  ALA A N   1 
ATOM   1026 C CA  . ALA A 1 156 ? 4.59333   1.87465   4.08578   1.000 14.67450 ? 742  ALA A CA  1 
ATOM   1027 C C   . ALA A 1 156 ? 5.07139   1.42144   2.70778   1.000 15.89842 ? 742  ALA A C   1 
ATOM   1028 O O   . ALA A 1 156 ? 5.11972   0.21839   2.42046   1.000 15.73824 ? 742  ALA A O   1 
ATOM   1029 C CB  . ALA A 1 156 ? 3.20145   2.49986   3.98929   1.000 14.23955 ? 742  ALA A CB  1 
ATOM   1030 N N   . CYS A 1 157 ? 5.42772   2.37464   1.83596   1.000 13.08859 ? 743  CYS A N   1 
ATOM   1031 C CA  . CYS A 1 157 ? 5.76759   2.00534   0.45941   1.000 14.02936 ? 743  CYS A CA  1 
ATOM   1032 C C   . CYS A 1 157 ? 7.06495   1.21570   0.38148   1.000 15.62610 ? 743  CYS A C   1 
ATOM   1033 O O   . CYS A 1 157 ? 7.20192   0.35121   -0.48793  1.000 17.24275 ? 743  CYS A O   1 
ATOM   1034 C CB  . CYS A 1 157 ? 5.83275   3.24373   -0.44577  1.000 13.62237 ? 743  CYS A CB  1 
ATOM   1035 S SG  . CYS A 1 157 ? 4.27000   4.15561   -0.62671  1.000 14.49131 ? 743  CYS A SG  1 
ATOM   1036 N N   . THR A 1 158 ? 8.00974   1.45750   1.28721   1.000 17.83919 ? 744  THR A N   1 
ATOM   1037 C CA  . THR A 1 158 ? 9.28593   0.75179   1.21554   1.000 16.00888 ? 744  THR A CA  1 
ATOM   1038 C C   . THR A 1 158 ? 9.22088   -0.66926  1.75508   1.000 19.20704 ? 744  THR A C   1 
ATOM   1039 O O   . THR A 1 158 ? 10.23688  -1.37121  1.70864   1.000 16.09336 ? 744  THR A O   1 
ATOM   1040 C CB  . THR A 1 158 ? 10.36328  1.51933   1.97288   1.000 21.00127 ? 744  THR A CB  1 
ATOM   1041 O OG1 . THR A 1 158 ? 9.86153   1.82556   3.27491   1.000 19.61196 ? 744  THR A OG1 1 
ATOM   1042 C CG2 . THR A 1 158 ? 10.68115  2.81623   1.23969   1.000 19.63633 ? 744  THR A CG2 1 
ATOM   1043 N N   . ARG A 1 159 ? 8.06966   -1.11641  2.27092   1.000 13.97661 ? 745  ARG A N   1 
ATOM   1044 C CA  . ARG A 1 159 ? 7.94573   -2.51711  2.65349   1.000 13.75339 ? 745  ARG A CA  1 
ATOM   1045 C C   . ARG A 1 159 ? 7.81431   -3.43174  1.44448   1.000 15.05722 ? 745  ARG A C   1 
ATOM   1046 O O   . ARG A 1 159 ? 7.93349   -4.65781  1.59188   1.000 14.74851 ? 745  ARG A O   1 
ATOM   1047 C CB  . ARG A 1 159 ? 6.73121   -2.72802  3.57072   1.000 15.57227 ? 745  ARG A CB  1 
ATOM   1048 C CG  . ARG A 1 159 ? 6.59025   -1.73031  4.73071   1.000 18.01914 ? 745  ARG A CG  1 
ATOM   1049 C CD  . ARG A 1 159 ? 7.74419   -1.82704  5.71365   1.000 20.16948 ? 745  ARG A CD  1 
ATOM   1050 N NE  . ARG A 1 159 ? 8.87796   -1.02394  5.29707   1.000 20.86437 ? 745  ARG A NE  1 
ATOM   1051 C CZ  . ARG A 1 159 ? 10.13494  -1.45837  5.28629   1.000 23.89072 ? 745  ARG A CZ  1 
ATOM   1052 N NH1 . ARG A 1 159 ? 10.41650  -2.69140  5.68676   1.000 23.76310 ? 745  ARG A NH1 1 
ATOM   1053 N NH2 . ARG A 1 159 ? 11.10824  -0.65569  4.87635   1.000 27.61244 ? 745  ARG A NH2 1 
ATOM   1054 N N   . ALA A 1 160 ? 7.54936   -2.86751  0.27019   1.000 16.68109 ? 746  ALA A N   1 
ATOM   1055 C CA  . ALA A 1 160 ? 7.22725   -3.64281  -0.92083  1.000 15.83099 ? 746  ALA A CA  1 
ATOM   1056 C C   . ALA A 1 160 ? 8.51594   -4.11876  -1.57880  1.000 18.76763 ? 746  ALA A C   1 
ATOM   1057 O O   . ALA A 1 160 ? 9.38437   -3.30423  -1.90485  1.000 15.03268 ? 746  ALA A O   1 
ATOM   1058 C CB  . ALA A 1 160 ? 6.41472   -2.78908  -1.88735  1.000 13.88857 ? 746  ALA A CB  1 
ATOM   1059 N N   . MET A 1 161 ? 8.63855   -5.42996  -1.79162  1.000 18.67265 ? 747  MET A N   1 
ATOM   1060 C CA  . MET A 1 161 ? 9.85431   -5.94261  -2.41870  1.000 21.96040 ? 747  MET A CA  1 
ATOM   1061 C C   . MET A 1 161 ? 9.72628   -6.09783  -3.93135  1.000 21.93032 ? 747  MET A C   1 
ATOM   1062 O O   . MET A 1 161 ? 10.70198  -5.86843  -4.65952  1.000 23.13497 ? 747  MET A O   1 
ATOM   1063 C CB  . MET A 1 161 ? 10.24189  -7.27472  -1.77577  1.000 18.06969 ? 747  MET A CB  1 
ATOM   1064 C CG  . MET A 1 161 ? 10.67686  -7.11262  -0.32289  1.000 21.99732 ? 747  MET A CG  1 
ATOM   1065 S SD  . MET A 1 161 ? 12.13654  -6.09165  -0.00709  1.000 35.92799 ? 747  MET A SD  1 
ATOM   1066 C CE  . MET A 1 161 ? 11.40886  -4.51681  0.50640   1.000 28.58088 ? 747  MET A CE  1 
ATOM   1067 N N   . HIS A 1 162 ? 8.54336   -6.46100  -4.42355  1.000 17.88520 ? 748  HIS A N   1 
ATOM   1068 C CA  . HIS A 1 162 ? 8.34118   -6.74313  -5.83911  1.000 17.98223 ? 748  HIS A CA  1 
ATOM   1069 C C   . HIS A 1 162 ? 7.24289   -5.91664  -6.48965  1.000 19.07072 ? 748  HIS A C   1 
ATOM   1070 O O   . HIS A 1 162 ? 7.36440   -5.57673  -7.67135  1.000 18.44140 ? 748  HIS A O   1 
ATOM   1071 C CB  . HIS A 1 162 ? 8.03694   -8.24320  -6.03078  1.000 18.56954 ? 748  HIS A CB  1 
ATOM   1072 C CG  . HIS A 1 162 ? 9.09495   -9.13714  -5.46321  1.000 24.39410 ? 748  HIS A CG  1 
ATOM   1073 N ND1 . HIS A 1 162 ? 10.39264  -9.13729  -5.92868  1.000 28.36688 ? 748  HIS A ND1 1 
ATOM   1074 C CD2 . HIS A 1 162 ? 9.06550   -10.01684 -4.43282  1.000 25.57682 ? 748  HIS A CD2 1 
ATOM   1075 C CE1 . HIS A 1 162 ? 11.11090  -9.99413  -5.22448  1.000 28.90705 ? 748  HIS A CE1 1 
ATOM   1076 N NE2 . HIS A 1 162 ? 10.32858  -10.54266 -4.31116  1.000 25.43244 ? 748  HIS A NE2 1 
ATOM   1077 N N   . MET A 1 163 ? 6.17658   -5.56911  -5.76876  1.000 16.71350 ? 749  MET A N   1 
ATOM   1078 C CA  . MET A 1 163 ? 5.11494   -4.78202  -6.37942  1.000 13.32056 ? 749  MET A CA  1 
ATOM   1079 C C   . MET A 1 163 ? 4.55418   -3.79890  -5.37035  1.000 15.94021 ? 749  MET A C   1 
ATOM   1080 O O   . MET A 1 163 ? 4.24578   -4.17536  -4.23836  1.000 13.39985 ? 749  MET A O   1 
ATOM   1081 C CB  . MET A 1 163 ? 3.97857   -5.66441  -6.91798  1.000 17.17380 ? 749  MET A CB  1 
ATOM   1082 C CG  . MET A 1 163 ? 2.84168   -4.86328  -7.56109  1.000 19.01150 ? 749  MET A CG  1 
ATOM   1083 S SD  . MET A 1 163 ? 3.35594   -4.06277  -9.10257  1.000 23.17194 ? 749  MET A SD  1 
ATOM   1084 C CE  . MET A 1 163 ? 2.19302   -2.69584  -9.22673  1.000 22.40544 ? 749  MET A CE  1 
ATOM   1085 N N   . LEU A 1 164 ? 4.40324   -2.55293  -5.79917  1.000 15.54289 ? 750  LEU A N   1 
ATOM   1086 C CA  . LEU A 1 164 ? 3.81621   -1.49565  -4.98559  1.000 17.39740 ? 750  LEU A CA  1 
ATOM   1087 C C   . LEU A 1 164 ? 2.61061   -0.92202  -5.71798  1.000 17.55181 ? 750  LEU A C   1 
ATOM   1088 O O   . LEU A 1 164 ? 2.70671   -0.57236  -6.89936  1.000 16.80770 ? 750  LEU A O   1 
ATOM   1089 C CB  . LEU A 1 164 ? 4.84080   -0.39569  -4.69657  1.000 15.27280 ? 750  LEU A CB  1 
ATOM   1090 C CG  . LEU A 1 164 ? 4.30659   0.85399   -3.97448  1.000 17.66939 ? 750  LEU A CG  1 
ATOM   1091 C CD1 . LEU A 1 164 ? 3.71531   0.48620   -2.60187  1.000 15.73633 ? 750  LEU A CD1 1 
ATOM   1092 C CD2 . LEU A 1 164 ? 5.41978   1.86834   -3.81624  1.000 15.47881 ? 750  LEU A CD2 1 
ATOM   1093 N N   . ALA A 1 165 ? 1.47296   -0.85254  -5.02981  1.000 15.46164 ? 751  ALA A N   1 
ATOM   1094 C CA  . ALA A 1 165 ? 0.30638   -0.13696  -5.52528  1.000 15.60084 ? 751  ALA A CA  1 
ATOM   1095 C C   . ALA A 1 165 ? -0.13433  0.87262   -4.47330  1.000 17.88095 ? 751  ALA A C   1 
ATOM   1096 O O   . ALA A 1 165 ? -0.11742  0.58241   -3.27013  1.000 15.17167 ? 751  ALA A O   1 
ATOM   1097 C CB  . ALA A 1 165 ? -0.85322  -1.08240  -5.87048  1.000 17.01504 ? 751  ALA A CB  1 
ATOM   1098 N N   . VAL A 1 166 ? -0.49359  2.06892   -4.92913  1.000 16.79144 ? 752  VAL A N   1 
ATOM   1099 C CA  . VAL A 1 166 ? -0.93609  3.15502   -4.06031  1.000 15.75142 ? 752  VAL A CA  1 
ATOM   1100 C C   . VAL A 1 166 ? -2.35502  3.52413   -4.47606  1.000 18.21650 ? 752  VAL A C   1 
ATOM   1101 O O   . VAL A 1 166 ? -2.57027  4.09187   -5.55594  1.000 19.15036 ? 752  VAL A O   1 
ATOM   1102 C CB  . VAL A 1 166 ? 0.00824   4.36157   -4.13054  1.000 16.41993 ? 752  VAL A CB  1 
ATOM   1103 C CG1 . VAL A 1 166 ? -0.52670  5.50681   -3.27860  1.000 15.33200 ? 752  VAL A CG1 1 
ATOM   1104 C CG2 . VAL A 1 166 ? 1.42888   3.95790   -3.64178  1.000 15.41952 ? 752  VAL A CG2 1 
ATOM   1105 N N   . PHE A 1 167 ? -3.32261  3.18745   -3.63090  1.000 14.46078 ? 753  PHE A N   1 
ATOM   1106 C CA  . PHE A 1 167 ? -4.73301  3.48049   -3.85152  1.000 12.53097 ? 753  PHE A CA  1 
ATOM   1107 C C   . PHE A 1 167 ? -5.13598  4.69498   -3.02426  1.000 17.73598 ? 753  PHE A C   1 
ATOM   1108 O O   . PHE A 1 167 ? -4.64123  4.88475   -1.90506  1.000 17.35908 ? 753  PHE A O   1 
ATOM   1109 C CB  . PHE A 1 167 ? -5.60704  2.29152   -3.43160  1.000 17.71112 ? 753  PHE A CB  1 
ATOM   1110 C CG  . PHE A 1 167 ? -5.53024  1.10087   -4.35824  1.000 16.37544 ? 753  PHE A CG  1 
ATOM   1111 C CD1 . PHE A 1 167 ? -4.40553  0.29745   -4.38754  1.000 16.02103 ? 753  PHE A CD1 1 
ATOM   1112 C CD2 . PHE A 1 167 ? -6.60585  0.77027   -5.17026  1.000 17.58158 ? 753  PHE A CD2 1 
ATOM   1113 C CE1 . PHE A 1 167 ? -4.34741  -0.81894  -5.23001  1.000 18.32153 ? 753  PHE A CE1 1 
ATOM   1114 C CE2 . PHE A 1 167 ? -6.54843  -0.32669  -6.03567  1.000 15.90539 ? 753  PHE A CE2 1 
ATOM   1115 C CZ  . PHE A 1 167 ? -5.41751  -1.12267  -6.05794  1.000 17.51141 ? 753  PHE A CZ  1 
ATOM   1116 N N   . TYR A 1 168 ? -6.05091  5.50813   -3.55815  1.000 16.04037 ? 754  TYR A N   1 
ATOM   1117 C CA  . TYR A 1 168 ? -6.56262  6.63227   -2.78313  1.000 18.39870 ? 754  TYR A CA  1 
ATOM   1118 C C   . TYR A 1 168 ? -7.99123  6.94761   -3.20378  1.000 20.55009 ? 754  TYR A C   1 
ATOM   1119 O O   . TYR A 1 168 ? -8.42978  6.62058   -4.31318  1.000 20.11268 ? 754  TYR A O   1 
ATOM   1120 C CB  . TYR A 1 168 ? -5.65808  7.87243   -2.91527  1.000 18.16432 ? 754  TYR A CB  1 
ATOM   1121 C CG  . TYR A 1 168 ? -5.62612  8.48051   -4.30189  1.000 18.53176 ? 754  TYR A CG  1 
ATOM   1122 C CD1 . TYR A 1 168 ? -6.47462  9.53815   -4.64132  1.000 20.85821 ? 754  TYR A CD1 1 
ATOM   1123 C CD2 . TYR A 1 168 ? -4.75294  8.00124   -5.27433  1.000 20.93681 ? 754  TYR A CD2 1 
ATOM   1124 C CE1 . TYR A 1 168 ? -6.45642  10.09322  -5.90467  1.000 20.41117 ? 754  TYR A CE1 1 
ATOM   1125 C CE2 . TYR A 1 168 ? -4.72726  8.55441   -6.54874  1.000 21.17512 ? 754  TYR A CE2 1 
ATOM   1126 C CZ  . TYR A 1 168 ? -5.58150  9.60399   -6.85442  1.000 24.04060 ? 754  TYR A CZ  1 
ATOM   1127 O OH  . TYR A 1 168 ? -5.56613  10.15407  -8.11436  1.000 24.98544 ? 754  TYR A OH  1 
ATOM   1128 N N   . THR A 1 169 ? -8.72153  7.57821   -2.28912  1.000 21.56570 ? 755  THR A N   1 
ATOM   1129 C CA  . THR A 1 169 ? -10.06700 8.06180   -2.56172  1.000 20.73843 ? 755  THR A CA  1 
ATOM   1130 C C   . THR A 1 169 ? -10.02788 9.58214   -2.62498  1.000 24.42344 ? 755  THR A C   1 
ATOM   1131 O O   . THR A 1 169 ? -9.25133  10.23101  -1.91187  1.000 22.90071 ? 755  THR A O   1 
ATOM   1132 C CB  . THR A 1 169 ? -11.07838 7.60857   -1.49921  1.000 21.11120 ? 755  THR A CB  1 
ATOM   1133 O OG1 . THR A 1 169 ? -10.72068 8.16543   -0.23093  1.000 24.38618 ? 755  THR A OG1 1 
ATOM   1134 C CG2 . THR A 1 169 ? -11.11677 6.07873   -1.36842  1.000 19.27665 ? 755  THR A CG2 1 
ATOM   1135 N N   . GLY A 1 170 ? -10.86140 10.14663  -3.49673  1.000 25.61523 ? 756  GLY A N   1 
ATOM   1136 C CA  . GLY A 1 170 ? -10.91951 11.58689  -3.62210  1.000 23.08551 ? 756  GLY A CA  1 
ATOM   1137 C C   . GLY A 1 170 ? -9.64119  12.16556  -4.19279  1.000 23.28033 ? 756  GLY A C   1 
ATOM   1138 O O   . GLY A 1 170 ? -9.27833  11.88943  -5.33435  1.000 26.44625 ? 756  GLY A O   1 
ATOM   1139 N N   . GLU A 1 171 ? -8.94558  12.96308  -3.39899  1.000 21.28005 ? 757  GLU A N   1 
ATOM   1140 C CA  . GLU A 1 171 ? -7.76619  13.69045  -3.83994  1.000 19.52664 ? 757  GLU A CA  1 
ATOM   1141 C C   . GLU A 1 171 ? -6.51302  13.01809  -3.28854  1.000 22.54536 ? 757  GLU A C   1 
ATOM   1142 O O   . GLU A 1 171 ? -6.43861  12.73563  -2.08761  1.000 17.71169 ? 757  GLU A O   1 
ATOM   1143 C CB  . GLU A 1 171 ? -7.85883  15.13962  -3.36321  1.000 18.13563 ? 757  GLU A CB  1 
ATOM   1144 C CG  . GLU A 1 171 ? -6.67977  15.98854  -3.72073  1.000 20.78611 ? 757  GLU A CG  1 
ATOM   1145 C CD  . GLU A 1 171 ? -6.72925  16.50929  -5.14951  1.000 25.00436 ? 757  GLU A CD  1 
ATOM   1146 O OE1 . GLU A 1 171 ? -5.74748  17.17523  -5.54317  1.000 29.43960 ? 757  GLU A OE1 1 
ATOM   1147 O OE2 . GLU A 1 171 ? -7.73302  16.25818  -5.86657  1.000 24.44424 ? 757  GLU A OE2 1 
ATOM   1148 N N   . ALA A 1 172 ? -5.53096  12.78152  -4.16126  1.000 17.35352 ? 758  ALA A N   1 
ATOM   1149 C CA  . ALA A 1 172 ? -4.30085  12.10266  -3.76689  1.000 21.44949 ? 758  ALA A CA  1 
ATOM   1150 C C   . ALA A 1 172 ? -3.48228  12.92247  -2.77160  1.000 21.13412 ? 758  ALA A C   1 
ATOM   1151 O O   . ALA A 1 172 ? -3.50712  14.15881  -2.76971  1.000 23.32983 ? 758  ALA A O   1 
ATOM   1152 C CB  . ALA A 1 172 ? -3.43393  11.79570  -4.99658  1.000 19.96299 ? 758  ALA A CB  1 
ATOM   1153 N N   . SER A 1 173 ? -2.71761  12.21046  -1.94358  1.000 19.31833 ? 759  SER A N   1 
ATOM   1154 C CA  . SER A 1 173 ? -1.78045  12.86086  -1.03831  1.000 18.41387 ? 759  SER A CA  1 
ATOM   1155 C C   . SER A 1 173 ? -0.84023  13.76934  -1.82889  1.000 18.61900 ? 759  SER A C   1 
ATOM   1156 O O   . SER A 1 173 ? -0.42762  13.41141  -2.94016  1.000 18.29086 ? 759  SER A O   1 
ATOM   1157 C CB  . SER A 1 173 ? -0.96265  11.81211  -0.28315  1.000 17.27705 ? 759  SER A CB  1 
ATOM   1158 O OG  . SER A 1 173 ? 0.21979   12.37747  0.24695   1.000 14.97328 ? 759  SER A OG  1 
ATOM   1159 N N   . PRO A 1 174 ? -0.49040  14.94916  -1.30453  1.000 19.06400 ? 760  PRO A N   1 
ATOM   1160 C CA  . PRO A 1 174 ? 0.51512   15.76772  -2.00337  1.000 21.84050 ? 760  PRO A CA  1 
ATOM   1161 C C   . PRO A 1 174 ? 1.81454   15.02499  -2.24331  1.000 23.94169 ? 760  PRO A C   1 
ATOM   1162 O O   . PRO A 1 174 ? 2.51552   15.32207  -3.21702  1.000 22.67621 ? 760  PRO A O   1 
ATOM   1163 C CB  . PRO A 1 174 ? 0.72327   16.97510  -1.07118  1.000 21.01012 ? 760  PRO A CB  1 
ATOM   1164 C CG  . PRO A 1 174 ? 0.08168   16.59977  0.23279   1.000 22.88425 ? 760  PRO A CG  1 
ATOM   1165 C CD  . PRO A 1 174 ? -1.00465  15.61400  -0.09151  1.000 17.57193 ? 760  PRO A CD  1 
ATOM   1166 N N   . PHE A 1 175 ? 2.15151   14.04281  -1.40170  1.000 18.78816 ? 761  PHE A N   1 
ATOM   1167 C CA  . PHE A 1 175 ? 3.40147   13.32372  -1.60646  1.000 19.99418 ? 761  PHE A CA  1 
ATOM   1168 C C   . PHE A 1 175 ? 3.31444   12.35154  -2.77505  1.000 20.97547 ? 761  PHE A C   1 
ATOM   1169 O O   . PHE A 1 175 ? 4.35549   11.95006  -3.30590  1.000 22.54240 ? 761  PHE A O   1 
ATOM   1170 C CB  . PHE A 1 175 ? 3.80763   12.59171  -0.31252  1.000 21.09699 ? 761  PHE A CB  1 
ATOM   1171 C CG  . PHE A 1 175 ? 3.62777   13.42415  0.92500   1.000 19.23316 ? 761  PHE A CG  1 
ATOM   1172 C CD1 . PHE A 1 175 ? 4.19472   14.68838  1.00500   1.000 22.56761 ? 761  PHE A CD1 1 
ATOM   1173 C CD2 . PHE A 1 175 ? 2.88470   12.95930  1.99650   1.000 17.61016 ? 761  PHE A CD2 1 
ATOM   1174 C CE1 . PHE A 1 175 ? 4.01915   15.47774  2.13369   1.000 22.19527 ? 761  PHE A CE1 1 
ATOM   1175 C CE2 . PHE A 1 175 ? 2.70612   13.74977  3.13406   1.000 21.64114 ? 761  PHE A CE2 1 
ATOM   1176 C CZ  . PHE A 1 175 ? 3.27259   15.00623  3.19814   1.000 18.96109 ? 761  PHE A CZ  1 
ATOM   1177 N N   . VAL A 1 176 ? 2.10461   11.94927  -3.16679  1.000 18.81369 ? 762  VAL A N   1 
ATOM   1178 C CA  . VAL A 1 176 ? 1.92217   11.13162  -4.36620  1.000 19.56611 ? 762  VAL A CA  1 
ATOM   1179 C C   . VAL A 1 176 ? 1.91067   12.01426  -5.60947  1.000 24.05409 ? 762  VAL A C   1 
ATOM   1180 O O   . VAL A 1 176 ? 2.65245   11.77373  -6.56846  1.000 22.18497 ? 762  VAL A O   1 
ATOM   1181 C CB  . VAL A 1 176 ? 0.62236   10.30560  -4.25379  1.000 18.77977 ? 762  VAL A CB  1 
ATOM   1182 C CG1 . VAL A 1 176 ? 0.31959   9.56884   -5.56396  1.000 20.93674 ? 762  VAL A CG1 1 
ATOM   1183 C CG2 . VAL A 1 176 ? 0.69648   9.32631   -3.06101  1.000 18.86932 ? 762  VAL A CG2 1 
ATOM   1184 N N   . THR A 1 177 ? 1.06841   13.05656  -5.59812  1.000 22.71522 ? 763  THR A N   1 
ATOM   1185 C CA  . THR A 1 177 ? 0.99257   13.99832  -6.71508  1.000 26.13815 ? 763  THR A CA  1 
ATOM   1186 C C   . THR A 1 177 ? 2.36349   14.55934  -7.08106  1.000 28.67882 ? 763  THR A C   1 
ATOM   1187 O O   . THR A 1 177 ? 2.62384   14.86907  -8.25226  1.000 27.91301 ? 763  THR A O   1 
ATOM   1188 C CB  . THR A 1 177 ? 0.03277   15.13842  -6.36306  1.000 24.89807 ? 763  THR A CB  1 
ATOM   1189 O OG1 . THR A 1 177 ? -1.26560  14.60473  -6.05630  1.000 24.89565 ? 763  THR A OG1 1 
ATOM   1190 C CG2 . THR A 1 177 ? -0.09687  16.12315  -7.51823  1.000 30.93254 ? 763  THR A CG2 1 
ATOM   1191 N N   . ALA A 1 178 ? 3.25794   14.68029  -6.10129  1.000 28.23128 ? 764  ALA A N   1 
ATOM   1192 C CA  . ALA A 1 178 ? 4.57397   15.24669  -6.35630  1.000 29.00055 ? 764  ALA A CA  1 
ATOM   1193 C C   . ALA A 1 178 ? 5.49266   14.28382  -7.09390  1.000 32.23425 ? 764  ALA A C   1 
ATOM   1194 O O   . ALA A 1 178 ? 6.50867   14.72169  -7.64459  1.000 31.59662 ? 764  ALA A O   1 
ATOM   1195 C CB  . ALA A 1 178 ? 5.22628   15.67221  -5.03925  1.000 32.58043 ? 764  ALA A CB  1 
ATOM   1196 N N   . VAL A 1 179 ? 5.17933   12.99484  -7.11127  1.000 27.10194 ? 765  VAL A N   1 
ATOM   1197 C CA  . VAL A 1 179 ? 6.08686   12.04436  -7.76555  1.000 25.39296 ? 765  VAL A CA  1 
ATOM   1198 C C   . VAL A 1 179 ? 6.03523   12.26669  -9.27379  1.000 29.47786 ? 765  VAL A C   1 
ATOM   1199 O O   . VAL A 1 179 ? 4.93235   12.33501  -9.85327  1.000 26.44655 ? 765  VAL A O   1 
ATOM   1200 C CB  . VAL A 1 179 ? 5.71321   10.59962  -7.40676  1.000 25.93264 ? 765  VAL A CB  1 
ATOM   1201 C CG1 . VAL A 1 179 ? 6.53630   9.61489   -8.23957  1.000 27.08034 ? 765  VAL A CG1 1 
ATOM   1202 C CG2 . VAL A 1 179 ? 5.90602   10.34478  -5.90354  1.000 23.52927 ? 765  VAL A CG2 1 
ATOM   1203 N N   . PRO A 1 180 ? 7.17834   12.40132  -9.93747  1.000 25.03518 ? 766  PRO A N   1 
ATOM   1204 C CA  . PRO A 1 180 ? 7.19466   12.51253  -11.40876 1.000 31.64886 ? 766  PRO A CA  1 
ATOM   1205 C C   . PRO A 1 180 ? 6.42408   11.37613  -12.05589 1.000 32.90950 ? 766  PRO A C   1 
ATOM   1206 O O   . PRO A 1 180 ? 6.67577   10.19568  -11.76392 1.000 32.02936 ? 766  PRO A O   1 
ATOM   1207 C CB  . PRO A 1 180 ? 8.68904   12.43991  -11.74475 1.000 31.87542 ? 766  PRO A CB  1 
ATOM   1208 C CG  . PRO A 1 180 ? 9.36061   13.00703  -10.52671 1.000 33.54524 ? 766  PRO A CG  1 
ATOM   1209 C CD  . PRO A 1 180 ? 8.50459   12.61256  -9.33987  1.000 24.05350 ? 766  PRO A CD  1 
ATOM   1210 N N   . PRO A 1 181 ? 5.48267   11.69435  -12.95250 1.000 32.84272 ? 767  PRO A N   1 
ATOM   1211 C CA  . PRO A 1 181 ? 4.53155   10.68001  -13.44160 1.000 31.98056 ? 767  PRO A CA  1 
ATOM   1212 C C   . PRO A 1 181 ? 5.15406   9.54476   -14.23399 1.000 34.67616 ? 767  PRO A C   1 
ATOM   1213 O O   . PRO A 1 181 ? 4.48792   8.52139   -14.43111 1.000 35.68251 ? 767  PRO A O   1 
ATOM   1214 C CB  . PRO A 1 181 ? 3.57226   11.49512  -14.32164 1.000 37.93252 ? 767  PRO A CB  1 
ATOM   1215 C CG  . PRO A 1 181 ? 4.32713   12.74736  -14.65582 1.000 36.96816 ? 767  PRO A CG  1 
ATOM   1216 C CD  . PRO A 1 181 ? 5.16042   13.03978  -13.45119 1.000 34.09589 ? 767  PRO A CD  1 
ATOM   1217 N N   . HIS A 1 182 ? 6.38835   9.68260   -14.70576 1.000 35.73597 ? 768  HIS A N   1 
ATOM   1218 C CA  . HIS A 1 182 ? 7.03595   8.57533   -15.39492 1.000 35.50998 ? 768  HIS A CA  1 
ATOM   1219 C C   . HIS A 1 182 ? 7.48261   7.47777   -14.43862 1.000 36.31941 ? 768  HIS A C   1 
ATOM   1220 O O   . HIS A 1 182 ? 7.90427   6.40999   -14.89562 1.000 32.43300 ? 768  HIS A O   1 
ATOM   1221 C CB  . HIS A 1 182 ? 8.23728   9.09868   -16.18391 1.000 32.79049 ? 768  HIS A CB  1 
ATOM   1222 C CG  . HIS A 1 182 ? 9.26649   9.75029   -15.32280 1.000 31.02136 ? 768  HIS A CG  1 
ATOM   1223 N ND1 . HIS A 1 182 ? 10.36340  9.07414   -14.83943 1.000 34.92122 ? 768  HIS A ND1 1 
ATOM   1224 C CD2 . HIS A 1 182 ? 9.34606   11.00541  -14.82178 1.000 35.51617 ? 768  HIS A CD2 1 
ATOM   1225 C CE1 . HIS A 1 182 ? 11.07928  9.88435   -14.08099 1.000 33.04996 ? 768  HIS A CE1 1 
ATOM   1226 N NE2 . HIS A 1 182 ? 10.48853  11.06526  -14.06029 1.000 33.77053 ? 768  HIS A NE2 1 
ATOM   1227 N N   . LEU A 1 183 ? 7.41099   7.71143   -13.13253 1.000 31.57228 ? 769  LEU A N   1 
ATOM   1228 C CA  . LEU A 1 183 ? 7.83953   6.71866   -12.16096 1.000 32.07308 ? 769  LEU A CA  1 
ATOM   1229 C C   . LEU A 1 183 ? 6.72514   5.75448   -11.76834 1.000 31.75446 ? 769  LEU A C   1 
ATOM   1230 O O   . LEU A 1 183 ? 6.95238   4.88160   -10.92223 1.000 27.02994 ? 769  LEU A O   1 
ATOM   1231 C CB  . LEU A 1 183 ? 8.39973   7.41194   -10.91993 1.000 26.58589 ? 769  LEU A CB  1 
ATOM   1232 C CG  . LEU A 1 183 ? 9.72266   8.14377   -11.14874 1.000 35.23298 ? 769  LEU A CG  1 
ATOM   1233 C CD1 . LEU A 1 183 ? 10.11956  8.94204   -9.91041  1.000 26.41327 ? 769  LEU A CD1 1 
ATOM   1234 C CD2 . LEU A 1 183 ? 10.83790  7.17517   -11.56701 1.000 30.46237 ? 769  LEU A CD2 1 
ATOM   1235 N N   . TYR A 1 184 ? 5.54628   5.86499   -12.37620 1.000 24.58989 ? 770  TYR A N   1 
ATOM   1236 C CA  . TYR A 1 184 ? 4.46210   4.96299   -12.03560 1.000 27.17428 ? 770  TYR A CA  1 
ATOM   1237 C C   . TYR A 1 184 ? 3.48233   4.87620   -13.19817 1.000 29.29206 ? 770  TYR A C   1 
ATOM   1238 O O   . TYR A 1 184 ? 3.47270   5.72126   -14.09519 1.000 29.21889 ? 770  TYR A O   1 
ATOM   1239 C CB  . TYR A 1 184 ? 3.75783   5.41483   -10.74853 1.000 24.99241 ? 770  TYR A CB  1 
ATOM   1240 C CG  . TYR A 1 184 ? 3.09822   6.77517   -10.82074 1.000 25.68376 ? 770  TYR A CG  1 
ATOM   1241 C CD1 . TYR A 1 184 ? 1.82116   6.91750   -11.34753 1.000 27.24732 ? 770  TYR A CD1 1 
ATOM   1242 C CD2 . TYR A 1 184 ? 3.74404   7.91619   -10.34020 1.000 25.60495 ? 770  TYR A CD2 1 
ATOM   1243 C CE1 . TYR A 1 184 ? 1.20344   8.15223   -11.39886 1.000 30.91526 ? 770  TYR A CE1 1 
ATOM   1244 C CE2 . TYR A 1 184 ? 3.13296   9.15840   -10.39303 1.000 26.98525 ? 770  TYR A CE2 1 
ATOM   1245 C CZ  . TYR A 1 184 ? 1.85736   9.26504   -10.92503 1.000 30.80941 ? 770  TYR A CZ  1 
ATOM   1246 O OH  . TYR A 1 184 ? 1.21960   10.48563  -10.98975 1.000 34.15517 ? 770  TYR A OH  1 
ATOM   1247 N N   . GLN A 1 185 ? 2.66790   3.82813   -13.16881 1.000 28.48365 ? 771  GLN A N   1 
ATOM   1248 C CA  . GLN A 1 185 ? 1.57221   3.61182   -14.10072 1.000 30.45553 ? 771  GLN A CA  1 
ATOM   1249 C C   . GLN A 1 185 ? 0.24400   3.81510   -13.38130 1.000 34.16585 ? 771  GLN A C   1 
ATOM   1250 O O   . GLN A 1 185 ? 0.16273   3.75752   -12.15035 1.000 26.66118 ? 771  GLN A O   1 
ATOM   1251 C CB  . GLN A 1 185 ? 1.63641   2.20212   -14.70322 1.000 33.28837 ? 771  GLN A CB  1 
ATOM   1252 C CG  . GLN A 1 185 ? 1.86680   1.11139   -13.65751 1.000 36.29001 ? 771  GLN A CG  1 
ATOM   1253 C CD  . GLN A 1 185 ? 1.82376   -0.29621  -14.23717 1.000 42.20938 ? 771  GLN A CD  1 
ATOM   1254 O OE1 . GLN A 1 185 ? 1.50646   -0.48428  -15.41509 1.000 46.70729 ? 771  GLN A OE1 1 
ATOM   1255 N NE2 . GLN A 1 185 ? 2.14141   -1.29607  -13.40418 1.000 31.60229 ? 771  GLN A NE2 1 
ATOM   1256 N N   . ILE A 1 186 ? -0.80576  4.04040   -14.16488 1.000 36.67521 ? 772  ILE A N   1 
ATOM   1257 C CA  . ILE A 1 186 ? -2.10064  4.44130   -13.62980 1.000 36.48972 ? 772  ILE A CA  1 
ATOM   1258 C C   . ILE A 1 186 ? -3.14523  3.38882   -13.96460 1.000 38.33377 ? 772  ILE A C   1 
ATOM   1259 O O   . ILE A 1 186 ? -3.08218  2.73125   -15.00723 1.000 42.59992 ? 772  ILE A O   1 
ATOM   1260 C CB  . ILE A 1 186 ? -2.51197  5.82249   -14.17250 1.000 41.68184 ? 772  ILE A CB  1 
ATOM   1261 C CG1 . ILE A 1 186 ? -1.51760  6.88055   -13.69567 1.000 43.43293 ? 772  ILE A CG1 1 
ATOM   1262 C CG2 . ILE A 1 186 ? -3.91224  6.18968   -13.71705 1.000 50.15931 ? 772  ILE A CG2 1 
ATOM   1263 C CD1 . ILE A 1 186 ? -1.98634  7.63482   -12.46942 1.000 46.33982 ? 772  ILE A CD1 1 
ATOM   1264 N N   . ALA A 1 187 ? -4.09487  3.21128   -13.05107 1.000 42.06148 ? 773  ALA A N   1 
ATOM   1265 C CA  . ALA A 1 187 ? -5.27288  2.38835   -13.30133 1.000 45.86593 ? 773  ALA A CA  1 
ATOM   1266 C C   . ALA A 1 187 ? -6.54657  3.11349   -12.85092 1.000 49.41995 ? 773  ALA A C   1 
ATOM   1267 O O   . ALA A 1 187 ? -6.50651  4.02230   -12.00989 1.000 46.17621 ? 773  ALA A O   1 
ATOM   1268 C CB  . ALA A 1 187 ? -5.15077  1.04984   -12.59967 1.000 43.92860 ? 773  ALA A CB  1 
HETATM 1269 P P   . PO4 B 2 .   ? 6.88667   12.70245  14.38715  1.000 29.31725 ? 801  PO4 A P   1 
HETATM 1270 O O1  . PO4 B 2 .   ? 7.41023   14.06589  14.02708  1.000 29.57251 ? 801  PO4 A O1  1 
HETATM 1271 O O2  . PO4 B 2 .   ? 5.47727   12.85588  14.93456  1.000 31.83516 ? 801  PO4 A O2  1 
HETATM 1272 O O3  . PO4 B 2 .   ? 7.73789   12.06852  15.46296  1.000 33.44275 ? 801  PO4 A O3  1 
HETATM 1273 O O4  . PO4 B 2 .   ? 6.87655   11.82586  13.14887  1.000 28.43153 ? 801  PO4 A O4  1 
HETATM 1274 O O   . HOH C 3 .   ? 17.94168  -1.56600  -5.41308  1.000 42.98056 ? 901  HOH A O   1 
HETATM 1275 O O   . HOH C 3 .   ? 5.29754   -9.12409  -13.22077 1.000 43.36240 ? 902  HOH A O   1 
HETATM 1276 O O   . HOH C 3 .   ? -19.95309 7.28422   -6.34167  1.000 38.13991 ? 903  HOH A O   1 
HETATM 1277 O O   . HOH C 3 .   ? 7.30188   -4.49078  12.43209  1.000 30.68347 ? 904  HOH A O   1 
HETATM 1278 O O   . HOH C 3 .   ? 10.18057  11.79477  15.45538  1.000 41.51325 ? 905  HOH A O   1 
HETATM 1279 O O   . HOH C 3 .   ? -9.13574  16.41630  0.08443   1.000 19.76308 ? 906  HOH A O   1 
HETATM 1280 O O   . HOH C 3 .   ? -2.64290  3.89559   4.10214   1.000 18.45621 ? 907  HOH A O   1 
HETATM 1281 O O   . HOH C 3 .   ? -2.86530  15.99138  -4.38209  1.000 26.49999 ? 908  HOH A O   1 
HETATM 1282 O O   . HOH C 3 .   ? -9.35355  -10.73817 -4.17636  1.000 34.93912 ? 909  HOH A O   1 
HETATM 1283 O O   . HOH C 3 .   ? -0.24300  -14.07779 18.32894  1.000 30.34737 ? 910  HOH A O   1 
HETATM 1284 O O   . HOH C 3 .   ? 2.27799   12.39074  -9.68702  1.000 33.96274 ? 911  HOH A O   1 
HETATM 1285 O O   . HOH C 3 .   ? -8.33432  -13.14725 -4.30171  1.000 40.40846 ? 912  HOH A O   1 
HETATM 1286 O O   . HOH C 3 .   ? -9.42386  1.49619   -11.72610 1.000 52.97990 ? 913  HOH A O   1 
HETATM 1287 O O   . HOH C 3 .   ? -13.98262 4.61473   -7.91515  1.000 30.23037 ? 914  HOH A O   1 
HETATM 1288 O O   . HOH C 3 .   ? 8.59738   -3.28487  -8.85096  1.000 21.66827 ? 915  HOH A O   1 
HETATM 1289 O O   . HOH C 3 .   ? 7.05966   15.82527  12.12991  1.000 24.14787 ? 916  HOH A O   1 
HETATM 1290 O O   . HOH C 3 .   ? 0.36953   -16.26859 -5.23019  1.000 26.94383 ? 917  HOH A O   1 
HETATM 1291 O O   . HOH C 3 .   ? -11.89690 3.20722   4.84882   1.000 27.67322 ? 918  HOH A O   1 
HETATM 1292 O O   . HOH C 3 .   ? -15.33983 10.88126  -4.13556  1.000 20.10770 ? 919  HOH A O   1 
HETATM 1293 O O   . HOH C 3 .   ? -7.43262  -12.34177 -0.41438  1.000 36.60915 ? 920  HOH A O   1 
HETATM 1294 O O   . HOH C 3 .   ? 8.43029   12.44800  11.09648  1.000 31.60516 ? 921  HOH A O   1 
HETATM 1295 O O   . HOH C 3 .   ? 9.38244   3.82738   -10.63619 1.000 24.41440 ? 922  HOH A O   1 
HETATM 1296 O O   . HOH C 3 .   ? 13.60073  4.34001   -1.08334  1.000 32.95914 ? 923  HOH A O   1 
HETATM 1297 O O   . HOH C 3 .   ? -3.01537  13.60623  8.84964   1.000 27.17063 ? 924  HOH A O   1 
HETATM 1298 O O   . HOH C 3 .   ? -9.56016  9.88285   2.45611   1.000 25.32275 ? 925  HOH A O   1 
HETATM 1299 O O   . HOH C 3 .   ? 7.06042   -15.24486 -2.08785  1.000 37.38730 ? 926  HOH A O   1 
HETATM 1300 O O   . HOH C 3 .   ? 8.45571   5.00646   10.20951  1.000 25.02214 ? 927  HOH A O   1 
HETATM 1301 O O   . HOH C 3 .   ? -11.65948 -11.37589 5.98936   1.000 26.34624 ? 928  HOH A O   1 
HETATM 1302 O O   . HOH C 3 .   ? -5.69378  3.64400   15.85038  1.000 14.75790 ? 929  HOH A O   1 
HETATM 1303 O O   . HOH C 3 .   ? -7.30965  6.76047   12.20595  1.000 37.60983 ? 930  HOH A O   1 
HETATM 1304 O O   . HOH C 3 .   ? 9.25927   -10.29822 -0.33754  1.000 34.70651 ? 931  HOH A O   1 
HETATM 1305 O O   . HOH C 3 .   ? -2.11068  -18.24895 12.37798  1.000 36.65176 ? 932  HOH A O   1 
HETATM 1306 O O   . HOH C 3 .   ? 1.14552   3.71720   12.07106  1.000 18.02155 ? 933  HOH A O   1 
HETATM 1307 O O   . HOH C 3 .   ? -3.68684  -2.72275  16.41017  1.000 27.88372 ? 934  HOH A O   1 
HETATM 1308 O O   . HOH C 3 .   ? -11.25600 10.31891  -6.65675  1.000 36.35786 ? 935  HOH A O   1 
HETATM 1309 O O   . HOH C 3 .   ? -17.77722 8.01568   -2.16131  1.000 18.68585 ? 936  HOH A O   1 
HETATM 1310 O O   . HOH C 3 .   ? -10.11959 5.64389   6.29519   1.000 44.04388 ? 937  HOH A O   1 
HETATM 1311 O O   . HOH C 3 .   ? -20.59073 4.07295   -0.12318  1.000 34.88098 ? 938  HOH A O   1 
HETATM 1312 O O   . HOH C 3 .   ? 1.75891   -19.86660 -2.58424  1.000 48.58052 ? 939  HOH A O   1 
HETATM 1313 O O   . HOH C 3 .   ? 8.04486   12.85080  18.10394  1.000 35.13439 ? 940  HOH A O   1 
HETATM 1314 O O   . HOH C 3 .   ? -17.25615 -7.06561  7.24850   1.000 32.26308 ? 941  HOH A O   1 
HETATM 1315 O O   . HOH C 3 .   ? -10.05489 11.65673  0.35055   1.000 19.88423 ? 942  HOH A O   1 
HETATM 1316 O O   . HOH C 3 .   ? 7.24134   -6.79741  -10.18261 1.000 32.26473 ? 943  HOH A O   1 
HETATM 1317 O O   . HOH C 3 .   ? -7.85062  -3.08791  -9.30854  1.000 34.55207 ? 944  HOH A O   1 
HETATM 1318 O O   . HOH C 3 .   ? -0.66430  -3.24443  18.41975  1.000 27.76591 ? 945  HOH A O   1 
HETATM 1319 O O   . HOH C 3 .   ? -17.21450 -2.88732  2.05811   1.000 30.95830 ? 946  HOH A O   1 
HETATM 1320 O O   . HOH C 3 .   ? -4.98844  12.86592  8.75619   1.000 38.20309 ? 947  HOH A O   1 
HETATM 1321 O O   . HOH C 3 .   ? 4.13508   -7.77590  -10.03124 1.000 29.92478 ? 948  HOH A O   1 
HETATM 1322 O O   . HOH C 3 .   ? 5.36254   -2.36932  -15.24009 1.000 38.99984 ? 949  HOH A O   1 
HETATM 1323 O O   . HOH C 3 .   ? 13.73207  9.03548   -7.37571  1.000 32.82245 ? 950  HOH A O   1 
HETATM 1324 O O   . HOH C 3 .   ? 11.52490  3.75005   -12.52163 1.000 27.74484 ? 951  HOH A O   1 
HETATM 1325 O O   . HOH C 3 .   ? -1.34635  12.19833  11.32246  1.000 41.06317 ? 952  HOH A O   1 
HETATM 1326 O O   . HOH C 3 .   ? 17.38045  -5.19379  -5.62108  1.000 49.35642 ? 953  HOH A O   1 
HETATM 1327 O O   . HOH C 3 .   ? 2.16403   17.96594  -4.23838  1.000 40.05233 ? 954  HOH A O   1 
HETATM 1328 O O   . HOH C 3 .   ? -10.51020 15.58275  -5.93985  1.000 27.55198 ? 955  HOH A O   1 
HETATM 1329 O O   . HOH C 3 .   ? 1.65799   -8.90132  20.65256  1.000 36.28271 ? 956  HOH A O   1 
HETATM 1330 O O   . HOH C 3 .   ? -4.80661  -14.70540 2.11709   1.000 34.50861 ? 957  HOH A O   1 
HETATM 1331 O O   . HOH C 3 .   ? 4.03911   18.97225  4.55841   1.000 33.92575 ? 958  HOH A O   1 
HETATM 1332 O O   . HOH C 3 .   ? -17.11334 3.98745   -3.17597  1.000 25.98267 ? 959  HOH A O   1 
HETATM 1333 O O   . HOH C 3 .   ? 5.77266   -1.81311  -8.22559  1.000 19.13436 ? 960  HOH A O   1 
HETATM 1334 O O   . HOH C 3 .   ? -2.53949  18.48630  0.12727   1.000 28.53940 ? 961  HOH A O   1 
HETATM 1335 O O   . HOH C 3 .   ? -4.31670  -3.03072  13.59554  1.000 20.69790 ? 962  HOH A O   1 
HETATM 1336 O O   . HOH C 3 .   ? -8.50834  13.92990  0.85316   1.000 22.07511 ? 963  HOH A O   1 
HETATM 1337 O O   . HOH C 3 .   ? -6.49675  -14.90949 -7.80675  1.000 30.87094 ? 964  HOH A O   1 
HETATM 1338 O O   . HOH C 3 .   ? -17.85855 4.19279   -0.42142  1.000 26.89651 ? 965  HOH A O   1 
HETATM 1339 O O   . HOH C 3 .   ? 10.16862  -9.46873  6.72766   1.000 29.77842 ? 966  HOH A O   1 
HETATM 1340 O O   . HOH C 3 .   ? -4.14383  9.05190   -10.47283 1.000 39.55356 ? 967  HOH A O   1 
HETATM 1341 O O   . HOH C 3 .   ? 0.09237   8.53019   13.36338  1.000 26.97505 ? 968  HOH A O   1 
HETATM 1342 O O   . HOH C 3 .   ? 1.28243   -11.74772 4.48272   1.000 26.20202 ? 969  HOH A O   1 
HETATM 1343 O O   . HOH C 3 .   ? -7.19876  -10.75869 13.51324  1.000 28.15707 ? 970  HOH A O   1 
HETATM 1344 O O   . HOH C 3 .   ? 13.31346  -3.34281  5.29442   1.000 44.68295 ? 971  HOH A O   1 
HETATM 1345 O O   . HOH C 3 .   ? -12.65985 -5.36082  11.15886  1.000 24.13346 ? 972  HOH A O   1 
HETATM 1346 O O   . HOH C 3 .   ? 4.17246   18.74275  9.42101   1.000 31.01216 ? 973  HOH A O   1 
HETATM 1347 O O   . HOH C 3 .   ? 1.27155   -5.13951  19.86636  1.000 32.70988 ? 974  HOH A O   1 
HETATM 1348 O O   . HOH C 3 .   ? 2.67244   -19.48306 5.45553   1.000 32.75161 ? 975  HOH A O   1 
HETATM 1349 O O   . HOH C 3 .   ? -5.77565  13.46783  -7.09677  1.000 26.11729 ? 976  HOH A O   1 
HETATM 1350 O O   . HOH C 3 .   ? -2.40864  -14.94201 6.01426   1.000 30.47357 ? 977  HOH A O   1 
HETATM 1351 O O   . HOH C 3 .   ? 10.88330  0.20116   8.01988   1.000 33.96849 ? 978  HOH A O   1 
HETATM 1352 O O   . HOH C 3 .   ? -20.79998 -4.51048  0.45484   1.000 38.17932 ? 979  HOH A O   1 
HETATM 1353 O O   . HOH C 3 .   ? -8.05263  -11.84629 11.09468  1.000 29.12833 ? 980  HOH A O   1 
HETATM 1354 O O   . HOH C 3 .   ? -0.49987  -12.75810 6.60109   1.000 24.87767 ? 981  HOH A O   1 
HETATM 1355 O O   . HOH C 3 .   ? -10.76740 -12.21050 8.92581   1.000 36.94695 ? 982  HOH A O   1 
HETATM 1356 O O   . HOH C 3 .   ? -5.39206  -10.05650 20.81559  1.000 43.99625 ? 983  HOH A O   1 
HETATM 1357 O O   . HOH C 3 .   ? 6.94087   -14.69141 12.67498  1.000 44.48513 ? 984  HOH A O   1 
HETATM 1358 O O   . HOH C 3 .   ? -4.79424  -5.78681  19.94923  1.000 30.28989 ? 985  HOH A O   1 
HETATM 1359 O O   . HOH C 3 .   ? -6.22882  10.02673  9.35136   1.000 30.90345 ? 986  HOH A O   1 
HETATM 1360 O O   . HOH C 3 .   ? -4.62524  -14.54499 4.65050   1.000 38.74645 ? 987  HOH A O   1 
HETATM 1361 O O   . HOH C 3 .   ? 2.39674   -19.36587 10.91756  1.000 39.89115 ? 988  HOH A O   1 
HETATM 1362 O O   . HOH C 3 .   ? 10.68819  -8.32172  -9.22020  1.000 32.66299 ? 989  HOH A O   1 
HETATM 1363 O O   . HOH C 3 .   ? -20.49039 -4.07279  -4.04549  1.000 47.69273 ? 990  HOH A O   1 
HETATM 1364 O O   . HOH C 3 .   ? -11.65951 10.24976  7.35046   1.000 41.06622 ? 991  HOH A O   1 
HETATM 1365 O O   . HOH C 3 .   ? 7.04092   -3.03236  14.89737  1.000 41.79028 ? 992  HOH A O   1 
HETATM 1366 O O   . HOH C 3 .   ? -3.68605  -18.09315 10.88083  1.000 39.25175 ? 993  HOH A O   1 
HETATM 1367 O O   . HOH C 3 .   ? 2.19593   -11.73188 7.55357   1.000 31.56166 ? 994  HOH A O   1 
HETATM 1368 O O   . HOH C 3 .   ? -2.14637  10.01106  12.44790  1.000 27.40259 ? 995  HOH A O   1 
HETATM 1369 O O   . HOH C 3 .   ? -8.04289  -15.32156 -5.63727  1.000 44.30165 ? 996  HOH A O   1 
HETATM 1370 O O   . HOH C 3 .   ? 9.58737   -11.27432 -8.62796  1.000 41.30524 ? 997  HOH A O   1 
HETATM 1371 O O   . HOH C 3 .   ? -5.26657  -2.79053  18.26496  1.000 41.55285 ? 998  HOH A O   1 
HETATM 1372 O O   . HOH C 3 .   ? -0.84609  18.05251  -4.42952  1.000 35.01146 ? 999  HOH A O   1 
HETATM 1373 O O   . HOH C 3 .   ? 11.12788  -9.51424  0.01077   1.000 37.58718 ? 1000 HOH A O   1 
HETATM 1374 O O   . HOH C 3 .   ? 6.44119   -12.39817 -7.67952  1.000 26.37440 ? 1001 HOH A O   1 
HETATM 1375 O O   . HOH C 3 .   ? -4.78295  -0.98580  18.71838  1.000 35.37698 ? 1002 HOH A O   1 
HETATM 1376 O O   . HOH C 3 .   ? 3.23339   -10.34107 9.76906   1.000 36.24476 ? 1003 HOH A O   1 
HETATM 1377 O O   . HOH C 3 .   ? 7.31796   -12.12859 -10.60055 0.50  34.10988 ? 1004 HOH A O   1 
HETATM 1378 O O   . HOH C 3 .   ? 4.16630   21.33230  5.69365   1.000 45.72329 ? 1005 HOH A O   1 
HETATM 1379 O O   . HOH C 3 .   ? 13.71216  1.46773   -0.05778  1.000 33.84944 ? 1006 HOH A O   1 
HETATM 1380 O O   . HOH C 3 .   ? -13.80342 11.67678  -6.37241  1.000 38.64899 ? 1007 HOH A O   1 
HETATM 1381 O O   . HOH C 3 .   ? 1.39861   -9.60138  25.21071  1.000 35.44486 ? 1008 HOH A O   1 
HETATM 1382 O O   . HOH C 3 .   ? 8.77443   -13.07154 -8.85311  0.50  36.57842 ? 1009 HOH A O   1 
# 
